data_9GLR
# 
_entry.id   9GLR 
# 
_audit_conform.dict_name       mmcif_pdbx.dic 
_audit_conform.dict_version    5.403 
_audit_conform.dict_location   http://mmcif.pdb.org/dictionaries/ascii/mmcif_pdbx.dic 
# 
loop_
_database_2.database_id 
_database_2.database_code 
_database_2.pdbx_database_accession 
_database_2.pdbx_DOI 
PDB   9GLR         pdb_00009glr 10.2210/pdb9glr/pdb 
WWPDB D_1292141281 ?            ?                   
# 
_pdbx_audit_revision_history.ordinal             1 
_pdbx_audit_revision_history.data_content_type   'Structure model' 
_pdbx_audit_revision_history.major_revision      1 
_pdbx_audit_revision_history.minor_revision      0 
_pdbx_audit_revision_history.revision_date       2025-05-07 
_pdbx_audit_revision_history.part_number         ? 
# 
_pdbx_audit_revision_details.ordinal             1 
_pdbx_audit_revision_details.revision_ordinal    1 
_pdbx_audit_revision_details.data_content_type   'Structure model' 
_pdbx_audit_revision_details.provider            repository 
_pdbx_audit_revision_details.type                'Initial release' 
_pdbx_audit_revision_details.description         ? 
_pdbx_audit_revision_details.details             ? 
# 
_pdbx_database_status.status_code                     REL 
_pdbx_database_status.status_code_sf                  REL 
_pdbx_database_status.status_code_mr                  ? 
_pdbx_database_status.entry_id                        9GLR 
_pdbx_database_status.recvd_initial_deposition_date   2024-08-28 
_pdbx_database_status.SG_entry                        N 
_pdbx_database_status.deposit_site                    PDBE 
_pdbx_database_status.process_site                    PDBE 
_pdbx_database_status.status_code_cs                  ? 
_pdbx_database_status.status_code_nmr_data            ? 
_pdbx_database_status.methods_development_category    ? 
_pdbx_database_status.pdb_format_compatible           N 
# 
_pdbx_database_related.db_name        PDB 
_pdbx_database_related.details        . 
_pdbx_database_related.db_id          1U9A 
_pdbx_database_related.content_type   unspecified 
# 
_pdbx_contact_author.id                 2 
_pdbx_contact_author.email              reuvenw@ekmd.huji.ac.il 
_pdbx_contact_author.name_first         Reuven 
_pdbx_contact_author.name_last          Wiener 
_pdbx_contact_author.name_mi            ? 
_pdbx_contact_author.role               'principal investigator/group leader' 
_pdbx_contact_author.identifier_ORCID   0000-0002-4219-550X 
# 
loop_
_audit_author.name 
_audit_author.pdbx_ordinal 
_audit_author.identifier_ORCID 
'Kumar, M.'    1 0000-0002-7083-5690 
'Banerjee, S.' 2 0009-0002-9409-6797 
'Wiener, R.'   3 0000-0002-4219-550X 
# 
_citation.abstract                  ? 
_citation.abstract_id_CAS           ? 
_citation.book_id_ISBN              ? 
_citation.book_publisher            ? 
_citation.book_publisher_city       ? 
_citation.book_title                ? 
_citation.coordinate_linkage        ? 
_citation.country                   UK 
_citation.database_id_Medline       ? 
_citation.details                   ? 
_citation.id                        primary 
_citation.journal_abbrev            'Nat Commun' 
_citation.journal_id_ASTM           ? 
_citation.journal_id_CSD            ? 
_citation.journal_id_ISSN           2041-1723 
_citation.journal_full              ? 
_citation.journal_issue             ? 
_citation.journal_volume            16 
_citation.language                  ? 
_citation.page_first                3912 
_citation.page_last                 3912 
_citation.title                     
'UFC1 reveals the multifactorial and plastic nature of oxyanion holes in E2 conjugating enzymes.' 
_citation.year                      2025 
_citation.database_id_CSD           ? 
_citation.pdbx_database_id_DOI      10.1038/s41467-025-58826-y 
_citation.pdbx_database_id_PubMed   40280917 
_citation.pdbx_database_id_patent   ? 
_citation.unpublished_flag          ? 
# 
loop_
_citation_author.citation_id 
_citation_author.name 
_citation_author.ordinal 
_citation_author.identifier_ORCID 
primary 'Kumar, M.'       1 ?                   
primary 'Banerjee, S.'    2 ?                   
primary 'Cohen-Kfir, E.'  3 ?                   
primary 'Mitelberg, M.B.' 4 ?                   
primary 'Tiwari, S.'      5 ?                   
primary 'Isupov, M.N.'    6 0000-0001-6842-4289 
primary 'Dessau, M.'      7 0000-0002-1954-3625 
primary 'Wiener, R.'      8 0000-0002-4219-550X 
# 
loop_
_entity.id 
_entity.type 
_entity.src_method 
_entity.pdbx_description 
_entity.formula_weight 
_entity.pdbx_number_of_molecules 
_entity.pdbx_ec 
_entity.pdbx_mutation 
_entity.pdbx_fragment 
_entity.details 
1 polymer man 'SUMO-conjugating enzyme UBC9' 18113.836 1   2.3.2.- C93E ? 'Ubiquitin conjugating enzyme UBC9 C93E mutant' 
2 water   nat water                          18.015    134 ?       ?    ? ?                                               
# 
_entity_name_com.entity_id   1 
_entity_name_com.name        
;RING-type E3 SUMO transferase UBC9,SUMO-protein ligase,Ubiquitin carrier protein 9,Ubiquitin carrier protein I,Ubiquitin-conjugating enzyme E2 I,Ubiquitin-protein ligase I,p18
;
# 
_entity_poly.entity_id                      1 
_entity_poly.type                           'polypeptide(L)' 
_entity_poly.nstd_linkage                   no 
_entity_poly.nstd_monomer                   no 
_entity_poly.pdbx_seq_one_letter_code       
;GMSGIALSRLAQERKAWRKDHPFGFVAVPTKNPDGTMNLMNWECAIPGKKGTPWEGGLFKLRMLFKDDYPSSPPKCKFEP
PLFHPNVYPSGTVELSILEEDKDWRPAITIKQILLGIQELLNEPNIQDPAQAEAYTIYCQNRVEYEKRVRAQAKKFAPS
;
_entity_poly.pdbx_seq_one_letter_code_can   
;GMSGIALSRLAQERKAWRKDHPFGFVAVPTKNPDGTMNLMNWECAIPGKKGTPWEGGLFKLRMLFKDDYPSSPPKCKFEP
PLFHPNVYPSGTVELSILEEDKDWRPAITIKQILLGIQELLNEPNIQDPAQAEAYTIYCQNRVEYEKRVRAQAKKFAPS
;
_entity_poly.pdbx_strand_id                 AAA 
_entity_poly.pdbx_target_identifier         ? 
# 
_pdbx_entity_nonpoly.entity_id   2 
_pdbx_entity_nonpoly.name        water 
_pdbx_entity_nonpoly.comp_id     HOH 
# 
loop_
_entity_poly_seq.entity_id 
_entity_poly_seq.num 
_entity_poly_seq.mon_id 
_entity_poly_seq.hetero 
1 1   GLY n 
1 2   MET n 
1 3   SER n 
1 4   GLY n 
1 5   ILE n 
1 6   ALA n 
1 7   LEU n 
1 8   SER n 
1 9   ARG n 
1 10  LEU n 
1 11  ALA n 
1 12  GLN n 
1 13  GLU n 
1 14  ARG n 
1 15  LYS n 
1 16  ALA n 
1 17  TRP n 
1 18  ARG n 
1 19  LYS n 
1 20  ASP n 
1 21  HIS n 
1 22  PRO n 
1 23  PHE n 
1 24  GLY n 
1 25  PHE n 
1 26  VAL n 
1 27  ALA n 
1 28  VAL n 
1 29  PRO n 
1 30  THR n 
1 31  LYS n 
1 32  ASN n 
1 33  PRO n 
1 34  ASP n 
1 35  GLY n 
1 36  THR n 
1 37  MET n 
1 38  ASN n 
1 39  LEU n 
1 40  MET n 
1 41  ASN n 
1 42  TRP n 
1 43  GLU n 
1 44  CYS n 
1 45  ALA n 
1 46  ILE n 
1 47  PRO n 
1 48  GLY n 
1 49  LYS n 
1 50  LYS n 
1 51  GLY n 
1 52  THR n 
1 53  PRO n 
1 54  TRP n 
1 55  GLU n 
1 56  GLY n 
1 57  GLY n 
1 58  LEU n 
1 59  PHE n 
1 60  LYS n 
1 61  LEU n 
1 62  ARG n 
1 63  MET n 
1 64  LEU n 
1 65  PHE n 
1 66  LYS n 
1 67  ASP n 
1 68  ASP n 
1 69  TYR n 
1 70  PRO n 
1 71  SER n 
1 72  SER n 
1 73  PRO n 
1 74  PRO n 
1 75  LYS n 
1 76  CYS n 
1 77  LYS n 
1 78  PHE n 
1 79  GLU n 
1 80  PRO n 
1 81  PRO n 
1 82  LEU n 
1 83  PHE n 
1 84  HIS n 
1 85  PRO n 
1 86  ASN n 
1 87  VAL n 
1 88  TYR n 
1 89  PRO n 
1 90  SER n 
1 91  GLY n 
1 92  THR n 
1 93  VAL n 
1 94  GLU n 
1 95  LEU n 
1 96  SER n 
1 97  ILE n 
1 98  LEU n 
1 99  GLU n 
1 100 GLU n 
1 101 ASP n 
1 102 LYS n 
1 103 ASP n 
1 104 TRP n 
1 105 ARG n 
1 106 PRO n 
1 107 ALA n 
1 108 ILE n 
1 109 THR n 
1 110 ILE n 
1 111 LYS n 
1 112 GLN n 
1 113 ILE n 
1 114 LEU n 
1 115 LEU n 
1 116 GLY n 
1 117 ILE n 
1 118 GLN n 
1 119 GLU n 
1 120 LEU n 
1 121 LEU n 
1 122 ASN n 
1 123 GLU n 
1 124 PRO n 
1 125 ASN n 
1 126 ILE n 
1 127 GLN n 
1 128 ASP n 
1 129 PRO n 
1 130 ALA n 
1 131 GLN n 
1 132 ALA n 
1 133 GLU n 
1 134 ALA n 
1 135 TYR n 
1 136 THR n 
1 137 ILE n 
1 138 TYR n 
1 139 CYS n 
1 140 GLN n 
1 141 ASN n 
1 142 ARG n 
1 143 VAL n 
1 144 GLU n 
1 145 TYR n 
1 146 GLU n 
1 147 LYS n 
1 148 ARG n 
1 149 VAL n 
1 150 ARG n 
1 151 ALA n 
1 152 GLN n 
1 153 ALA n 
1 154 LYS n 
1 155 LYS n 
1 156 PHE n 
1 157 ALA n 
1 158 PRO n 
1 159 SER n 
# 
_entity_src_gen.entity_id                          1 
_entity_src_gen.pdbx_src_id                        1 
_entity_src_gen.pdbx_alt_source_flag               sample 
_entity_src_gen.pdbx_seq_type                      'Biological sequence' 
_entity_src_gen.pdbx_beg_seq_num                   1 
_entity_src_gen.pdbx_end_seq_num                   159 
_entity_src_gen.gene_src_common_name               human 
_entity_src_gen.gene_src_genus                     ? 
_entity_src_gen.pdbx_gene_src_gene                 'UBE2I, UBC9, UBCE9' 
_entity_src_gen.gene_src_species                   ? 
_entity_src_gen.gene_src_strain                    ? 
_entity_src_gen.gene_src_tissue                    ? 
_entity_src_gen.gene_src_tissue_fraction           ? 
_entity_src_gen.gene_src_details                   ? 
_entity_src_gen.pdbx_gene_src_fragment             ? 
_entity_src_gen.pdbx_gene_src_scientific_name      'Homo sapiens' 
_entity_src_gen.pdbx_gene_src_ncbi_taxonomy_id     9606 
_entity_src_gen.pdbx_gene_src_variant              ? 
_entity_src_gen.pdbx_gene_src_cell_line            ? 
_entity_src_gen.pdbx_gene_src_atcc                 ? 
_entity_src_gen.pdbx_gene_src_organ                ? 
_entity_src_gen.pdbx_gene_src_organelle            ? 
_entity_src_gen.pdbx_gene_src_cell                 ? 
_entity_src_gen.pdbx_gene_src_cellular_location    ? 
_entity_src_gen.host_org_common_name               ? 
_entity_src_gen.pdbx_host_org_scientific_name      'Escherichia coli' 
_entity_src_gen.pdbx_host_org_ncbi_taxonomy_id     562 
_entity_src_gen.host_org_genus                     ? 
_entity_src_gen.pdbx_host_org_gene                 ? 
_entity_src_gen.pdbx_host_org_organ                ? 
_entity_src_gen.host_org_species                   ? 
_entity_src_gen.pdbx_host_org_tissue               ? 
_entity_src_gen.pdbx_host_org_tissue_fraction      ? 
_entity_src_gen.pdbx_host_org_strain               ? 
_entity_src_gen.pdbx_host_org_variant              ? 
_entity_src_gen.pdbx_host_org_cell_line            ? 
_entity_src_gen.pdbx_host_org_atcc                 ? 
_entity_src_gen.pdbx_host_org_culture_collection   ? 
_entity_src_gen.pdbx_host_org_cell                 ? 
_entity_src_gen.pdbx_host_org_organelle            ? 
_entity_src_gen.pdbx_host_org_cellular_location    ? 
_entity_src_gen.pdbx_host_org_vector_type          ? 
_entity_src_gen.pdbx_host_org_vector               ? 
_entity_src_gen.host_org_details                   ? 
_entity_src_gen.expression_system_id               ? 
_entity_src_gen.plasmid_name                       ? 
_entity_src_gen.plasmid_details                    ? 
_entity_src_gen.pdbx_description                   ? 
# 
loop_
_chem_comp.id 
_chem_comp.type 
_chem_comp.mon_nstd_flag 
_chem_comp.name 
_chem_comp.pdbx_synonyms 
_chem_comp.formula 
_chem_comp.formula_weight 
ALA 'L-peptide linking' y ALANINE         ? 'C3 H7 N O2'     89.093  
ARG 'L-peptide linking' y ARGININE        ? 'C6 H15 N4 O2 1' 175.209 
ASN 'L-peptide linking' y ASPARAGINE      ? 'C4 H8 N2 O3'    132.118 
ASP 'L-peptide linking' y 'ASPARTIC ACID' ? 'C4 H7 N O4'     133.103 
CYS 'L-peptide linking' y CYSTEINE        ? 'C3 H7 N O2 S'   121.158 
GLN 'L-peptide linking' y GLUTAMINE       ? 'C5 H10 N2 O3'   146.144 
GLU 'L-peptide linking' y 'GLUTAMIC ACID' ? 'C5 H9 N O4'     147.129 
GLY 'peptide linking'   y GLYCINE         ? 'C2 H5 N O2'     75.067  
HIS 'L-peptide linking' y HISTIDINE       ? 'C6 H10 N3 O2 1' 156.162 
HOH non-polymer         . WATER           ? 'H2 O'           18.015  
ILE 'L-peptide linking' y ISOLEUCINE      ? 'C6 H13 N O2'    131.173 
LEU 'L-peptide linking' y LEUCINE         ? 'C6 H13 N O2'    131.173 
LYS 'L-peptide linking' y LYSINE          ? 'C6 H15 N2 O2 1' 147.195 
MET 'L-peptide linking' y METHIONINE      ? 'C5 H11 N O2 S'  149.211 
PHE 'L-peptide linking' y PHENYLALANINE   ? 'C9 H11 N O2'    165.189 
PRO 'L-peptide linking' y PROLINE         ? 'C5 H9 N O2'     115.130 
SER 'L-peptide linking' y SERINE          ? 'C3 H7 N O3'     105.093 
THR 'L-peptide linking' y THREONINE       ? 'C4 H9 N O3'     119.119 
TRP 'L-peptide linking' y TRYPTOPHAN      ? 'C11 H12 N2 O2'  204.225 
TYR 'L-peptide linking' y TYROSINE        ? 'C9 H11 N O3'    181.189 
VAL 'L-peptide linking' y VALINE          ? 'C5 H11 N O2'    117.146 
# 
loop_
_pdbx_poly_seq_scheme.asym_id 
_pdbx_poly_seq_scheme.entity_id 
_pdbx_poly_seq_scheme.seq_id 
_pdbx_poly_seq_scheme.mon_id 
_pdbx_poly_seq_scheme.ndb_seq_num 
_pdbx_poly_seq_scheme.pdb_seq_num 
_pdbx_poly_seq_scheme.auth_seq_num 
_pdbx_poly_seq_scheme.pdb_mon_id 
_pdbx_poly_seq_scheme.auth_mon_id 
_pdbx_poly_seq_scheme.pdb_strand_id 
_pdbx_poly_seq_scheme.pdb_ins_code 
_pdbx_poly_seq_scheme.hetero 
A 1 1   GLY 1   0   ?   ?   ?   AAA . n 
A 1 2   MET 2   1   ?   ?   ?   AAA . n 
A 1 3   SER 3   2   2   SER SER AAA . n 
A 1 4   GLY 4   3   3   GLY GLY AAA . n 
A 1 5   ILE 5   4   4   ILE ILE AAA . n 
A 1 6   ALA 6   5   5   ALA ALA AAA . n 
A 1 7   LEU 7   6   6   LEU LEU AAA . n 
A 1 8   SER 8   7   7   SER SER AAA . n 
A 1 9   ARG 9   8   8   ARG ARG AAA . n 
A 1 10  LEU 10  9   9   LEU LEU AAA . n 
A 1 11  ALA 11  10  10  ALA ALA AAA . n 
A 1 12  GLN 12  11  11  GLN GLN AAA . n 
A 1 13  GLU 13  12  12  GLU GLU AAA . n 
A 1 14  ARG 14  13  13  ARG ARG AAA . n 
A 1 15  LYS 15  14  14  LYS LYS AAA . n 
A 1 16  ALA 16  15  15  ALA ALA AAA . n 
A 1 17  TRP 17  16  16  TRP TRP AAA . n 
A 1 18  ARG 18  17  17  ARG ARG AAA . n 
A 1 19  LYS 19  18  18  LYS LYS AAA . n 
A 1 20  ASP 20  19  19  ASP ASP AAA . n 
A 1 21  HIS 21  20  20  HIS HIS AAA . n 
A 1 22  PRO 22  21  21  PRO PRO AAA . n 
A 1 23  PHE 23  22  22  PHE PHE AAA . n 
A 1 24  GLY 24  23  23  GLY GLY AAA . n 
A 1 25  PHE 25  24  24  PHE PHE AAA . n 
A 1 26  VAL 26  25  25  VAL VAL AAA . n 
A 1 27  ALA 27  26  26  ALA ALA AAA . n 
A 1 28  VAL 28  27  27  VAL VAL AAA . n 
A 1 29  PRO 29  28  28  PRO PRO AAA . n 
A 1 30  THR 30  29  29  THR THR AAA . n 
A 1 31  LYS 31  30  30  LYS LYS AAA . n 
A 1 32  ASN 32  31  31  ASN ASN AAA . n 
A 1 33  PRO 33  32  32  PRO PRO AAA . n 
A 1 34  ASP 34  33  33  ASP ASP AAA . n 
A 1 35  GLY 35  34  34  GLY GLY AAA . n 
A 1 36  THR 36  35  35  THR THR AAA . n 
A 1 37  MET 37  36  36  MET MET AAA . n 
A 1 38  ASN 38  37  37  ASN ASN AAA . n 
A 1 39  LEU 39  38  38  LEU LEU AAA . n 
A 1 40  MET 40  39  39  MET MET AAA . n 
A 1 41  ASN 41  40  40  ASN ASN AAA . n 
A 1 42  TRP 42  41  41  TRP TRP AAA . n 
A 1 43  GLU 43  42  42  GLU GLU AAA . n 
A 1 44  CYS 44  43  43  CYS CYS AAA . n 
A 1 45  ALA 45  44  44  ALA ALA AAA . n 
A 1 46  ILE 46  45  45  ILE ILE AAA . n 
A 1 47  PRO 47  46  46  PRO PRO AAA . n 
A 1 48  GLY 48  47  47  GLY GLY AAA . n 
A 1 49  LYS 49  48  48  LYS LYS AAA . n 
A 1 50  LYS 50  49  49  LYS LYS AAA . n 
A 1 51  GLY 51  50  50  GLY GLY AAA . n 
A 1 52  THR 52  51  51  THR THR AAA . n 
A 1 53  PRO 53  52  52  PRO PRO AAA . n 
A 1 54  TRP 54  53  53  TRP TRP AAA . n 
A 1 55  GLU 55  54  54  GLU GLU AAA . n 
A 1 56  GLY 56  55  55  GLY GLY AAA . n 
A 1 57  GLY 57  56  56  GLY GLY AAA . n 
A 1 58  LEU 58  57  57  LEU LEU AAA . n 
A 1 59  PHE 59  58  58  PHE PHE AAA . n 
A 1 60  LYS 60  59  59  LYS LYS AAA . n 
A 1 61  LEU 61  60  60  LEU LEU AAA . n 
A 1 62  ARG 62  61  61  ARG ARG AAA . n 
A 1 63  MET 63  62  62  MET MET AAA . n 
A 1 64  LEU 64  63  63  LEU LEU AAA . n 
A 1 65  PHE 65  64  64  PHE PHE AAA . n 
A 1 66  LYS 66  65  65  LYS LYS AAA . n 
A 1 67  ASP 67  66  66  ASP ASP AAA . n 
A 1 68  ASP 68  67  67  ASP ASP AAA . n 
A 1 69  TYR 69  68  68  TYR TYR AAA . n 
A 1 70  PRO 70  69  69  PRO PRO AAA . n 
A 1 71  SER 71  70  70  SER SER AAA . n 
A 1 72  SER 72  71  71  SER SER AAA . n 
A 1 73  PRO 73  72  72  PRO PRO AAA . n 
A 1 74  PRO 74  73  73  PRO PRO AAA . n 
A 1 75  LYS 75  74  74  LYS LYS AAA . n 
A 1 76  CYS 76  75  75  CYS CYS AAA . n 
A 1 77  LYS 77  76  76  LYS LYS AAA . n 
A 1 78  PHE 78  77  77  PHE PHE AAA . n 
A 1 79  GLU 79  78  78  GLU GLU AAA . n 
A 1 80  PRO 80  79  79  PRO PRO AAA . n 
A 1 81  PRO 81  80  80  PRO PRO AAA . n 
A 1 82  LEU 82  81  81  LEU LEU AAA . n 
A 1 83  PHE 83  82  82  PHE PHE AAA . n 
A 1 84  HIS 84  83  83  HIS HIS AAA . n 
A 1 85  PRO 85  84  84  PRO PRO AAA . n 
A 1 86  ASN 86  85  85  ASN ASN AAA . n 
A 1 87  VAL 87  86  86  VAL VAL AAA . n 
A 1 88  TYR 88  87  87  TYR TYR AAA . n 
A 1 89  PRO 89  88  88  PRO PRO AAA . n 
A 1 90  SER 90  89  89  SER SER AAA . n 
A 1 91  GLY 91  90  90  GLY GLY AAA . n 
A 1 92  THR 92  91  91  THR THR AAA . n 
A 1 93  VAL 93  92  92  VAL VAL AAA . n 
A 1 94  GLU 94  93  93  GLU GLU AAA . n 
A 1 95  LEU 95  94  94  LEU LEU AAA . n 
A 1 96  SER 96  95  95  SER SER AAA . n 
A 1 97  ILE 97  96  96  ILE ILE AAA . n 
A 1 98  LEU 98  97  97  LEU LEU AAA . n 
A 1 99  GLU 99  98  98  GLU GLU AAA . n 
A 1 100 GLU 100 99  99  GLU GLU AAA . n 
A 1 101 ASP 101 100 100 ASP ASP AAA . n 
A 1 102 LYS 102 101 101 LYS LYS AAA . n 
A 1 103 ASP 103 102 102 ASP ASP AAA . n 
A 1 104 TRP 104 103 103 TRP TRP AAA . n 
A 1 105 ARG 105 104 104 ARG ARG AAA . n 
A 1 106 PRO 106 105 105 PRO PRO AAA . n 
A 1 107 ALA 107 106 106 ALA ALA AAA . n 
A 1 108 ILE 108 107 107 ILE ILE AAA . n 
A 1 109 THR 109 108 108 THR THR AAA . n 
A 1 110 ILE 110 109 109 ILE ILE AAA . n 
A 1 111 LYS 111 110 110 LYS LYS AAA . n 
A 1 112 GLN 112 111 111 GLN GLN AAA . n 
A 1 113 ILE 113 112 112 ILE ILE AAA . n 
A 1 114 LEU 114 113 113 LEU LEU AAA . n 
A 1 115 LEU 115 114 114 LEU LEU AAA . n 
A 1 116 GLY 116 115 115 GLY GLY AAA . n 
A 1 117 ILE 117 116 116 ILE ILE AAA . n 
A 1 118 GLN 118 117 117 GLN GLN AAA . n 
A 1 119 GLU 119 118 118 GLU GLU AAA . n 
A 1 120 LEU 120 119 119 LEU LEU AAA . n 
A 1 121 LEU 121 120 120 LEU LEU AAA . n 
A 1 122 ASN 122 121 121 ASN ASN AAA . n 
A 1 123 GLU 123 122 122 GLU GLU AAA . n 
A 1 124 PRO 124 123 123 PRO PRO AAA . n 
A 1 125 ASN 125 124 124 ASN ASN AAA . n 
A 1 126 ILE 126 125 125 ILE ILE AAA . n 
A 1 127 GLN 127 126 126 GLN GLN AAA . n 
A 1 128 ASP 128 127 127 ASP ASP AAA . n 
A 1 129 PRO 129 128 128 PRO PRO AAA . n 
A 1 130 ALA 130 129 129 ALA ALA AAA . n 
A 1 131 GLN 131 130 130 GLN GLN AAA . n 
A 1 132 ALA 132 131 131 ALA ALA AAA . n 
A 1 133 GLU 133 132 132 GLU GLU AAA . n 
A 1 134 ALA 134 133 133 ALA ALA AAA . n 
A 1 135 TYR 135 134 134 TYR TYR AAA . n 
A 1 136 THR 136 135 135 THR THR AAA . n 
A 1 137 ILE 137 136 136 ILE ILE AAA . n 
A 1 138 TYR 138 137 137 TYR TYR AAA . n 
A 1 139 CYS 139 138 138 CYS CYS AAA . n 
A 1 140 GLN 140 139 139 GLN GLN AAA . n 
A 1 141 ASN 141 140 140 ASN ASN AAA . n 
A 1 142 ARG 142 141 141 ARG ARG AAA . n 
A 1 143 VAL 143 142 142 VAL VAL AAA . n 
A 1 144 GLU 144 143 143 GLU GLU AAA . n 
A 1 145 TYR 145 144 144 TYR TYR AAA . n 
A 1 146 GLU 146 145 145 GLU GLU AAA . n 
A 1 147 LYS 147 146 146 LYS LYS AAA . n 
A 1 148 ARG 148 147 147 ARG ARG AAA . n 
A 1 149 VAL 149 148 148 VAL VAL AAA . n 
A 1 150 ARG 150 149 149 ARG ARG AAA . n 
A 1 151 ALA 151 150 150 ALA ALA AAA . n 
A 1 152 GLN 152 151 151 GLN GLN AAA . n 
A 1 153 ALA 153 152 152 ALA ALA AAA . n 
A 1 154 LYS 154 153 153 LYS LYS AAA . n 
A 1 155 LYS 155 154 154 LYS LYS AAA . n 
A 1 156 PHE 156 155 155 PHE PHE AAA . n 
A 1 157 ALA 157 156 156 ALA ALA AAA . n 
A 1 158 PRO 158 157 157 PRO PRO AAA . n 
A 1 159 SER 159 158 158 SER SER AAA . n 
# 
loop_
_pdbx_nonpoly_scheme.asym_id 
_pdbx_nonpoly_scheme.entity_id 
_pdbx_nonpoly_scheme.mon_id 
_pdbx_nonpoly_scheme.ndb_seq_num 
_pdbx_nonpoly_scheme.pdb_seq_num 
_pdbx_nonpoly_scheme.auth_seq_num 
_pdbx_nonpoly_scheme.pdb_mon_id 
_pdbx_nonpoly_scheme.auth_mon_id 
_pdbx_nonpoly_scheme.pdb_strand_id 
_pdbx_nonpoly_scheme.pdb_ins_code 
B 2 HOH 1   201 19  HOH HOH AAA . 
B 2 HOH 2   202 89  HOH HOH AAA . 
B 2 HOH 3   203 35  HOH HOH AAA . 
B 2 HOH 4   204 44  HOH HOH AAA . 
B 2 HOH 5   205 99  HOH HOH AAA . 
B 2 HOH 6   206 114 HOH HOH AAA . 
B 2 HOH 7   207 62  HOH HOH AAA . 
B 2 HOH 8   208 4   HOH HOH AAA . 
B 2 HOH 9   209 6   HOH HOH AAA . 
B 2 HOH 10  210 116 HOH HOH AAA . 
B 2 HOH 11  211 100 HOH HOH AAA . 
B 2 HOH 12  212 21  HOH HOH AAA . 
B 2 HOH 13  213 65  HOH HOH AAA . 
B 2 HOH 14  214 5   HOH HOH AAA . 
B 2 HOH 15  215 97  HOH HOH AAA . 
B 2 HOH 16  216 11  HOH HOH AAA . 
B 2 HOH 17  217 111 HOH HOH AAA . 
B 2 HOH 18  218 15  HOH HOH AAA . 
B 2 HOH 19  219 96  HOH HOH AAA . 
B 2 HOH 20  220 33  HOH HOH AAA . 
B 2 HOH 21  221 71  HOH HOH AAA . 
B 2 HOH 22  222 39  HOH HOH AAA . 
B 2 HOH 23  223 64  HOH HOH AAA . 
B 2 HOH 24  224 43  HOH HOH AAA . 
B 2 HOH 25  225 25  HOH HOH AAA . 
B 2 HOH 26  226 24  HOH HOH AAA . 
B 2 HOH 27  227 110 HOH HOH AAA . 
B 2 HOH 28  228 117 HOH HOH AAA . 
B 2 HOH 29  229 9   HOH HOH AAA . 
B 2 HOH 30  230 69  HOH HOH AAA . 
B 2 HOH 31  231 59  HOH HOH AAA . 
B 2 HOH 32  232 14  HOH HOH AAA . 
B 2 HOH 33  233 118 HOH HOH AAA . 
B 2 HOH 34  234 16  HOH HOH AAA . 
B 2 HOH 35  235 45  HOH HOH AAA . 
B 2 HOH 36  236 1   HOH HOH AAA . 
B 2 HOH 37  237 54  HOH HOH AAA . 
B 2 HOH 38  238 23  HOH HOH AAA . 
B 2 HOH 39  239 56  HOH HOH AAA . 
B 2 HOH 40  240 41  HOH HOH AAA . 
B 2 HOH 41  241 7   HOH HOH AAA . 
B 2 HOH 42  242 109 HOH HOH AAA . 
B 2 HOH 43  243 32  HOH HOH AAA . 
B 2 HOH 44  244 8   HOH HOH AAA . 
B 2 HOH 45  245 73  HOH HOH AAA . 
B 2 HOH 46  246 87  HOH HOH AAA . 
B 2 HOH 47  247 20  HOH HOH AAA . 
B 2 HOH 48  248 88  HOH HOH AAA . 
B 2 HOH 49  249 40  HOH HOH AAA . 
B 2 HOH 50  250 17  HOH HOH AAA . 
B 2 HOH 51  251 49  HOH HOH AAA . 
B 2 HOH 52  252 79  HOH HOH AAA . 
B 2 HOH 53  253 18  HOH HOH AAA . 
B 2 HOH 54  254 127 HOH HOH AAA . 
B 2 HOH 55  255 77  HOH HOH AAA . 
B 2 HOH 56  256 55  HOH HOH AAA . 
B 2 HOH 57  257 47  HOH HOH AAA . 
B 2 HOH 58  258 60  HOH HOH AAA . 
B 2 HOH 59  259 134 HOH HOH AAA . 
B 2 HOH 60  260 29  HOH HOH AAA . 
B 2 HOH 61  261 57  HOH HOH AAA . 
B 2 HOH 62  262 42  HOH HOH AAA . 
B 2 HOH 63  263 82  HOH HOH AAA . 
B 2 HOH 64  264 46  HOH HOH AAA . 
B 2 HOH 65  265 51  HOH HOH AAA . 
B 2 HOH 66  266 105 HOH HOH AAA . 
B 2 HOH 67  267 75  HOH HOH AAA . 
B 2 HOH 68  268 36  HOH HOH AAA . 
B 2 HOH 69  269 58  HOH HOH AAA . 
B 2 HOH 70  270 3   HOH HOH AAA . 
B 2 HOH 71  271 50  HOH HOH AAA . 
B 2 HOH 72  272 28  HOH HOH AAA . 
B 2 HOH 73  273 66  HOH HOH AAA . 
B 2 HOH 74  274 101 HOH HOH AAA . 
B 2 HOH 75  275 74  HOH HOH AAA . 
B 2 HOH 76  276 38  HOH HOH AAA . 
B 2 HOH 77  277 108 HOH HOH AAA . 
B 2 HOH 78  278 86  HOH HOH AAA . 
B 2 HOH 79  279 103 HOH HOH AAA . 
B 2 HOH 80  280 61  HOH HOH AAA . 
B 2 HOH 81  281 13  HOH HOH AAA . 
B 2 HOH 82  282 67  HOH HOH AAA . 
B 2 HOH 83  283 53  HOH HOH AAA . 
B 2 HOH 84  284 102 HOH HOH AAA . 
B 2 HOH 85  285 84  HOH HOH AAA . 
B 2 HOH 86  286 128 HOH HOH AAA . 
B 2 HOH 87  287 78  HOH HOH AAA . 
B 2 HOH 88  288 2   HOH HOH AAA . 
B 2 HOH 89  289 113 HOH HOH AAA . 
B 2 HOH 90  290 120 HOH HOH AAA . 
B 2 HOH 91  291 81  HOH HOH AAA . 
B 2 HOH 92  292 10  HOH HOH AAA . 
B 2 HOH 93  293 93  HOH HOH AAA . 
B 2 HOH 94  294 80  HOH HOH AAA . 
B 2 HOH 95  295 31  HOH HOH AAA . 
B 2 HOH 96  296 34  HOH HOH AAA . 
B 2 HOH 97  297 27  HOH HOH AAA . 
B 2 HOH 98  298 12  HOH HOH AAA . 
B 2 HOH 99  299 112 HOH HOH AAA . 
B 2 HOH 100 300 63  HOH HOH AAA . 
B 2 HOH 101 301 132 HOH HOH AAA . 
B 2 HOH 102 302 104 HOH HOH AAA . 
B 2 HOH 103 303 115 HOH HOH AAA . 
B 2 HOH 104 304 98  HOH HOH AAA . 
B 2 HOH 105 305 48  HOH HOH AAA . 
B 2 HOH 106 306 125 HOH HOH AAA . 
B 2 HOH 107 307 76  HOH HOH AAA . 
B 2 HOH 108 308 90  HOH HOH AAA . 
B 2 HOH 109 309 72  HOH HOH AAA . 
B 2 HOH 110 310 124 HOH HOH AAA . 
B 2 HOH 111 311 94  HOH HOH AAA . 
B 2 HOH 112 312 107 HOH HOH AAA . 
B 2 HOH 113 313 68  HOH HOH AAA . 
B 2 HOH 114 314 70  HOH HOH AAA . 
B 2 HOH 115 315 37  HOH HOH AAA . 
B 2 HOH 116 316 26  HOH HOH AAA . 
B 2 HOH 117 317 119 HOH HOH AAA . 
B 2 HOH 118 318 106 HOH HOH AAA . 
B 2 HOH 119 319 123 HOH HOH AAA . 
B 2 HOH 120 320 121 HOH HOH AAA . 
B 2 HOH 121 321 129 HOH HOH AAA . 
B 2 HOH 122 322 91  HOH HOH AAA . 
B 2 HOH 123 323 122 HOH HOH AAA . 
B 2 HOH 124 324 83  HOH HOH AAA . 
B 2 HOH 125 325 30  HOH HOH AAA . 
B 2 HOH 126 326 95  HOH HOH AAA . 
B 2 HOH 127 327 126 HOH HOH AAA . 
B 2 HOH 128 328 92  HOH HOH AAA . 
B 2 HOH 129 329 133 HOH HOH AAA . 
B 2 HOH 130 330 22  HOH HOH AAA . 
B 2 HOH 131 331 85  HOH HOH AAA . 
B 2 HOH 132 332 130 HOH HOH AAA . 
B 2 HOH 133 333 52  HOH HOH AAA . 
B 2 HOH 134 334 131 HOH HOH AAA . 
# 
loop_
_pdbx_unobs_or_zero_occ_atoms.id 
_pdbx_unobs_or_zero_occ_atoms.PDB_model_num 
_pdbx_unobs_or_zero_occ_atoms.polymer_flag 
_pdbx_unobs_or_zero_occ_atoms.occupancy_flag 
_pdbx_unobs_or_zero_occ_atoms.auth_asym_id 
_pdbx_unobs_or_zero_occ_atoms.auth_comp_id 
_pdbx_unobs_or_zero_occ_atoms.auth_seq_id 
_pdbx_unobs_or_zero_occ_atoms.PDB_ins_code 
_pdbx_unobs_or_zero_occ_atoms.auth_atom_id 
_pdbx_unobs_or_zero_occ_atoms.label_alt_id 
_pdbx_unobs_or_zero_occ_atoms.label_asym_id 
_pdbx_unobs_or_zero_occ_atoms.label_comp_id 
_pdbx_unobs_or_zero_occ_atoms.label_seq_id 
_pdbx_unobs_or_zero_occ_atoms.label_atom_id 
1  1 Y 1 AAA ARG 13  ? NH2 ? A ARG 14  NH2 
2  1 Y 1 AAA LYS 14  ? CE  ? A LYS 15  CE  
3  1 Y 1 AAA LYS 14  ? NZ  ? A LYS 15  NZ  
4  1 Y 1 AAA LYS 30  ? CE  ? A LYS 31  CE  
5  1 Y 1 AAA LYS 30  ? NZ  ? A LYS 31  NZ  
6  1 Y 1 AAA LYS 49  ? CG  ? A LYS 50  CG  
7  1 Y 1 AAA LYS 49  ? CD  ? A LYS 50  CD  
8  1 Y 1 AAA LYS 49  ? CE  ? A LYS 50  CE  
9  1 Y 1 AAA LYS 49  ? NZ  ? A LYS 50  NZ  
10 1 Y 1 AAA GLU 122 ? OE2 ? A GLU 123 OE2 
11 1 Y 1 AAA LYS 153 ? CD  ? A LYS 154 CD  
12 1 Y 1 AAA LYS 153 ? CE  ? A LYS 154 CE  
13 1 Y 1 AAA LYS 153 ? NZ  ? A LYS 154 NZ  
14 1 Y 1 AAA LYS 154 ? NZ  ? A LYS 155 NZ  
15 1 Y 1 AAA SER 158 ? O   ? A SER 159 O   
16 1 Y 1 AAA SER 158 ? OG  ? A SER 159 OG  
# 
loop_
_software.citation_id 
_software.classification 
_software.compiler_name 
_software.compiler_version 
_software.contact_author 
_software.contact_author_email 
_software.date 
_software.description 
_software.dependencies 
_software.hardware 
_software.language 
_software.location 
_software.mods 
_software.name 
_software.os 
_software.os_version 
_software.type 
_software.version 
_software.pdbx_ordinal 
? refinement       ? ? ? ? ? ? ? ? ? ? ? REFMAC ? ? ? 5.8.0267           1 
? 'model building' ? ? ? ? ? ? ? ? ? ? ? Coot   ? ? ? 'WinCoot 0.9.6 EL' 2 
# 
_cell.angle_alpha                  90.000 
_cell.angle_alpha_esd              ? 
_cell.angle_beta                   90.000 
_cell.angle_beta_esd               ? 
_cell.angle_gamma                  90.000 
_cell.angle_gamma_esd              ? 
_cell.entry_id                     9GLR 
_cell.details                      ? 
_cell.formula_units_Z              ? 
_cell.length_a                     34.503 
_cell.length_a_esd                 ? 
_cell.length_b                     96.650 
_cell.length_b_esd                 ? 
_cell.length_c                     109.578 
_cell.length_c_esd                 ? 
_cell.volume                       ? 
_cell.volume_esd                   ? 
_cell.Z_PDB                        8 
_cell.reciprocal_angle_alpha       ? 
_cell.reciprocal_angle_beta        ? 
_cell.reciprocal_angle_gamma       ? 
_cell.reciprocal_angle_alpha_esd   ? 
_cell.reciprocal_angle_beta_esd    ? 
_cell.reciprocal_angle_gamma_esd   ? 
_cell.reciprocal_length_a          ? 
_cell.reciprocal_length_b          ? 
_cell.reciprocal_length_c          ? 
_cell.reciprocal_length_a_esd      ? 
_cell.reciprocal_length_b_esd      ? 
_cell.reciprocal_length_c_esd      ? 
_cell.pdbx_unique_axis             ? 
_cell.pdbx_esd_method              ? 
# 
_symmetry.entry_id                         9GLR 
_symmetry.cell_setting                     ? 
_symmetry.Int_Tables_number                20 
_symmetry.space_group_name_Hall            ? 
_symmetry.space_group_name_H-M             'C 2 2 21' 
_symmetry.pdbx_full_space_group_name_H-M   ? 
# 
_exptl.absorpt_coefficient_mu     ? 
_exptl.absorpt_correction_T_max   ? 
_exptl.absorpt_correction_T_min   ? 
_exptl.absorpt_correction_type    ? 
_exptl.absorpt_process_details    ? 
_exptl.entry_id                   9GLR 
_exptl.crystals_number            1 
_exptl.details                    ? 
_exptl.method                     'X-RAY DIFFRACTION' 
_exptl.method_details             ? 
# 
_exptl_crystal.colour                       ? 
_exptl_crystal.density_diffrn               ? 
_exptl_crystal.density_Matthews             2.52 
_exptl_crystal.density_method               ? 
_exptl_crystal.density_percent_sol          51.22 
_exptl_crystal.description                  ? 
_exptl_crystal.F_000                        ? 
_exptl_crystal.id                           1 
_exptl_crystal.preparation                  ? 
_exptl_crystal.size_max                     ? 
_exptl_crystal.size_mid                     ? 
_exptl_crystal.size_min                     ? 
_exptl_crystal.size_rad                     ? 
_exptl_crystal.colour_lustre                ? 
_exptl_crystal.colour_modifier              ? 
_exptl_crystal.colour_primary               ? 
_exptl_crystal.density_meas                 ? 
_exptl_crystal.density_meas_esd             ? 
_exptl_crystal.density_meas_gt              ? 
_exptl_crystal.density_meas_lt              ? 
_exptl_crystal.density_meas_temp            ? 
_exptl_crystal.density_meas_temp_esd        ? 
_exptl_crystal.density_meas_temp_gt         ? 
_exptl_crystal.density_meas_temp_lt         ? 
_exptl_crystal.pdbx_crystal_image_url       ? 
_exptl_crystal.pdbx_crystal_image_format    ? 
_exptl_crystal.pdbx_mosaicity               ? 
_exptl_crystal.pdbx_mosaicity_esd           ? 
_exptl_crystal.pdbx_mosaic_method           ? 
_exptl_crystal.pdbx_mosaic_block_size       ? 
_exptl_crystal.pdbx_mosaic_block_size_esd   ? 
# 
_exptl_crystal_grow.apparatus       ? 
_exptl_crystal_grow.atmosphere      ? 
_exptl_crystal_grow.crystal_id      1 
_exptl_crystal_grow.details         ? 
_exptl_crystal_grow.method          'VAPOR DIFFUSION, HANGING DROP' 
_exptl_crystal_grow.method_ref      ? 
_exptl_crystal_grow.pH              5.0 
_exptl_crystal_grow.pressure        ? 
_exptl_crystal_grow.pressure_esd    ? 
_exptl_crystal_grow.seeding         ? 
_exptl_crystal_grow.seeding_ref     ? 
_exptl_crystal_grow.temp_details    ? 
_exptl_crystal_grow.temp_esd        ? 
_exptl_crystal_grow.time            ? 
_exptl_crystal_grow.pdbx_details    '2% tacsimate, pH 5.0, 0.1 M sodium citrate, 16% PEG 3350' 
_exptl_crystal_grow.pdbx_pH_range   ? 
_exptl_crystal_grow.temp            293 
# 
_diffrn.ambient_environment              ? 
_diffrn.ambient_temp                     298 
_diffrn.ambient_temp_details             ? 
_diffrn.ambient_temp_esd                 ? 
_diffrn.crystal_id                       1 
_diffrn.crystal_support                  ? 
_diffrn.crystal_treatment                ? 
_diffrn.details                          ? 
_diffrn.id                               1 
_diffrn.ambient_pressure                 ? 
_diffrn.ambient_pressure_esd             ? 
_diffrn.ambient_pressure_gt              ? 
_diffrn.ambient_pressure_lt              ? 
_diffrn.ambient_temp_gt                  ? 
_diffrn.ambient_temp_lt                  ? 
_diffrn.pdbx_serial_crystal_experiment   N 
# 
_diffrn_detector.details                      ? 
_diffrn_detector.detector                     PIXEL 
_diffrn_detector.diffrn_id                    1 
_diffrn_detector.type                         'DECTRIS EIGER2 X 9M' 
_diffrn_detector.area_resol_mean              ? 
_diffrn_detector.dtime                        ? 
_diffrn_detector.pdbx_frames_total            ? 
_diffrn_detector.pdbx_collection_time_total   ? 
_diffrn_detector.pdbx_collection_date         2024-02-21 
_diffrn_detector.pdbx_frequency               ? 
_diffrn_detector.id                           ? 
_diffrn_detector.number_of_axes               ? 
# 
_diffrn_radiation.collimation                      ? 
_diffrn_radiation.diffrn_id                        1 
_diffrn_radiation.filter_edge                      ? 
_diffrn_radiation.inhomogeneity                    ? 
_diffrn_radiation.monochromator                    ? 
_diffrn_radiation.polarisn_norm                    ? 
_diffrn_radiation.polarisn_ratio                   ? 
_diffrn_radiation.probe                            ? 
_diffrn_radiation.type                             ? 
_diffrn_radiation.xray_symbol                      ? 
_diffrn_radiation.wavelength_id                    1 
_diffrn_radiation.pdbx_monochromatic_or_laue_m_l   M 
_diffrn_radiation.pdbx_wavelength_list             ? 
_diffrn_radiation.pdbx_wavelength                  ? 
_diffrn_radiation.pdbx_diffrn_protocol             'SINGLE WAVELENGTH' 
_diffrn_radiation.pdbx_analyzer                    ? 
_diffrn_radiation.pdbx_scattering_type             x-ray 
# 
_diffrn_radiation_wavelength.id           1 
_diffrn_radiation_wavelength.wavelength   0.87313 
_diffrn_radiation_wavelength.wt           1.0 
# 
_diffrn_source.current                     ? 
_diffrn_source.details                     ? 
_diffrn_source.diffrn_id                   1 
_diffrn_source.power                       ? 
_diffrn_source.size                        ? 
_diffrn_source.source                      SYNCHROTRON 
_diffrn_source.target                      ? 
_diffrn_source.type                        'ESRF BEAMLINE ID30B' 
_diffrn_source.voltage                     ? 
_diffrn_source.take-off_angle              ? 
_diffrn_source.pdbx_wavelength_list        0.87313 
_diffrn_source.pdbx_wavelength             ? 
_diffrn_source.pdbx_synchrotron_beamline   ID30B 
_diffrn_source.pdbx_synchrotron_site       ESRF 
# 
_reflns.B_iso_Wilson_estimate                          31.99 
_reflns.entry_id                                       9GLR 
_reflns.data_reduction_details                         ? 
_reflns.data_reduction_method                          ? 
_reflns.d_resolution_high                              1.72 
_reflns.d_resolution_low                               48.33 
_reflns.details                                        ? 
_reflns.limit_h_max                                    ? 
_reflns.limit_h_min                                    ? 
_reflns.limit_k_max                                    ? 
_reflns.limit_k_min                                    ? 
_reflns.limit_l_max                                    ? 
_reflns.limit_l_min                                    ? 
_reflns.number_all                                     ? 
_reflns.number_obs                                     19263 
_reflns.observed_criterion                             ? 
_reflns.observed_criterion_F_max                       ? 
_reflns.observed_criterion_F_min                       ? 
_reflns.observed_criterion_I_max                       ? 
_reflns.observed_criterion_I_min                       ? 
_reflns.observed_criterion_sigma_F                     ? 
_reflns.observed_criterion_sigma_I                     ? 
_reflns.percent_possible_obs                           96.55 
_reflns.R_free_details                                 ? 
_reflns.Rmerge_F_all                                   ? 
_reflns.Rmerge_F_obs                                   ? 
_reflns.Friedel_coverage                               ? 
_reflns.number_gt                                      ? 
_reflns.threshold_expression                           ? 
_reflns.pdbx_redundancy                                1.9 
_reflns.pdbx_netI_over_av_sigmaI                       ? 
_reflns.pdbx_netI_over_sigmaI                          12.65 
_reflns.pdbx_res_netI_over_av_sigmaI_2                 ? 
_reflns.pdbx_res_netI_over_sigmaI_2                    ? 
_reflns.pdbx_chi_squared                               ? 
_reflns.pdbx_scaling_rejects                           ? 
_reflns.pdbx_d_res_high_opt                            ? 
_reflns.pdbx_d_res_low_opt                             ? 
_reflns.pdbx_d_res_opt_method                          ? 
_reflns.phase_calculation_details                      ? 
_reflns.pdbx_Rrim_I_all                                0.03379 
_reflns.pdbx_Rpim_I_all                                ? 
_reflns.pdbx_d_opt                                     ? 
_reflns.pdbx_number_measured_all                       ? 
_reflns.pdbx_diffrn_id                                 1 
_reflns.pdbx_ordinal                                   1 
_reflns.pdbx_CC_half                                   0.999 
_reflns.pdbx_CC_star                                   ? 
_reflns.pdbx_R_split                                   ? 
_reflns.pdbx_Rmerge_I_obs                              ? 
_reflns.pdbx_Rmerge_I_all                              ? 
_reflns.pdbx_Rsym_value                                ? 
_reflns.pdbx_CC_split_method                           ? 
_reflns.pdbx_aniso_diffraction_limit_axis_1_ortho[1]   ? 
_reflns.pdbx_aniso_diffraction_limit_axis_1_ortho[2]   ? 
_reflns.pdbx_aniso_diffraction_limit_axis_1_ortho[3]   ? 
_reflns.pdbx_aniso_diffraction_limit_axis_2_ortho[1]   ? 
_reflns.pdbx_aniso_diffraction_limit_axis_2_ortho[2]   ? 
_reflns.pdbx_aniso_diffraction_limit_axis_2_ortho[3]   ? 
_reflns.pdbx_aniso_diffraction_limit_axis_3_ortho[1]   ? 
_reflns.pdbx_aniso_diffraction_limit_axis_3_ortho[2]   ? 
_reflns.pdbx_aniso_diffraction_limit_axis_3_ortho[3]   ? 
_reflns.pdbx_aniso_diffraction_limit_1                 ? 
_reflns.pdbx_aniso_diffraction_limit_2                 ? 
_reflns.pdbx_aniso_diffraction_limit_3                 ? 
_reflns.pdbx_aniso_B_tensor_eigenvector_1_ortho[1]     ? 
_reflns.pdbx_aniso_B_tensor_eigenvector_1_ortho[2]     ? 
_reflns.pdbx_aniso_B_tensor_eigenvector_1_ortho[3]     ? 
_reflns.pdbx_aniso_B_tensor_eigenvector_2_ortho[1]     ? 
_reflns.pdbx_aniso_B_tensor_eigenvector_2_ortho[2]     ? 
_reflns.pdbx_aniso_B_tensor_eigenvector_2_ortho[3]     ? 
_reflns.pdbx_aniso_B_tensor_eigenvector_3_ortho[1]     ? 
_reflns.pdbx_aniso_B_tensor_eigenvector_3_ortho[2]     ? 
_reflns.pdbx_aniso_B_tensor_eigenvector_3_ortho[3]     ? 
_reflns.pdbx_aniso_B_tensor_eigenvalue_1               ? 
_reflns.pdbx_aniso_B_tensor_eigenvalue_2               ? 
_reflns.pdbx_aniso_B_tensor_eigenvalue_3               ? 
_reflns.pdbx_orthogonalization_convention              ? 
_reflns.pdbx_percent_possible_ellipsoidal              ? 
_reflns.pdbx_percent_possible_spherical                ? 
_reflns.pdbx_percent_possible_ellipsoidal_anomalous    ? 
_reflns.pdbx_percent_possible_spherical_anomalous      ? 
_reflns.pdbx_redundancy_anomalous                      ? 
_reflns.pdbx_CC_half_anomalous                         ? 
_reflns.pdbx_absDiff_over_sigma_anomalous              ? 
_reflns.pdbx_percent_possible_anomalous                ? 
_reflns.pdbx_observed_signal_threshold                 ? 
_reflns.pdbx_signal_type                               ? 
_reflns.pdbx_signal_details                            ? 
_reflns.pdbx_signal_software_id                        ? 
# 
_reflns_shell.d_res_high                                    1.72 
_reflns_shell.d_res_low                                     1.782 
_reflns_shell.meanI_over_sigI_all                           ? 
_reflns_shell.meanI_over_sigI_obs                           1.31 
_reflns_shell.number_measured_all                           ? 
_reflns_shell.number_measured_obs                           ? 
_reflns_shell.number_possible                               ? 
_reflns_shell.number_unique_all                             ? 
_reflns_shell.number_unique_obs                             1914 
_reflns_shell.percent_possible_obs                          ? 
_reflns_shell.Rmerge_F_all                                  ? 
_reflns_shell.Rmerge_F_obs                                  ? 
_reflns_shell.meanI_over_sigI_gt                            ? 
_reflns_shell.meanI_over_uI_all                             ? 
_reflns_shell.meanI_over_uI_gt                              ? 
_reflns_shell.number_measured_gt                            ? 
_reflns_shell.number_unique_gt                              ? 
_reflns_shell.percent_possible_gt                           ? 
_reflns_shell.Rmerge_F_gt                                   ? 
_reflns_shell.Rmerge_I_gt                                   ? 
_reflns_shell.pdbx_redundancy                               1.9 
_reflns_shell.pdbx_chi_squared                              ? 
_reflns_shell.pdbx_netI_over_sigmaI_all                     ? 
_reflns_shell.pdbx_netI_over_sigmaI_obs                     ? 
_reflns_shell.pdbx_Rrim_I_all                               0.6958 
_reflns_shell.pdbx_Rpim_I_all                               ? 
_reflns_shell.pdbx_rejects                                  ? 
_reflns_shell.pdbx_ordinal                                  1 
_reflns_shell.pdbx_diffrn_id                                1 
_reflns_shell.pdbx_CC_half                                  0.645 
_reflns_shell.pdbx_CC_star                                  ? 
_reflns_shell.pdbx_R_split                                  ? 
_reflns_shell.percent_possible_all                          98.71 
_reflns_shell.Rmerge_I_all                                  ? 
_reflns_shell.Rmerge_I_obs                                  ? 
_reflns_shell.pdbx_Rsym_value                               ? 
_reflns_shell.pdbx_percent_possible_ellipsoidal             ? 
_reflns_shell.pdbx_percent_possible_spherical               ? 
_reflns_shell.pdbx_percent_possible_ellipsoidal_anomalous   ? 
_reflns_shell.pdbx_percent_possible_spherical_anomalous     ? 
_reflns_shell.pdbx_redundancy_anomalous                     ? 
_reflns_shell.pdbx_CC_half_anomalous                        ? 
_reflns_shell.pdbx_absDiff_over_sigma_anomalous             ? 
_reflns_shell.pdbx_percent_possible_anomalous               ? 
# 
_refine.aniso_B[1][1]                            0.762 
_refine.aniso_B[1][2]                            0.000 
_refine.aniso_B[1][3]                            0.000 
_refine.aniso_B[2][2]                            -1.661 
_refine.aniso_B[2][3]                            -0.000 
_refine.aniso_B[3][3]                            0.899 
_refine.B_iso_max                                ? 
_refine.B_iso_mean                               33.420 
_refine.B_iso_min                                ? 
_refine.correlation_coeff_Fo_to_Fc               0.963 
_refine.correlation_coeff_Fo_to_Fc_free          0.953 
_refine.details                                  'Hydrogens have been added in their riding positions' 
_refine.diff_density_max                         ? 
_refine.diff_density_max_esd                     ? 
_refine.diff_density_min                         ? 
_refine.diff_density_min_esd                     ? 
_refine.diff_density_rms                         ? 
_refine.diff_density_rms_esd                     ? 
_refine.entry_id                                 9GLR 
_refine.pdbx_refine_id                           'X-RAY DIFFRACTION' 
_refine.ls_abs_structure_details                 ? 
_refine.ls_abs_structure_Flack                   ? 
_refine.ls_abs_structure_Flack_esd               ? 
_refine.ls_abs_structure_Rogers                  ? 
_refine.ls_abs_structure_Rogers_esd              ? 
_refine.ls_d_res_high                            1.720 
_refine.ls_d_res_low                             48.33 
_refine.ls_extinction_coef                       ? 
_refine.ls_extinction_coef_esd                   ? 
_refine.ls_extinction_expression                 ? 
_refine.ls_extinction_method                     ? 
_refine.ls_goodness_of_fit_all                   ? 
_refine.ls_goodness_of_fit_all_esd               ? 
_refine.ls_goodness_of_fit_obs                   ? 
_refine.ls_goodness_of_fit_obs_esd               ? 
_refine.ls_hydrogen_treatment                    ? 
_refine.ls_matrix_type                           ? 
_refine.ls_number_constraints                    ? 
_refine.ls_number_parameters                     ? 
_refine.ls_number_reflns_all                     ? 
_refine.ls_number_reflns_obs                     19263 
_refine.ls_number_reflns_R_free                  964 
_refine.ls_number_reflns_R_work                  18299 
_refine.ls_number_restraints                     ? 
_refine.ls_percent_reflns_obs                    96.561 
_refine.ls_percent_reflns_R_free                 5.004 
_refine.ls_R_factor_all                          0.200 
_refine.ls_R_factor_obs                          ? 
_refine.ls_R_factor_R_free                       0.2270 
_refine.ls_R_factor_R_free_error                 ? 
_refine.ls_R_factor_R_free_error_details         ? 
_refine.ls_R_factor_R_work                       0.1988 
_refine.ls_R_Fsqd_factor_obs                     ? 
_refine.ls_R_I_factor_obs                        ? 
_refine.ls_redundancy_reflns_all                 ? 
_refine.ls_redundancy_reflns_obs                 ? 
_refine.ls_restrained_S_all                      ? 
_refine.ls_restrained_S_obs                      ? 
_refine.ls_shift_over_esd_max                    ? 
_refine.ls_shift_over_esd_mean                   ? 
_refine.ls_structure_factor_coef                 ? 
_refine.ls_weighting_details                     ? 
_refine.ls_weighting_scheme                      ? 
_refine.ls_wR_factor_all                         ? 
_refine.ls_wR_factor_obs                         ? 
_refine.ls_wR_factor_R_free                      ? 
_refine.ls_wR_factor_R_work                      ? 
_refine.occupancy_max                            ? 
_refine.occupancy_min                            ? 
_refine.solvent_model_details                    'MASK BULK SOLVENT' 
_refine.solvent_model_param_bsol                 ? 
_refine.solvent_model_param_ksol                 ? 
_refine.pdbx_R_complete                          ? 
_refine.ls_R_factor_gt                           ? 
_refine.ls_goodness_of_fit_gt                    ? 
_refine.ls_goodness_of_fit_ref                   ? 
_refine.ls_shift_over_su_max                     ? 
_refine.ls_shift_over_su_max_lt                  ? 
_refine.ls_shift_over_su_mean                    ? 
_refine.ls_shift_over_su_mean_lt                 ? 
_refine.pdbx_ls_sigma_I                          ? 
_refine.pdbx_ls_sigma_F                          ? 
_refine.pdbx_ls_sigma_Fsqd                       ? 
_refine.pdbx_data_cutoff_high_absF               ? 
_refine.pdbx_data_cutoff_high_rms_absF           ? 
_refine.pdbx_data_cutoff_low_absF                ? 
_refine.pdbx_isotropic_thermal_model             ? 
_refine.pdbx_ls_cross_valid_method               'FREE R-VALUE' 
_refine.pdbx_method_to_determine_struct          'MOLECULAR REPLACEMENT' 
_refine.pdbx_starting_model                      ? 
_refine.pdbx_stereochemistry_target_values       ? 
_refine.pdbx_R_Free_selection_details            ? 
_refine.pdbx_stereochem_target_val_spec_case     ? 
_refine.pdbx_overall_ESU_R                       0.116 
_refine.pdbx_overall_ESU_R_Free                  0.111 
_refine.pdbx_solvent_vdw_probe_radii             1.200 
_refine.pdbx_solvent_ion_probe_radii             0.800 
_refine.pdbx_solvent_shrinkage_radii             0.800 
_refine.pdbx_real_space_R                        ? 
_refine.pdbx_density_correlation                 ? 
_refine.pdbx_pd_number_of_powder_patterns        ? 
_refine.pdbx_pd_number_of_points                 ? 
_refine.pdbx_pd_meas_number_of_points            ? 
_refine.pdbx_pd_proc_ls_prof_R_factor            ? 
_refine.pdbx_pd_proc_ls_prof_wR_factor           ? 
_refine.pdbx_pd_Marquardt_correlation_coeff      ? 
_refine.pdbx_pd_Fsqrd_R_factor                   ? 
_refine.pdbx_pd_ls_matrix_band_width             ? 
_refine.pdbx_overall_phase_error                 ? 
_refine.pdbx_overall_SU_R_free_Cruickshank_DPI   ? 
_refine.pdbx_overall_SU_R_free_Blow_DPI          ? 
_refine.pdbx_overall_SU_R_Blow_DPI               ? 
_refine.pdbx_TLS_residual_ADP_flag               ? 
_refine.pdbx_diffrn_id                           1 
_refine.overall_SU_B                             3.183 
_refine.overall_SU_ML                            0.098 
_refine.overall_SU_R_Cruickshank_DPI             ? 
_refine.overall_SU_R_free                        ? 
_refine.overall_FOM_free_R_set                   ? 
_refine.overall_FOM_work_R_set                   ? 
_refine.pdbx_average_fsc_overall                 ? 
_refine.pdbx_average_fsc_work                    ? 
_refine.pdbx_average_fsc_free                    ? 
# 
_refine_hist.pdbx_refine_id                   'X-RAY DIFFRACTION' 
_refine_hist.cycle_id                         LAST 
_refine_hist.pdbx_number_atoms_protein        1247 
_refine_hist.pdbx_number_atoms_nucleic_acid   0 
_refine_hist.pdbx_number_atoms_ligand         0 
_refine_hist.number_atoms_solvent             134 
_refine_hist.number_atoms_total               1381 
_refine_hist.d_res_high                       1.720 
_refine_hist.d_res_low                        48.33 
# 
loop_
_refine_ls_restr.pdbx_refine_id 
_refine_ls_restr.criterion 
_refine_ls_restr.dev_ideal 
_refine_ls_restr.dev_ideal_target 
_refine_ls_restr.number 
_refine_ls_restr.rejects 
_refine_ls_restr.type 
_refine_ls_restr.weight 
_refine_ls_restr.pdbx_restraint_function 
'X-RAY DIFFRACTION' ? 0.009  0.013  1296 ? r_bond_refined_d               ? ? 
'X-RAY DIFFRACTION' ? 0.001  0.015  1215 ? r_bond_other_d                 ? ? 
'X-RAY DIFFRACTION' ? 1.538  1.658  1763 ? r_angle_refined_deg            ? ? 
'X-RAY DIFFRACTION' ? 1.315  1.577  2811 ? r_angle_other_deg              ? ? 
'X-RAY DIFFRACTION' ? 6.417  5.000  158  ? r_dihedral_angle_1_deg         ? ? 
'X-RAY DIFFRACTION' ? 29.971 22.353 68   ? r_dihedral_angle_2_deg         ? ? 
'X-RAY DIFFRACTION' ? 13.830 15.000 215  ? r_dihedral_angle_3_deg         ? ? 
'X-RAY DIFFRACTION' ? 14.454 15.000 9    ? r_dihedral_angle_4_deg         ? ? 
'X-RAY DIFFRACTION' ? 0.082  0.200  164  ? r_chiral_restr                 ? ? 
'X-RAY DIFFRACTION' ? 0.009  0.020  1464 ? r_gen_planes_refined           ? ? 
'X-RAY DIFFRACTION' ? 0.001  0.020  295  ? r_gen_planes_other             ? ? 
'X-RAY DIFFRACTION' ? 0.219  0.200  261  ? r_nbd_refined                  ? ? 
'X-RAY DIFFRACTION' ? 0.185  0.200  1110 ? r_symmetry_nbd_other           ? ? 
'X-RAY DIFFRACTION' ? 0.170  0.200  605  ? r_nbtor_refined                ? ? 
'X-RAY DIFFRACTION' ? 0.078  0.200  544  ? r_symmetry_nbtor_other         ? ? 
'X-RAY DIFFRACTION' ? 0.168  0.200  84   ? r_xyhbond_nbd_refined          ? ? 
'X-RAY DIFFRACTION' ? 0.011  0.200  1    ? r_symmetry_xyhbond_nbd_other   ? ? 
'X-RAY DIFFRACTION' ? 0.176  0.200  3    ? r_symmetry_nbd_refined         ? ? 
'X-RAY DIFFRACTION' ? 0.200  0.200  24   ? r_nbd_other                    ? ? 
'X-RAY DIFFRACTION' ? 0.164  0.200  10   ? r_symmetry_xyhbond_nbd_refined ? ? 
'X-RAY DIFFRACTION' ? 2.650  3.296  631  ? r_mcbond_it                    ? ? 
'X-RAY DIFFRACTION' ? 2.638  3.296  631  ? r_mcbond_other                 ? ? 
'X-RAY DIFFRACTION' ? 3.680  4.926  789  ? r_mcangle_it                   ? ? 
'X-RAY DIFFRACTION' ? 3.682  4.933  790  ? r_mcangle_other                ? ? 
'X-RAY DIFFRACTION' ? 3.825  3.612  665  ? r_scbond_it                    ? ? 
'X-RAY DIFFRACTION' ? 3.784  3.614  665  ? r_scbond_other                 ? ? 
'X-RAY DIFFRACTION' ? 5.688  5.251  974  ? r_scangle_it                   ? ? 
'X-RAY DIFFRACTION' ? 5.680  5.252  974  ? r_scangle_other                ? ? 
'X-RAY DIFFRACTION' ? 7.155  39.076 1471 ? r_lrange_it                    ? ? 
'X-RAY DIFFRACTION' ? 7.117  38.688 1446 ? r_lrange_other                 ? ? 
# 
loop_
_refine_ls_shell.pdbx_refine_id 
_refine_ls_shell.d_res_high 
_refine_ls_shell.d_res_low 
_refine_ls_shell.number_reflns_all 
_refine_ls_shell.number_reflns_obs 
_refine_ls_shell.number_reflns_R_free 
_refine_ls_shell.number_reflns_R_work 
_refine_ls_shell.percent_reflns_obs 
_refine_ls_shell.percent_reflns_R_free 
_refine_ls_shell.R_factor_all 
_refine_ls_shell.R_factor_obs 
_refine_ls_shell.R_factor_R_free_error 
_refine_ls_shell.R_factor_R_work 
_refine_ls_shell.redundancy_reflns_all 
_refine_ls_shell.redundancy_reflns_obs 
_refine_ls_shell.wR_factor_all 
_refine_ls_shell.wR_factor_obs 
_refine_ls_shell.wR_factor_R_free 
_refine_ls_shell.wR_factor_R_work 
_refine_ls_shell.pdbx_R_complete 
_refine_ls_shell.pdbx_total_number_of_bins_used 
_refine_ls_shell.pdbx_phase_error 
_refine_ls_shell.pdbx_fsc_work 
_refine_ls_shell.pdbx_fsc_free 
_refine_ls_shell.R_factor_R_free 
'X-RAY DIFFRACTION' 1.720 1.765 . . 65 1346 98.3275 . . . . 0.368 . . . . . . . . . . . 0.359 
'X-RAY DIFFRACTION' 1.765 1.813 . . 56 1343 98.4518 . . . . 0.313 . . . . . . . . . . . 0.317 
'X-RAY DIFFRACTION' 1.813 1.866 . . 68 1282 98.7564 . . . . 0.291 . . . . . . . . . . . 0.298 
'X-RAY DIFFRACTION' 1.866 1.923 . . 63 1261 97.7122 . . . . 0.258 . . . . . . . . . . . 0.339 
'X-RAY DIFFRACTION' 1.923 1.986 . . 64 1209 99.3755 . . . . 0.247 . . . . . . . . . . . 0.323 
'X-RAY DIFFRACTION' 1.986 2.056 . . 54 1190 97.5686 . . . . 0.218 . . . . . . . . . . . 0.259 
'X-RAY DIFFRACTION' 2.056 2.133 . . 49 1122 96.8569 . . . . 0.209 . . . . . . . . . . . 0.234 
'X-RAY DIFFRACTION' 2.133 2.220 . . 62 1072 97.9275 . . . . 0.201 . . . . . . . . . . . 0.229 
'X-RAY DIFFRACTION' 2.220 2.319 . . 63 1050 97.8032 . . . . 0.202 . . . . . . . . . . . 0.272 
'X-RAY DIFFRACTION' 2.319 2.432 . . 62 993  97.5948 . . . . 0.203 . . . . . . . . . . . 0.252 
'X-RAY DIFFRACTION' 2.432 2.564 . . 47 943  96.3973 . . . . 0.186 . . . . . . . . . . . 0.193 
'X-RAY DIFFRACTION' 2.564 2.719 . . 44 904  96.8335 . . . . 0.197 . . . . . . . . . . . 0.239 
'X-RAY DIFFRACTION' 2.719 2.907 . . 43 839  95.8696 . . . . 0.212 . . . . . . . . . . . 0.257 
'X-RAY DIFFRACTION' 2.907 3.139 . . 48 778  95.1613 . . . . 0.201 . . . . . . . . . . . 0.199 
'X-RAY DIFFRACTION' 3.139 3.439 . . 44 713  94.5069 . . . . 0.191 . . . . . . . . . . . 0.212 
'X-RAY DIFFRACTION' 3.439 3.844 . . 36 641  93.5083 . . . . 0.171 . . . . . . . . . . . 0.239 
'X-RAY DIFFRACTION' 3.844 4.438 . . 39 543  90.3727 . . . . 0.152 . . . . . . . . . . . 0.191 
'X-RAY DIFFRACTION' 4.438 5.433 . . 28 483  91.7415 . . . . 0.156 . . . . . . . . . . . 0.193 
'X-RAY DIFFRACTION' 5.433 7.674 . . 20 372  89.2938 . . . . 0.225 . . . . . . . . . . . 0.222 
'X-RAY DIFFRACTION' 7.674 38.93 . . 9  216  83.0258 . . . . 0.209 . . . . . . . . . . . 0.136 
# 
_struct.entry_id                     9GLR 
_struct.title                        'Crystal Structure of Human UBC9 C93E' 
_struct.pdbx_model_details           ? 
_struct.pdbx_formula_weight          ? 
_struct.pdbx_formula_weight_method   ? 
_struct.pdbx_model_type_details      ? 
_struct.pdbx_CASP_flag               N 
# 
_struct_keywords.entry_id        9GLR 
_struct_keywords.text            
'SUMO-1 conjugating enzyme, Ubiquitin conjugating protein, SUMOLYATION Pathway protein, E2~SUMO thioester complex mimic, LIGASE' 
_struct_keywords.pdbx_keywords   LIGASE 
# 
loop_
_struct_asym.id 
_struct_asym.pdbx_blank_PDB_chainid_flag 
_struct_asym.pdbx_modified 
_struct_asym.entity_id 
_struct_asym.details 
A N N 1 ? 
B N N 2 ? 
# 
_struct_ref.id                         1 
_struct_ref.db_name                    UNP 
_struct_ref.db_code                    UBC9_HUMAN 
_struct_ref.pdbx_db_accession          P63279 
_struct_ref.pdbx_db_isoform            ? 
_struct_ref.entity_id                  1 
_struct_ref.pdbx_seq_one_letter_code   
;MSGIALSRLAQERKAWRKDHPFGFVAVPTKNPDGTMNLMNWECAIPGKKGTPWEGGLFKLRMLFKDDYPSSPPKCKFEPP
LFHPNVYPSGTVCLSILEEDKDWRPAITIKQILLGIQELLNEPNIQDPAQAEAYTIYCQNRVEYEKRVRAQAKKFAPS
;
_struct_ref.pdbx_align_begin           1 
# 
_struct_ref_seq.align_id                      1 
_struct_ref_seq.ref_id                        1 
_struct_ref_seq.pdbx_PDB_id_code              9GLR 
_struct_ref_seq.pdbx_strand_id                AAA 
_struct_ref_seq.seq_align_beg                 2 
_struct_ref_seq.pdbx_seq_align_beg_ins_code   ? 
_struct_ref_seq.seq_align_end                 159 
_struct_ref_seq.pdbx_seq_align_end_ins_code   ? 
_struct_ref_seq.pdbx_db_accession             P63279 
_struct_ref_seq.db_align_beg                  1 
_struct_ref_seq.pdbx_db_align_beg_ins_code    ? 
_struct_ref_seq.db_align_end                  158 
_struct_ref_seq.pdbx_db_align_end_ins_code    ? 
_struct_ref_seq.pdbx_auth_seq_align_beg       1 
_struct_ref_seq.pdbx_auth_seq_align_end       158 
# 
loop_
_struct_ref_seq_dif.align_id 
_struct_ref_seq_dif.pdbx_pdb_id_code 
_struct_ref_seq_dif.mon_id 
_struct_ref_seq_dif.pdbx_pdb_strand_id 
_struct_ref_seq_dif.seq_num 
_struct_ref_seq_dif.pdbx_pdb_ins_code 
_struct_ref_seq_dif.pdbx_seq_db_name 
_struct_ref_seq_dif.pdbx_seq_db_accession_code 
_struct_ref_seq_dif.db_mon_id 
_struct_ref_seq_dif.pdbx_seq_db_seq_num 
_struct_ref_seq_dif.details 
_struct_ref_seq_dif.pdbx_auth_seq_num 
_struct_ref_seq_dif.pdbx_ordinal 
1 9GLR GLY AAA 1  ? UNP P63279 ?   ?  'expression tag'      0  1 
1 9GLR GLU AAA 94 ? UNP P63279 CYS 93 'engineered mutation' 93 2 
# 
_pdbx_struct_assembly.id                   1 
_pdbx_struct_assembly.details              author_defined_assembly 
_pdbx_struct_assembly.method_details       ? 
_pdbx_struct_assembly.oligomeric_details   monomeric 
_pdbx_struct_assembly.oligomeric_count     1 
# 
_pdbx_struct_assembly_gen.assembly_id       1 
_pdbx_struct_assembly_gen.oper_expression   1 
_pdbx_struct_assembly_gen.asym_id_list      A,B 
# 
_pdbx_struct_assembly_auth_evidence.id                     1 
_pdbx_struct_assembly_auth_evidence.assembly_id            1 
_pdbx_struct_assembly_auth_evidence.experimental_support   'gel filtration' 
_pdbx_struct_assembly_auth_evidence.details                ? 
# 
_pdbx_struct_oper_list.id                   1 
_pdbx_struct_oper_list.type                 'identity operation' 
_pdbx_struct_oper_list.name                 1_555 
_pdbx_struct_oper_list.symmetry_operation   x,y,z 
_pdbx_struct_oper_list.matrix[1][1]         1.0000000000 
_pdbx_struct_oper_list.matrix[1][2]         0.0000000000 
_pdbx_struct_oper_list.matrix[1][3]         0.0000000000 
_pdbx_struct_oper_list.vector[1]            0.0000000000 
_pdbx_struct_oper_list.matrix[2][1]         0.0000000000 
_pdbx_struct_oper_list.matrix[2][2]         1.0000000000 
_pdbx_struct_oper_list.matrix[2][3]         0.0000000000 
_pdbx_struct_oper_list.vector[2]            0.0000000000 
_pdbx_struct_oper_list.matrix[3][1]         0.0000000000 
_pdbx_struct_oper_list.matrix[3][2]         0.0000000000 
_pdbx_struct_oper_list.matrix[3][3]         1.0000000000 
_pdbx_struct_oper_list.vector[3]            0.0000000000 
# 
loop_
_struct_conf.conf_type_id 
_struct_conf.id 
_struct_conf.pdbx_PDB_helix_id 
_struct_conf.beg_label_comp_id 
_struct_conf.beg_label_asym_id 
_struct_conf.beg_label_seq_id 
_struct_conf.pdbx_beg_PDB_ins_code 
_struct_conf.end_label_comp_id 
_struct_conf.end_label_asym_id 
_struct_conf.end_label_seq_id 
_struct_conf.pdbx_end_PDB_ins_code 
_struct_conf.beg_auth_comp_id 
_struct_conf.beg_auth_asym_id 
_struct_conf.beg_auth_seq_id 
_struct_conf.end_auth_comp_id 
_struct_conf.end_auth_asym_id 
_struct_conf.end_auth_seq_id 
_struct_conf.pdbx_PDB_helix_class 
_struct_conf.details 
_struct_conf.pdbx_PDB_helix_length 
HELX_P HELX_P1 AA1 SER A 3   ? ASP A 20  ? SER AAA 2   ASP AAA 19  1 ? 18 
HELX_P HELX_P2 AA2 LEU A 95  ? GLU A 99  ? LEU AAA 94  GLU AAA 98  5 ? 5  
HELX_P HELX_P3 AA3 THR A 109 ? GLU A 123 ? THR AAA 108 GLU AAA 122 1 ? 15 
HELX_P HELX_P4 AA4 GLN A 131 ? ASN A 141 ? GLN AAA 130 ASN AAA 140 1 ? 11 
HELX_P HELX_P5 AA5 ASN A 141 ? PHE A 156 ? ASN AAA 140 PHE AAA 155 1 ? 16 
# 
_struct_conf_type.id          HELX_P 
_struct_conf_type.criteria    ? 
_struct_conf_type.reference   ? 
# 
loop_
_struct_mon_prot_cis.pdbx_id 
_struct_mon_prot_cis.label_comp_id 
_struct_mon_prot_cis.label_seq_id 
_struct_mon_prot_cis.label_asym_id 
_struct_mon_prot_cis.label_alt_id 
_struct_mon_prot_cis.pdbx_PDB_ins_code 
_struct_mon_prot_cis.auth_comp_id 
_struct_mon_prot_cis.auth_seq_id 
_struct_mon_prot_cis.auth_asym_id 
_struct_mon_prot_cis.pdbx_label_comp_id_2 
_struct_mon_prot_cis.pdbx_label_seq_id_2 
_struct_mon_prot_cis.pdbx_label_asym_id_2 
_struct_mon_prot_cis.pdbx_PDB_ins_code_2 
_struct_mon_prot_cis.pdbx_auth_comp_id_2 
_struct_mon_prot_cis.pdbx_auth_seq_id_2 
_struct_mon_prot_cis.pdbx_auth_asym_id_2 
_struct_mon_prot_cis.pdbx_PDB_model_num 
_struct_mon_prot_cis.pdbx_omega_angle 
1 TYR 69 A . ? TYR 68 AAA PRO 70 A ? PRO 69 AAA 1 4.92  
2 GLU 79 A . ? GLU 78 AAA PRO 80 A ? PRO 79 AAA 1 -0.79 
# 
_struct_sheet.id               AA1 
_struct_sheet.type             ? 
_struct_sheet.number_strands   4 
_struct_sheet.details          ? 
# 
loop_
_struct_sheet_order.sheet_id 
_struct_sheet_order.range_id_1 
_struct_sheet_order.range_id_2 
_struct_sheet_order.offset 
_struct_sheet_order.sense 
AA1 1 2 ? anti-parallel 
AA1 2 3 ? anti-parallel 
AA1 3 4 ? anti-parallel 
# 
loop_
_struct_sheet_range.sheet_id 
_struct_sheet_range.id 
_struct_sheet_range.beg_label_comp_id 
_struct_sheet_range.beg_label_asym_id 
_struct_sheet_range.beg_label_seq_id 
_struct_sheet_range.pdbx_beg_PDB_ins_code 
_struct_sheet_range.end_label_comp_id 
_struct_sheet_range.end_label_asym_id 
_struct_sheet_range.end_label_seq_id 
_struct_sheet_range.pdbx_end_PDB_ins_code 
_struct_sheet_range.beg_auth_comp_id 
_struct_sheet_range.beg_auth_asym_id 
_struct_sheet_range.beg_auth_seq_id 
_struct_sheet_range.end_auth_comp_id 
_struct_sheet_range.end_auth_asym_id 
_struct_sheet_range.end_auth_seq_id 
AA1 1 VAL A 26 ? LYS A 31 ? VAL AAA 25 LYS AAA 30 
AA1 2 MET A 37 ? PRO A 47 ? MET AAA 36 PRO AAA 46 
AA1 3 LEU A 58 ? LEU A 64 ? LEU AAA 57 LEU AAA 63 
AA1 4 LYS A 75 ? PHE A 78 ? LYS AAA 74 PHE AAA 77 
# 
loop_
_pdbx_struct_sheet_hbond.sheet_id 
_pdbx_struct_sheet_hbond.range_id_1 
_pdbx_struct_sheet_hbond.range_id_2 
_pdbx_struct_sheet_hbond.range_1_label_atom_id 
_pdbx_struct_sheet_hbond.range_1_label_comp_id 
_pdbx_struct_sheet_hbond.range_1_label_asym_id 
_pdbx_struct_sheet_hbond.range_1_label_seq_id 
_pdbx_struct_sheet_hbond.range_1_PDB_ins_code 
_pdbx_struct_sheet_hbond.range_1_auth_atom_id 
_pdbx_struct_sheet_hbond.range_1_auth_comp_id 
_pdbx_struct_sheet_hbond.range_1_auth_asym_id 
_pdbx_struct_sheet_hbond.range_1_auth_seq_id 
_pdbx_struct_sheet_hbond.range_2_label_atom_id 
_pdbx_struct_sheet_hbond.range_2_label_comp_id 
_pdbx_struct_sheet_hbond.range_2_label_asym_id 
_pdbx_struct_sheet_hbond.range_2_label_seq_id 
_pdbx_struct_sheet_hbond.range_2_PDB_ins_code 
_pdbx_struct_sheet_hbond.range_2_auth_atom_id 
_pdbx_struct_sheet_hbond.range_2_auth_comp_id 
_pdbx_struct_sheet_hbond.range_2_auth_asym_id 
_pdbx_struct_sheet_hbond.range_2_auth_seq_id 
AA1 1 2 N THR A 30 ? N THR AAA 29 O ASN A 38 ? O ASN AAA 37 
AA1 2 3 N CYS A 44 ? N CYS AAA 43 O LEU A 61 ? O LEU AAA 60 
AA1 3 4 N ARG A 62 ? N ARG AAA 61 O LYS A 77 ? O LYS AAA 76 
# 
_pdbx_entry_details.entry_id                   9GLR 
_pdbx_entry_details.compound_details           ? 
_pdbx_entry_details.source_details             ? 
_pdbx_entry_details.nonpolymer_details         ? 
_pdbx_entry_details.sequence_details           ? 
_pdbx_entry_details.has_ligand_of_interest     ? 
_pdbx_entry_details.has_protein_modification   N 
# 
_pdbx_validate_torsion.id              1 
_pdbx_validate_torsion.PDB_model_num   1 
_pdbx_validate_torsion.auth_comp_id    LYS 
_pdbx_validate_torsion.auth_asym_id    AAA 
_pdbx_validate_torsion.auth_seq_id     101 
_pdbx_validate_torsion.PDB_ins_code    ? 
_pdbx_validate_torsion.label_alt_id    ? 
_pdbx_validate_torsion.phi             -114.26 
_pdbx_validate_torsion.psi             -111.05 
# 
_pdbx_distant_solvent_atoms.id                                1 
_pdbx_distant_solvent_atoms.PDB_model_num                     1 
_pdbx_distant_solvent_atoms.auth_atom_id                      O 
_pdbx_distant_solvent_atoms.label_alt_id                      ? 
_pdbx_distant_solvent_atoms.auth_asym_id                      AAA 
_pdbx_distant_solvent_atoms.auth_comp_id                      HOH 
_pdbx_distant_solvent_atoms.auth_seq_id                       334 
_pdbx_distant_solvent_atoms.PDB_ins_code                      ? 
_pdbx_distant_solvent_atoms.neighbor_macromolecule_distance   7.10 
_pdbx_distant_solvent_atoms.neighbor_ligand_distance          . 
# 
loop_
_pdbx_unobs_or_zero_occ_residues.id 
_pdbx_unobs_or_zero_occ_residues.PDB_model_num 
_pdbx_unobs_or_zero_occ_residues.polymer_flag 
_pdbx_unobs_or_zero_occ_residues.occupancy_flag 
_pdbx_unobs_or_zero_occ_residues.auth_asym_id 
_pdbx_unobs_or_zero_occ_residues.auth_comp_id 
_pdbx_unobs_or_zero_occ_residues.auth_seq_id 
_pdbx_unobs_or_zero_occ_residues.PDB_ins_code 
_pdbx_unobs_or_zero_occ_residues.label_asym_id 
_pdbx_unobs_or_zero_occ_residues.label_comp_id 
_pdbx_unobs_or_zero_occ_residues.label_seq_id 
1 1 Y 1 AAA GLY 0 ? A GLY 1 
2 1 Y 1 AAA MET 1 ? A MET 2 
# 
loop_
_chem_comp_atom.comp_id 
_chem_comp_atom.atom_id 
_chem_comp_atom.type_symbol 
_chem_comp_atom.pdbx_aromatic_flag 
_chem_comp_atom.pdbx_stereo_config 
_chem_comp_atom.pdbx_ordinal 
ALA N    N N N 1   
ALA CA   C N S 2   
ALA C    C N N 3   
ALA O    O N N 4   
ALA CB   C N N 5   
ALA OXT  O N N 6   
ALA H    H N N 7   
ALA H2   H N N 8   
ALA HA   H N N 9   
ALA HB1  H N N 10  
ALA HB2  H N N 11  
ALA HB3  H N N 12  
ALA HXT  H N N 13  
ARG N    N N N 14  
ARG CA   C N S 15  
ARG C    C N N 16  
ARG O    O N N 17  
ARG CB   C N N 18  
ARG CG   C N N 19  
ARG CD   C N N 20  
ARG NE   N N N 21  
ARG CZ   C N N 22  
ARG NH1  N N N 23  
ARG NH2  N N N 24  
ARG OXT  O N N 25  
ARG H    H N N 26  
ARG H2   H N N 27  
ARG HA   H N N 28  
ARG HB2  H N N 29  
ARG HB3  H N N 30  
ARG HG2  H N N 31  
ARG HG3  H N N 32  
ARG HD2  H N N 33  
ARG HD3  H N N 34  
ARG HE   H N N 35  
ARG HH11 H N N 36  
ARG HH12 H N N 37  
ARG HH21 H N N 38  
ARG HH22 H N N 39  
ARG HXT  H N N 40  
ASN N    N N N 41  
ASN CA   C N S 42  
ASN C    C N N 43  
ASN O    O N N 44  
ASN CB   C N N 45  
ASN CG   C N N 46  
ASN OD1  O N N 47  
ASN ND2  N N N 48  
ASN OXT  O N N 49  
ASN H    H N N 50  
ASN H2   H N N 51  
ASN HA   H N N 52  
ASN HB2  H N N 53  
ASN HB3  H N N 54  
ASN HD21 H N N 55  
ASN HD22 H N N 56  
ASN HXT  H N N 57  
ASP N    N N N 58  
ASP CA   C N S 59  
ASP C    C N N 60  
ASP O    O N N 61  
ASP CB   C N N 62  
ASP CG   C N N 63  
ASP OD1  O N N 64  
ASP OD2  O N N 65  
ASP OXT  O N N 66  
ASP H    H N N 67  
ASP H2   H N N 68  
ASP HA   H N N 69  
ASP HB2  H N N 70  
ASP HB3  H N N 71  
ASP HD2  H N N 72  
ASP HXT  H N N 73  
CYS N    N N N 74  
CYS CA   C N R 75  
CYS C    C N N 76  
CYS O    O N N 77  
CYS CB   C N N 78  
CYS SG   S N N 79  
CYS OXT  O N N 80  
CYS H    H N N 81  
CYS H2   H N N 82  
CYS HA   H N N 83  
CYS HB2  H N N 84  
CYS HB3  H N N 85  
CYS HG   H N N 86  
CYS HXT  H N N 87  
GLN N    N N N 88  
GLN CA   C N S 89  
GLN C    C N N 90  
GLN O    O N N 91  
GLN CB   C N N 92  
GLN CG   C N N 93  
GLN CD   C N N 94  
GLN OE1  O N N 95  
GLN NE2  N N N 96  
GLN OXT  O N N 97  
GLN H    H N N 98  
GLN H2   H N N 99  
GLN HA   H N N 100 
GLN HB2  H N N 101 
GLN HB3  H N N 102 
GLN HG2  H N N 103 
GLN HG3  H N N 104 
GLN HE21 H N N 105 
GLN HE22 H N N 106 
GLN HXT  H N N 107 
GLU N    N N N 108 
GLU CA   C N S 109 
GLU C    C N N 110 
GLU O    O N N 111 
GLU CB   C N N 112 
GLU CG   C N N 113 
GLU CD   C N N 114 
GLU OE1  O N N 115 
GLU OE2  O N N 116 
GLU OXT  O N N 117 
GLU H    H N N 118 
GLU H2   H N N 119 
GLU HA   H N N 120 
GLU HB2  H N N 121 
GLU HB3  H N N 122 
GLU HG2  H N N 123 
GLU HG3  H N N 124 
GLU HE2  H N N 125 
GLU HXT  H N N 126 
GLY N    N N N 127 
GLY CA   C N N 128 
GLY C    C N N 129 
GLY O    O N N 130 
GLY OXT  O N N 131 
GLY H    H N N 132 
GLY H2   H N N 133 
GLY HA2  H N N 134 
GLY HA3  H N N 135 
GLY HXT  H N N 136 
HIS N    N N N 137 
HIS CA   C N S 138 
HIS C    C N N 139 
HIS O    O N N 140 
HIS CB   C N N 141 
HIS CG   C Y N 142 
HIS ND1  N Y N 143 
HIS CD2  C Y N 144 
HIS CE1  C Y N 145 
HIS NE2  N Y N 146 
HIS OXT  O N N 147 
HIS H    H N N 148 
HIS H2   H N N 149 
HIS HA   H N N 150 
HIS HB2  H N N 151 
HIS HB3  H N N 152 
HIS HD1  H N N 153 
HIS HD2  H N N 154 
HIS HE1  H N N 155 
HIS HE2  H N N 156 
HIS HXT  H N N 157 
HOH O    O N N 158 
HOH H1   H N N 159 
HOH H2   H N N 160 
ILE N    N N N 161 
ILE CA   C N S 162 
ILE C    C N N 163 
ILE O    O N N 164 
ILE CB   C N S 165 
ILE CG1  C N N 166 
ILE CG2  C N N 167 
ILE CD1  C N N 168 
ILE OXT  O N N 169 
ILE H    H N N 170 
ILE H2   H N N 171 
ILE HA   H N N 172 
ILE HB   H N N 173 
ILE HG12 H N N 174 
ILE HG13 H N N 175 
ILE HG21 H N N 176 
ILE HG22 H N N 177 
ILE HG23 H N N 178 
ILE HD11 H N N 179 
ILE HD12 H N N 180 
ILE HD13 H N N 181 
ILE HXT  H N N 182 
LEU N    N N N 183 
LEU CA   C N S 184 
LEU C    C N N 185 
LEU O    O N N 186 
LEU CB   C N N 187 
LEU CG   C N N 188 
LEU CD1  C N N 189 
LEU CD2  C N N 190 
LEU OXT  O N N 191 
LEU H    H N N 192 
LEU H2   H N N 193 
LEU HA   H N N 194 
LEU HB2  H N N 195 
LEU HB3  H N N 196 
LEU HG   H N N 197 
LEU HD11 H N N 198 
LEU HD12 H N N 199 
LEU HD13 H N N 200 
LEU HD21 H N N 201 
LEU HD22 H N N 202 
LEU HD23 H N N 203 
LEU HXT  H N N 204 
LYS N    N N N 205 
LYS CA   C N S 206 
LYS C    C N N 207 
LYS O    O N N 208 
LYS CB   C N N 209 
LYS CG   C N N 210 
LYS CD   C N N 211 
LYS CE   C N N 212 
LYS NZ   N N N 213 
LYS OXT  O N N 214 
LYS H    H N N 215 
LYS H2   H N N 216 
LYS HA   H N N 217 
LYS HB2  H N N 218 
LYS HB3  H N N 219 
LYS HG2  H N N 220 
LYS HG3  H N N 221 
LYS HD2  H N N 222 
LYS HD3  H N N 223 
LYS HE2  H N N 224 
LYS HE3  H N N 225 
LYS HZ1  H N N 226 
LYS HZ2  H N N 227 
LYS HZ3  H N N 228 
LYS HXT  H N N 229 
MET N    N N N 230 
MET CA   C N S 231 
MET C    C N N 232 
MET O    O N N 233 
MET CB   C N N 234 
MET CG   C N N 235 
MET SD   S N N 236 
MET CE   C N N 237 
MET OXT  O N N 238 
MET H    H N N 239 
MET H2   H N N 240 
MET HA   H N N 241 
MET HB2  H N N 242 
MET HB3  H N N 243 
MET HG2  H N N 244 
MET HG3  H N N 245 
MET HE1  H N N 246 
MET HE2  H N N 247 
MET HE3  H N N 248 
MET HXT  H N N 249 
PHE N    N N N 250 
PHE CA   C N S 251 
PHE C    C N N 252 
PHE O    O N N 253 
PHE CB   C N N 254 
PHE CG   C Y N 255 
PHE CD1  C Y N 256 
PHE CD2  C Y N 257 
PHE CE1  C Y N 258 
PHE CE2  C Y N 259 
PHE CZ   C Y N 260 
PHE OXT  O N N 261 
PHE H    H N N 262 
PHE H2   H N N 263 
PHE HA   H N N 264 
PHE HB2  H N N 265 
PHE HB3  H N N 266 
PHE HD1  H N N 267 
PHE HD2  H N N 268 
PHE HE1  H N N 269 
PHE HE2  H N N 270 
PHE HZ   H N N 271 
PHE HXT  H N N 272 
PRO N    N N N 273 
PRO CA   C N S 274 
PRO C    C N N 275 
PRO O    O N N 276 
PRO CB   C N N 277 
PRO CG   C N N 278 
PRO CD   C N N 279 
PRO OXT  O N N 280 
PRO H    H N N 281 
PRO HA   H N N 282 
PRO HB2  H N N 283 
PRO HB3  H N N 284 
PRO HG2  H N N 285 
PRO HG3  H N N 286 
PRO HD2  H N N 287 
PRO HD3  H N N 288 
PRO HXT  H N N 289 
SER N    N N N 290 
SER CA   C N S 291 
SER C    C N N 292 
SER O    O N N 293 
SER CB   C N N 294 
SER OG   O N N 295 
SER OXT  O N N 296 
SER H    H N N 297 
SER H2   H N N 298 
SER HA   H N N 299 
SER HB2  H N N 300 
SER HB3  H N N 301 
SER HG   H N N 302 
SER HXT  H N N 303 
THR N    N N N 304 
THR CA   C N S 305 
THR C    C N N 306 
THR O    O N N 307 
THR CB   C N R 308 
THR OG1  O N N 309 
THR CG2  C N N 310 
THR OXT  O N N 311 
THR H    H N N 312 
THR H2   H N N 313 
THR HA   H N N 314 
THR HB   H N N 315 
THR HG1  H N N 316 
THR HG21 H N N 317 
THR HG22 H N N 318 
THR HG23 H N N 319 
THR HXT  H N N 320 
TRP N    N N N 321 
TRP CA   C N S 322 
TRP C    C N N 323 
TRP O    O N N 324 
TRP CB   C N N 325 
TRP CG   C Y N 326 
TRP CD1  C Y N 327 
TRP CD2  C Y N 328 
TRP NE1  N Y N 329 
TRP CE2  C Y N 330 
TRP CE3  C Y N 331 
TRP CZ2  C Y N 332 
TRP CZ3  C Y N 333 
TRP CH2  C Y N 334 
TRP OXT  O N N 335 
TRP H    H N N 336 
TRP H2   H N N 337 
TRP HA   H N N 338 
TRP HB2  H N N 339 
TRP HB3  H N N 340 
TRP HD1  H N N 341 
TRP HE1  H N N 342 
TRP HE3  H N N 343 
TRP HZ2  H N N 344 
TRP HZ3  H N N 345 
TRP HH2  H N N 346 
TRP HXT  H N N 347 
TYR N    N N N 348 
TYR CA   C N S 349 
TYR C    C N N 350 
TYR O    O N N 351 
TYR CB   C N N 352 
TYR CG   C Y N 353 
TYR CD1  C Y N 354 
TYR CD2  C Y N 355 
TYR CE1  C Y N 356 
TYR CE2  C Y N 357 
TYR CZ   C Y N 358 
TYR OH   O N N 359 
TYR OXT  O N N 360 
TYR H    H N N 361 
TYR H2   H N N 362 
TYR HA   H N N 363 
TYR HB2  H N N 364 
TYR HB3  H N N 365 
TYR HD1  H N N 366 
TYR HD2  H N N 367 
TYR HE1  H N N 368 
TYR HE2  H N N 369 
TYR HH   H N N 370 
TYR HXT  H N N 371 
VAL N    N N N 372 
VAL CA   C N S 373 
VAL C    C N N 374 
VAL O    O N N 375 
VAL CB   C N N 376 
VAL CG1  C N N 377 
VAL CG2  C N N 378 
VAL OXT  O N N 379 
VAL H    H N N 380 
VAL H2   H N N 381 
VAL HA   H N N 382 
VAL HB   H N N 383 
VAL HG11 H N N 384 
VAL HG12 H N N 385 
VAL HG13 H N N 386 
VAL HG21 H N N 387 
VAL HG22 H N N 388 
VAL HG23 H N N 389 
VAL HXT  H N N 390 
# 
loop_
_chem_comp_bond.comp_id 
_chem_comp_bond.atom_id_1 
_chem_comp_bond.atom_id_2 
_chem_comp_bond.value_order 
_chem_comp_bond.pdbx_aromatic_flag 
_chem_comp_bond.pdbx_stereo_config 
_chem_comp_bond.pdbx_ordinal 
ALA N   CA   sing N N 1   
ALA N   H    sing N N 2   
ALA N   H2   sing N N 3   
ALA CA  C    sing N N 4   
ALA CA  CB   sing N N 5   
ALA CA  HA   sing N N 6   
ALA C   O    doub N N 7   
ALA C   OXT  sing N N 8   
ALA CB  HB1  sing N N 9   
ALA CB  HB2  sing N N 10  
ALA CB  HB3  sing N N 11  
ALA OXT HXT  sing N N 12  
ARG N   CA   sing N N 13  
ARG N   H    sing N N 14  
ARG N   H2   sing N N 15  
ARG CA  C    sing N N 16  
ARG CA  CB   sing N N 17  
ARG CA  HA   sing N N 18  
ARG C   O    doub N N 19  
ARG C   OXT  sing N N 20  
ARG CB  CG   sing N N 21  
ARG CB  HB2  sing N N 22  
ARG CB  HB3  sing N N 23  
ARG CG  CD   sing N N 24  
ARG CG  HG2  sing N N 25  
ARG CG  HG3  sing N N 26  
ARG CD  NE   sing N N 27  
ARG CD  HD2  sing N N 28  
ARG CD  HD3  sing N N 29  
ARG NE  CZ   sing N N 30  
ARG NE  HE   sing N N 31  
ARG CZ  NH1  sing N N 32  
ARG CZ  NH2  doub N N 33  
ARG NH1 HH11 sing N N 34  
ARG NH1 HH12 sing N N 35  
ARG NH2 HH21 sing N N 36  
ARG NH2 HH22 sing N N 37  
ARG OXT HXT  sing N N 38  
ASN N   CA   sing N N 39  
ASN N   H    sing N N 40  
ASN N   H2   sing N N 41  
ASN CA  C    sing N N 42  
ASN CA  CB   sing N N 43  
ASN CA  HA   sing N N 44  
ASN C   O    doub N N 45  
ASN C   OXT  sing N N 46  
ASN CB  CG   sing N N 47  
ASN CB  HB2  sing N N 48  
ASN CB  HB3  sing N N 49  
ASN CG  OD1  doub N N 50  
ASN CG  ND2  sing N N 51  
ASN ND2 HD21 sing N N 52  
ASN ND2 HD22 sing N N 53  
ASN OXT HXT  sing N N 54  
ASP N   CA   sing N N 55  
ASP N   H    sing N N 56  
ASP N   H2   sing N N 57  
ASP CA  C    sing N N 58  
ASP CA  CB   sing N N 59  
ASP CA  HA   sing N N 60  
ASP C   O    doub N N 61  
ASP C   OXT  sing N N 62  
ASP CB  CG   sing N N 63  
ASP CB  HB2  sing N N 64  
ASP CB  HB3  sing N N 65  
ASP CG  OD1  doub N N 66  
ASP CG  OD2  sing N N 67  
ASP OD2 HD2  sing N N 68  
ASP OXT HXT  sing N N 69  
CYS N   CA   sing N N 70  
CYS N   H    sing N N 71  
CYS N   H2   sing N N 72  
CYS CA  C    sing N N 73  
CYS CA  CB   sing N N 74  
CYS CA  HA   sing N N 75  
CYS C   O    doub N N 76  
CYS C   OXT  sing N N 77  
CYS CB  SG   sing N N 78  
CYS CB  HB2  sing N N 79  
CYS CB  HB3  sing N N 80  
CYS SG  HG   sing N N 81  
CYS OXT HXT  sing N N 82  
GLN N   CA   sing N N 83  
GLN N   H    sing N N 84  
GLN N   H2   sing N N 85  
GLN CA  C    sing N N 86  
GLN CA  CB   sing N N 87  
GLN CA  HA   sing N N 88  
GLN C   O    doub N N 89  
GLN C   OXT  sing N N 90  
GLN CB  CG   sing N N 91  
GLN CB  HB2  sing N N 92  
GLN CB  HB3  sing N N 93  
GLN CG  CD   sing N N 94  
GLN CG  HG2  sing N N 95  
GLN CG  HG3  sing N N 96  
GLN CD  OE1  doub N N 97  
GLN CD  NE2  sing N N 98  
GLN NE2 HE21 sing N N 99  
GLN NE2 HE22 sing N N 100 
GLN OXT HXT  sing N N 101 
GLU N   CA   sing N N 102 
GLU N   H    sing N N 103 
GLU N   H2   sing N N 104 
GLU CA  C    sing N N 105 
GLU CA  CB   sing N N 106 
GLU CA  HA   sing N N 107 
GLU C   O    doub N N 108 
GLU C   OXT  sing N N 109 
GLU CB  CG   sing N N 110 
GLU CB  HB2  sing N N 111 
GLU CB  HB3  sing N N 112 
GLU CG  CD   sing N N 113 
GLU CG  HG2  sing N N 114 
GLU CG  HG3  sing N N 115 
GLU CD  OE1  doub N N 116 
GLU CD  OE2  sing N N 117 
GLU OE2 HE2  sing N N 118 
GLU OXT HXT  sing N N 119 
GLY N   CA   sing N N 120 
GLY N   H    sing N N 121 
GLY N   H2   sing N N 122 
GLY CA  C    sing N N 123 
GLY CA  HA2  sing N N 124 
GLY CA  HA3  sing N N 125 
GLY C   O    doub N N 126 
GLY C   OXT  sing N N 127 
GLY OXT HXT  sing N N 128 
HIS N   CA   sing N N 129 
HIS N   H    sing N N 130 
HIS N   H2   sing N N 131 
HIS CA  C    sing N N 132 
HIS CA  CB   sing N N 133 
HIS CA  HA   sing N N 134 
HIS C   O    doub N N 135 
HIS C   OXT  sing N N 136 
HIS CB  CG   sing N N 137 
HIS CB  HB2  sing N N 138 
HIS CB  HB3  sing N N 139 
HIS CG  ND1  sing Y N 140 
HIS CG  CD2  doub Y N 141 
HIS ND1 CE1  doub Y N 142 
HIS ND1 HD1  sing N N 143 
HIS CD2 NE2  sing Y N 144 
HIS CD2 HD2  sing N N 145 
HIS CE1 NE2  sing Y N 146 
HIS CE1 HE1  sing N N 147 
HIS NE2 HE2  sing N N 148 
HIS OXT HXT  sing N N 149 
HOH O   H1   sing N N 150 
HOH O   H2   sing N N 151 
ILE N   CA   sing N N 152 
ILE N   H    sing N N 153 
ILE N   H2   sing N N 154 
ILE CA  C    sing N N 155 
ILE CA  CB   sing N N 156 
ILE CA  HA   sing N N 157 
ILE C   O    doub N N 158 
ILE C   OXT  sing N N 159 
ILE CB  CG1  sing N N 160 
ILE CB  CG2  sing N N 161 
ILE CB  HB   sing N N 162 
ILE CG1 CD1  sing N N 163 
ILE CG1 HG12 sing N N 164 
ILE CG1 HG13 sing N N 165 
ILE CG2 HG21 sing N N 166 
ILE CG2 HG22 sing N N 167 
ILE CG2 HG23 sing N N 168 
ILE CD1 HD11 sing N N 169 
ILE CD1 HD12 sing N N 170 
ILE CD1 HD13 sing N N 171 
ILE OXT HXT  sing N N 172 
LEU N   CA   sing N N 173 
LEU N   H    sing N N 174 
LEU N   H2   sing N N 175 
LEU CA  C    sing N N 176 
LEU CA  CB   sing N N 177 
LEU CA  HA   sing N N 178 
LEU C   O    doub N N 179 
LEU C   OXT  sing N N 180 
LEU CB  CG   sing N N 181 
LEU CB  HB2  sing N N 182 
LEU CB  HB3  sing N N 183 
LEU CG  CD1  sing N N 184 
LEU CG  CD2  sing N N 185 
LEU CG  HG   sing N N 186 
LEU CD1 HD11 sing N N 187 
LEU CD1 HD12 sing N N 188 
LEU CD1 HD13 sing N N 189 
LEU CD2 HD21 sing N N 190 
LEU CD2 HD22 sing N N 191 
LEU CD2 HD23 sing N N 192 
LEU OXT HXT  sing N N 193 
LYS N   CA   sing N N 194 
LYS N   H    sing N N 195 
LYS N   H2   sing N N 196 
LYS CA  C    sing N N 197 
LYS CA  CB   sing N N 198 
LYS CA  HA   sing N N 199 
LYS C   O    doub N N 200 
LYS C   OXT  sing N N 201 
LYS CB  CG   sing N N 202 
LYS CB  HB2  sing N N 203 
LYS CB  HB3  sing N N 204 
LYS CG  CD   sing N N 205 
LYS CG  HG2  sing N N 206 
LYS CG  HG3  sing N N 207 
LYS CD  CE   sing N N 208 
LYS CD  HD2  sing N N 209 
LYS CD  HD3  sing N N 210 
LYS CE  NZ   sing N N 211 
LYS CE  HE2  sing N N 212 
LYS CE  HE3  sing N N 213 
LYS NZ  HZ1  sing N N 214 
LYS NZ  HZ2  sing N N 215 
LYS NZ  HZ3  sing N N 216 
LYS OXT HXT  sing N N 217 
MET N   CA   sing N N 218 
MET N   H    sing N N 219 
MET N   H2   sing N N 220 
MET CA  C    sing N N 221 
MET CA  CB   sing N N 222 
MET CA  HA   sing N N 223 
MET C   O    doub N N 224 
MET C   OXT  sing N N 225 
MET CB  CG   sing N N 226 
MET CB  HB2  sing N N 227 
MET CB  HB3  sing N N 228 
MET CG  SD   sing N N 229 
MET CG  HG2  sing N N 230 
MET CG  HG3  sing N N 231 
MET SD  CE   sing N N 232 
MET CE  HE1  sing N N 233 
MET CE  HE2  sing N N 234 
MET CE  HE3  sing N N 235 
MET OXT HXT  sing N N 236 
PHE N   CA   sing N N 237 
PHE N   H    sing N N 238 
PHE N   H2   sing N N 239 
PHE CA  C    sing N N 240 
PHE CA  CB   sing N N 241 
PHE CA  HA   sing N N 242 
PHE C   O    doub N N 243 
PHE C   OXT  sing N N 244 
PHE CB  CG   sing N N 245 
PHE CB  HB2  sing N N 246 
PHE CB  HB3  sing N N 247 
PHE CG  CD1  doub Y N 248 
PHE CG  CD2  sing Y N 249 
PHE CD1 CE1  sing Y N 250 
PHE CD1 HD1  sing N N 251 
PHE CD2 CE2  doub Y N 252 
PHE CD2 HD2  sing N N 253 
PHE CE1 CZ   doub Y N 254 
PHE CE1 HE1  sing N N 255 
PHE CE2 CZ   sing Y N 256 
PHE CE2 HE2  sing N N 257 
PHE CZ  HZ   sing N N 258 
PHE OXT HXT  sing N N 259 
PRO N   CA   sing N N 260 
PRO N   CD   sing N N 261 
PRO N   H    sing N N 262 
PRO CA  C    sing N N 263 
PRO CA  CB   sing N N 264 
PRO CA  HA   sing N N 265 
PRO C   O    doub N N 266 
PRO C   OXT  sing N N 267 
PRO CB  CG   sing N N 268 
PRO CB  HB2  sing N N 269 
PRO CB  HB3  sing N N 270 
PRO CG  CD   sing N N 271 
PRO CG  HG2  sing N N 272 
PRO CG  HG3  sing N N 273 
PRO CD  HD2  sing N N 274 
PRO CD  HD3  sing N N 275 
PRO OXT HXT  sing N N 276 
SER N   CA   sing N N 277 
SER N   H    sing N N 278 
SER N   H2   sing N N 279 
SER CA  C    sing N N 280 
SER CA  CB   sing N N 281 
SER CA  HA   sing N N 282 
SER C   O    doub N N 283 
SER C   OXT  sing N N 284 
SER CB  OG   sing N N 285 
SER CB  HB2  sing N N 286 
SER CB  HB3  sing N N 287 
SER OG  HG   sing N N 288 
SER OXT HXT  sing N N 289 
THR N   CA   sing N N 290 
THR N   H    sing N N 291 
THR N   H2   sing N N 292 
THR CA  C    sing N N 293 
THR CA  CB   sing N N 294 
THR CA  HA   sing N N 295 
THR C   O    doub N N 296 
THR C   OXT  sing N N 297 
THR CB  OG1  sing N N 298 
THR CB  CG2  sing N N 299 
THR CB  HB   sing N N 300 
THR OG1 HG1  sing N N 301 
THR CG2 HG21 sing N N 302 
THR CG2 HG22 sing N N 303 
THR CG2 HG23 sing N N 304 
THR OXT HXT  sing N N 305 
TRP N   CA   sing N N 306 
TRP N   H    sing N N 307 
TRP N   H2   sing N N 308 
TRP CA  C    sing N N 309 
TRP CA  CB   sing N N 310 
TRP CA  HA   sing N N 311 
TRP C   O    doub N N 312 
TRP C   OXT  sing N N 313 
TRP CB  CG   sing N N 314 
TRP CB  HB2  sing N N 315 
TRP CB  HB3  sing N N 316 
TRP CG  CD1  doub Y N 317 
TRP CG  CD2  sing Y N 318 
TRP CD1 NE1  sing Y N 319 
TRP CD1 HD1  sing N N 320 
TRP CD2 CE2  doub Y N 321 
TRP CD2 CE3  sing Y N 322 
TRP NE1 CE2  sing Y N 323 
TRP NE1 HE1  sing N N 324 
TRP CE2 CZ2  sing Y N 325 
TRP CE3 CZ3  doub Y N 326 
TRP CE3 HE3  sing N N 327 
TRP CZ2 CH2  doub Y N 328 
TRP CZ2 HZ2  sing N N 329 
TRP CZ3 CH2  sing Y N 330 
TRP CZ3 HZ3  sing N N 331 
TRP CH2 HH2  sing N N 332 
TRP OXT HXT  sing N N 333 
TYR N   CA   sing N N 334 
TYR N   H    sing N N 335 
TYR N   H2   sing N N 336 
TYR CA  C    sing N N 337 
TYR CA  CB   sing N N 338 
TYR CA  HA   sing N N 339 
TYR C   O    doub N N 340 
TYR C   OXT  sing N N 341 
TYR CB  CG   sing N N 342 
TYR CB  HB2  sing N N 343 
TYR CB  HB3  sing N N 344 
TYR CG  CD1  doub Y N 345 
TYR CG  CD2  sing Y N 346 
TYR CD1 CE1  sing Y N 347 
TYR CD1 HD1  sing N N 348 
TYR CD2 CE2  doub Y N 349 
TYR CD2 HD2  sing N N 350 
TYR CE1 CZ   doub Y N 351 
TYR CE1 HE1  sing N N 352 
TYR CE2 CZ   sing Y N 353 
TYR CE2 HE2  sing N N 354 
TYR CZ  OH   sing N N 355 
TYR OH  HH   sing N N 356 
TYR OXT HXT  sing N N 357 
VAL N   CA   sing N N 358 
VAL N   H    sing N N 359 
VAL N   H2   sing N N 360 
VAL CA  C    sing N N 361 
VAL CA  CB   sing N N 362 
VAL CA  HA   sing N N 363 
VAL C   O    doub N N 364 
VAL C   OXT  sing N N 365 
VAL CB  CG1  sing N N 366 
VAL CB  CG2  sing N N 367 
VAL CB  HB   sing N N 368 
VAL CG1 HG11 sing N N 369 
VAL CG1 HG12 sing N N 370 
VAL CG1 HG13 sing N N 371 
VAL CG2 HG21 sing N N 372 
VAL CG2 HG22 sing N N 373 
VAL CG2 HG23 sing N N 374 
VAL OXT HXT  sing N N 375 
# 
_pdbx_audit_support.funding_organization   'Israel Science Foundation' 
_pdbx_audit_support.country                Israel 
_pdbx_audit_support.grant_number           491/2021 
_pdbx_audit_support.ordinal                1 
# 
_pdbx_initial_refinement_model.id               1 
_pdbx_initial_refinement_model.entity_id_list   ? 
_pdbx_initial_refinement_model.type             'experimental model' 
_pdbx_initial_refinement_model.source_name      PDB 
_pdbx_initial_refinement_model.accession_code   2Z6O 
_pdbx_initial_refinement_model.details          ? 
# 
_atom_sites.entry_id                    9GLR 
_atom_sites.Cartn_transf_matrix[1][1]   ? 
_atom_sites.Cartn_transf_matrix[1][2]   ? 
_atom_sites.Cartn_transf_matrix[1][3]   ? 
_atom_sites.Cartn_transf_matrix[2][1]   ? 
_atom_sites.Cartn_transf_matrix[2][2]   ? 
_atom_sites.Cartn_transf_matrix[2][3]   ? 
_atom_sites.Cartn_transf_matrix[3][1]   ? 
_atom_sites.Cartn_transf_matrix[3][2]   ? 
_atom_sites.Cartn_transf_matrix[3][3]   ? 
_atom_sites.Cartn_transf_vector[1]      ? 
_atom_sites.Cartn_transf_vector[2]      ? 
_atom_sites.Cartn_transf_vector[3]      ? 
_atom_sites.Cartn_transform_axes        ? 
_atom_sites.fract_transf_matrix[1][1]   0.00582038 
_atom_sites.fract_transf_matrix[1][2]   -0.00369649 
_atom_sites.fract_transf_matrix[1][3]   -0.02815090 
_atom_sites.fract_transf_matrix[2][1]   -0.00956303 
_atom_sites.fract_transf_matrix[2][2]   -0.00365617 
_atom_sites.fract_transf_matrix[2][3]   -0.00149713 
_atom_sites.fract_transf_matrix[3][1]   -0.00296373 
_atom_sites.fract_transf_matrix[3][2]   0.00845756 
_atom_sites.fract_transf_matrix[3][3]   -0.00172333 
_atom_sites.fract_transf_vector[1]      -0.350888 
_atom_sites.fract_transf_vector[2]      -0.194816 
_atom_sites.fract_transf_vector[3]      -0.107966 
_atom_sites.solution_primary            ? 
_atom_sites.solution_secondary          ? 
_atom_sites.solution_hydrogens          ? 
_atom_sites.special_details             ? 
# 
loop_
_atom_type.symbol 
_atom_type.pdbx_scat_Z 
_atom_type.pdbx_N_electrons 
_atom_type.scat_Cromer_Mann_a1 
_atom_type.scat_Cromer_Mann_b1 
_atom_type.scat_Cromer_Mann_a2 
_atom_type.scat_Cromer_Mann_b2 
_atom_type.scat_Cromer_Mann_a3 
_atom_type.scat_Cromer_Mann_b3 
_atom_type.scat_Cromer_Mann_a4 
_atom_type.scat_Cromer_Mann_b4 
_atom_type.scat_Cromer_Mann_c 
C 6  6  2.310  20.844 1.020 10.208 1.589 0.569  0.865 51.651 0.216   
H 1  1  0.493  10.511 0.323 26.126 0.140 3.142  0.041 57.800 0.003   
N 7  7  12.222 0.006  3.135 9.893  2.014 28.997 1.167 0.583  -11.538 
O 8  8  3.049  13.277 2.287 5.701  1.546 0.324  0.867 32.909 0.251   
S 16 16 6.905  1.468  5.203 22.215 1.438 0.254  1.586 56.172 1.018   
# 
loop_
_atom_site.group_PDB 
_atom_site.id 
_atom_site.type_symbol 
_atom_site.label_atom_id 
_atom_site.label_alt_id 
_atom_site.label_comp_id 
_atom_site.label_asym_id 
_atom_site.label_entity_id 
_atom_site.label_seq_id 
_atom_site.pdbx_PDB_ins_code 
_atom_site.Cartn_x 
_atom_site.Cartn_y 
_atom_site.Cartn_z 
_atom_site.occupancy 
_atom_site.B_iso_or_equiv 
_atom_site.pdbx_formal_charge 
_atom_site.auth_seq_id 
_atom_site.auth_comp_id 
_atom_site.auth_asym_id 
_atom_site.auth_atom_id 
_atom_site.pdbx_PDB_model_num 
_atom_site.calc_flag 
ATOM   1    N N   . SER A 1 3   ? 17.624  15.978  2.909   1.000 42.739 0 2   SER AAA N   1 ? 
ATOM   2    C CA  . SER A 1 3   ? 17.077  14.604  3.214   1.000 42.130 0 2   SER AAA CA  1 ? 
ATOM   3    C C   . SER A 1 3   ? 17.341  14.219  4.677   1.000 36.135 0 2   SER AAA C   1 ? 
ATOM   4    O O   . SER A 1 3   ? 16.703  13.274  5.119   1.000 31.201 0 2   SER AAA O   1 ? 
ATOM   5    C CB  . SER A 1 3   ? 17.639  13.529  2.286   1.000 43.167 0 2   SER AAA CB  1 ? 
ATOM   6    O OG  . SER A 1 3   ? 18.252  14.096  1.146   1.000 57.782 0 2   SER AAA OG  1 ? 
ATOM   7    N N   . GLY A 1 4   ? 18.270  14.865  5.397   1.000 35.898 0 3   GLY AAA N   1 ? 
ATOM   8    C CA  . GLY A 1 4   ? 18.509  14.611  6.838   1.000 35.846 0 3   GLY AAA CA  1 ? 
ATOM   9    C C   . GLY A 1 4   ? 17.245  14.357  7.656   1.000 34.831 0 3   GLY AAA C   1 ? 
ATOM   10   O O   . GLY A 1 4   ? 17.224  13.325  8.400   1.000 34.075 0 3   GLY AAA O   1 ? 
ATOM   11   N N   . ILE A 1 5   ? 16.272  15.287  7.629   1.000 30.201 0 4   ILE AAA N   1 ? 
ATOM   12   C CA  . ILE A 1 5   ? 15.042  15.244  8.477   1.000 30.161 0 4   ILE AAA CA  1 ? 
ATOM   13   C C   . ILE A 1 5   ? 14.275  13.970  8.098   1.000 28.996 0 4   ILE AAA C   1 ? 
ATOM   14   O O   . ILE A 1 5   ? 13.876  13.216  9.003   1.000 26.164 0 4   ILE AAA O   1 ? 
ATOM   15   C CB  . ILE A 1 5   ? 14.214  16.534  8.335   1.000 32.268 0 4   ILE AAA CB  1 ? 
ATOM   16   C CG1 . ILE A 1 5   ? 14.932  17.756  8.938   1.000 34.611 0 4   ILE AAA CG1 1 ? 
ATOM   17   C CG2 . ILE A 1 5   ? 12.821  16.383  8.926   1.000 32.005 0 4   ILE AAA CG2 1 ? 
ATOM   18   C CD1 . ILE A 1 5   ? 14.293  19.084  8.561   1.000 34.467 0 4   ILE AAA CD1 1 ? 
ATOM   19   N N   . ALA A 1 6   ? 14.180  13.679  6.805   1.000 29.794 0 5   ALA AAA N   1 ? 
ATOM   20   C CA  . ALA A 1 6   ? 13.481  12.480  6.261   1.000 28.460 0 5   ALA AAA CA  1 ? 
ATOM   21   C C   . ALA A 1 6   ? 14.179  11.196  6.714   1.000 27.101 0 5   ALA AAA C   1 ? 
ATOM   22   O O   . ALA A 1 6   ? 13.519  10.293  7.256   1.000 26.045 0 5   ALA AAA O   1 ? 
ATOM   23   C CB  . ALA A 1 6   ? 13.454  12.574  4.749   1.000 29.155 0 5   ALA AAA CB  1 ? 
ATOM   24   N N   . LEU A 1 7   ? 15.500  11.099  6.525   1.000 28.745 0 6   LEU AAA N   1 ? 
ATOM   25   C CA  . LEU A 1 7   ? 16.255  9.876   6.900   1.000 27.333 0 6   LEU AAA CA  1 ? 
ATOM   26   C C   . LEU A 1 7   ? 16.186  9.597   8.397   1.000 25.942 0 6   LEU AAA C   1 ? 
ATOM   27   O O   . LEU A 1 7   ? 16.190  8.406   8.766   1.000 26.923 0 6   LEU AAA O   1 ? 
ATOM   28   C CB  . LEU A 1 7   ? 17.706  10.008  6.457   1.000 30.319 0 6   LEU AAA CB  1 ? 
ATOM   29   C CG  . LEU A 1 7   ? 17.891  10.028  4.944   1.000 29.843 0 6   LEU AAA CG  1 ? 
ATOM   30   C CD1 . LEU A 1 7   ? 19.340  10.341  4.598   1.000 33.537 0 6   LEU AAA CD1 1 ? 
ATOM   31   C CD2 . LEU A 1 7   ? 17.457  8.702   4.357   1.000 28.610 0 6   LEU AAA CD2 1 ? 
ATOM   32   N N   . SER A 1 8   ? 16.227  10.635  9.215   1.000 27.145 0 7   SER AAA N   1 ? 
ATOM   33   C CA  . SER A 1 8   ? 16.110  10.539  10.693  1.000 28.014 0 7   SER AAA CA  1 ? 
ATOM   34   C C   . SER A 1 8   ? 14.773  9.863   11.025  1.000 28.799 0 7   SER AAA C   1 ? 
ATOM   35   O O   . SER A 1 8   ? 14.743  8.830   11.756  1.000 28.883 0 7   SER AAA O   1 ? 
ATOM   36   C CB  . SER A 1 8   ? 16.254  11.889  11.308  1.000 28.402 0 7   SER AAA CB  1 ? 
ATOM   37   O OG  . SER A 1 8   ? 16.128  11.766  12.704  1.000 30.767 0 7   SER AAA OG  1 ? 
ATOM   38   N N   . ARG A 1 9   ? 13.692  10.358  10.433  1.000 28.160 0 8   ARG AAA N   1 ? 
ATOM   39   C CA  . ARG A 1 9   ? 12.349  9.782   10.646  1.000 26.354 0 8   ARG AAA CA  1 ? 
ATOM   40   C C   . ARG A 1 9   ? 12.295  8.340   10.093  1.000 24.342 0 8   ARG AAA C   1 ? 
ATOM   41   O O   . ARG A 1 9   ? 11.677  7.478   10.735  1.000 24.695 0 8   ARG AAA O   1 ? 
ATOM   42   C CB  . ARG A 1 9   ? 11.280  10.704  10.041  1.000 27.094 0 8   ARG AAA CB  1 ? 
ATOM   43   C CG  . ARG A 1 9   ? 9.874   10.119  10.136  1.000 26.946 0 8   ARG AAA CG  1 ? 
ATOM   44   C CD  . ARG A 1 9   ? 9.340   9.859   11.540  1.000 27.503 0 8   ARG AAA CD  1 ? 
ATOM   45   N NE  . ARG A 1 9   ? 7.984   9.313   11.342  1.000 28.081 0 8   ARG AAA NE  1 ? 
ATOM   46   C CZ  . ARG A 1 9   ? 6.900   10.047  11.069  1.000 29.117 0 8   ARG AAA CZ  1 ? 
ATOM   47   N NH1 . ARG A 1 9   ? 6.958   11.370  11.057  1.000 27.247 0 8   ARG AAA NH1 1 ? 
ATOM   48   N NH2 . ARG A 1 9   ? 5.748   9.452   10.815  1.000 30.112 0 8   ARG AAA NH2 1 ? 
ATOM   49   N N   . LEU A 1 10  ? 12.820  8.093   8.897   1.000 26.136 0 9   LEU AAA N   1 ? 
ATOM   50   C CA  . LEU A 1 10  ? 12.699  6.765   8.241   1.000 25.299 0 9   LEU AAA CA  1 ? 
ATOM   51   C C   . LEU A 1 10  ? 13.499  5.729   9.035   1.000 29.573 0 9   LEU AAA C   1 ? 
ATOM   52   O O   . LEU A 1 10  ? 13.019  4.600   9.206   1.000 26.312 0 9   LEU AAA O   1 ? 
ATOM   53   C CB  . LEU A 1 10  ? 13.127  6.888   6.777   1.000 25.355 0 9   LEU AAA CB  1 ? 
ATOM   54   C CG  . LEU A 1 10  ? 12.139  7.639   5.907   1.000 25.636 0 9   LEU AAA CG  1 ? 
ATOM   55   C CD1 . LEU A 1 10  ? 12.780  8.106   4.637   1.000 28.137 0 9   LEU AAA CD1 1 ? 
ATOM   56   C CD2 . LEU A 1 10  ? 10.890  6.784   5.611   1.000 27.305 0 9   LEU AAA CD2 1 ? 
ATOM   57   N N   . ALA A 1 11  ? 14.624  6.112   9.651   1.000 28.614 0 10  ALA AAA N   1 ? 
ATOM   58   C CA  . ALA A 1 11  ? 15.356  5.181   10.539  1.000 29.275 0 10  ALA AAA CA  1 ? 
ATOM   59   C C   . ALA A 1 11  ? 14.498  4.880   11.783  1.000 27.103 0 10  ALA AAA C   1 ? 
ATOM   60   O O   . ALA A 1 11  ? 14.494  3.720   12.221  1.000 30.254 0 10  ALA AAA O   1 ? 
ATOM   61   C CB  . ALA A 1 11  ? 16.714  5.742   10.876  1.000 27.918 0 10  ALA AAA CB  1 ? 
ATOM   62   N N   . GLN A 1 12  ? 13.736  5.842   12.306  1.000 30.906 0 11  GLN AAA N   1 ? 
ATOM   63   C CA  . GLN A 1 12  ? 12.851  5.624   13.497  1.000 28.573 0 11  GLN AAA CA  1 ? 
ATOM   64   C C   . GLN A 1 12  ? 11.688  4.705   13.103  1.000 28.760 0 11  GLN AAA C   1 ? 
ATOM   65   O O   . GLN A 1 12  ? 11.304  3.848   13.913  1.000 25.774 0 11  GLN AAA O   1 ? 
ATOM   66   C CB  . GLN A 1 12  ? 12.277  6.922   14.045  1.000 32.573 0 11  GLN AAA CB  1 ? 
ATOM   67   C CG  . GLN A 1 12  ? 13.334  7.839   14.642  1.000 38.489 0 11  GLN AAA CG  1 ? 
ATOM   68   C CD  . GLN A 1 12  ? 12.831  9.214   15.023  1.000 40.677 0 11  GLN AAA CD  1 ? 
ATOM   69   O OE1 . GLN A 1 12  ? 13.246  9.797   16.024  1.000 51.294 0 11  GLN AAA OE1 1 ? 
ATOM   70   N NE2 . GLN A 1 12  ? 11.935  9.772   14.243  1.000 38.313 0 11  GLN AAA NE2 1 ? 
ATOM   71   N N   . GLU A 1 13  ? 11.169  4.842   11.879  1.000 27.210 0 12  GLU AAA N   1 ? 
ATOM   72   C CA  . GLU A 1 13  ? 10.104  3.925   11.364  1.000 27.058 0 12  GLU AAA CA  1 ? 
ATOM   73   C C   . GLU A 1 13  ? 10.632  2.496   11.217  1.000 26.403 0 12  GLU AAA C   1 ? 
ATOM   74   O O   . GLU A 1 13  ? 9.890   1.556   11.535  1.000 25.688 0 12  GLU AAA O   1 ? 
ATOM   75   C CB  . GLU A 1 13  ? 9.582   4.391   9.995   1.000 28.180 0 12  GLU AAA CB  1 ? 
ATOM   76   C CG  . GLU A 1 13  ? 8.804   5.689   10.049  1.000 27.865 0 12  GLU AAA CG  1 ? 
ATOM   77   C CD  . GLU A 1 13  ? 7.416   5.619   10.668  1.000 32.339 0 12  GLU AAA CD  1 ? 
ATOM   78   O OE1 . GLU A 1 13  ? 6.775   4.549   10.546  1.000 32.771 0 12  GLU AAA OE1 1 ? 
ATOM   79   O OE2 . GLU A 1 13  ? 6.965   6.639   11.260  1.000 31.513 0 12  GLU AAA OE2 1 ? 
ATOM   80   N N   . ARG A 1 14  ? 11.840  2.314   10.669  1.000 24.906 0 13  ARG AAA N   1 ? 
ATOM   81   C CA  . ARG A 1 14  ? 12.453  0.972   10.534  1.000 27.575 0 13  ARG AAA CA  1 ? 
ATOM   82   C C   . ARG A 1 14  ? 12.616  0.344   11.921  1.000 28.618 0 13  ARG AAA C   1 ? 
ATOM   83   O O   . ARG A 1 14  ? 12.244  -0.833  12.068  1.000 28.600 0 13  ARG AAA O   1 ? 
ATOM   84   C CB  . ARG A 1 14  ? 13.782  1.040   9.788   1.000 30.741 0 13  ARG AAA CB  1 ? 
ATOM   85   C CG  . ARG A 1 14  ? 14.383  -0.324  9.495   1.000 33.707 0 13  ARG AAA CG  1 ? 
ATOM   86   C CD  . ARG A 1 14  ? 15.519  -0.229  8.502   1.000 40.447 0 13  ARG AAA CD  1 ? 
ATOM   87   N NE  . ARG A 1 14  ? 16.864  -0.127  9.048   1.000 51.734 0 13  ARG AAA NE  1 ? 
ATOM   88   C CZ  . ARG A 1 14  ? 17.666  -1.150  9.311   1.000 52.448 0 13  ARG AAA CZ  1 ? 
ATOM   89   N NH1 . ARG A 1 14  ? 17.231  -2.386  9.134   1.000 55.006 0 13  ARG AAA NH1 1 ? 
ATOM   90   N N   . LYS A 1 15  ? 13.130  1.099   12.897  1.000 31.256 0 14  LYS AAA N   1 ? 
ATOM   91   C CA  . LYS A 1 15  ? 13.250  0.619   14.308  1.000 35.608 0 14  LYS AAA CA  1 ? 
ATOM   92   C C   . LYS A 1 15  ? 11.891  0.147   14.853  1.000 33.417 0 14  LYS AAA C   1 ? 
ATOM   93   O O   . LYS A 1 15  ? 11.840  -0.952  15.457  1.000 34.239 0 14  LYS AAA O   1 ? 
ATOM   94   C CB  . LYS A 1 15  ? 13.817  1.703   15.230  1.000 37.743 0 14  LYS AAA CB  1 ? 
ATOM   95   C CG  . LYS A 1 15  ? 14.193  1.218   16.633  1.000 39.212 0 14  LYS AAA CG  1 ? 
ATOM   96   C CD  . LYS A 1 15  ? 14.748  2.299   17.576  1.000 40.223 0 14  LYS AAA CD  1 ? 
ATOM   97   N N   . ALA A 1 16  ? 10.840  0.951   14.721  1.000 31.499 0 15  ALA AAA N   1 ? 
ATOM   98   C CA  . ALA A 1 16  ? 9.497   0.675   15.271  1.000 33.713 0 15  ALA AAA CA  1 ? 
ATOM   99   C C   . ALA A 1 16  ? 8.941   -0.564  14.563  1.000 32.776 0 15  ALA AAA C   1 ? 
ATOM   100  O O   . ALA A 1 16  ? 8.420   -1.486  15.255  1.000 30.019 0 15  ALA AAA O   1 ? 
ATOM   101  C CB  . ALA A 1 16  ? 8.578   1.873   15.143  1.000 35.740 0 15  ALA AAA CB  1 ? 
ATOM   102  N N   . TRP A 1 17  ? 9.096   -0.625  13.242  1.000 31.588 0 16  TRP AAA N   1 ? 
ATOM   103  C CA  . TRP A 1 17  ? 8.562   -1.756  12.438  1.000 31.135 0 16  TRP AAA CA  1 ? 
ATOM   104  C C   . TRP A 1 17  ? 9.252   -3.071  12.834  1.000 34.137 0 16  TRP AAA C   1 ? 
ATOM   105  O O   . TRP A 1 17  ? 8.557   -4.095  12.993  1.000 33.816 0 16  TRP AAA O   1 ? 
ATOM   106  C CB  . TRP A 1 17  ? 8.673   -1.436  10.948  1.000 30.503 0 16  TRP AAA CB  1 ? 
ATOM   107  C CG  . TRP A 1 17  ? 8.109   -2.533  10.112  1.000 28.086 0 16  TRP AAA CG  1 ? 
ATOM   108  C CD1 . TRP A 1 17  ? 8.775   -3.619  9.645   1.000 30.058 0 16  TRP AAA CD1 1 ? 
ATOM   109  C CD2 . TRP A 1 17  ? 6.748   -2.685  9.707   1.000 30.878 0 16  TRP AAA CD2 1 ? 
ATOM   110  N NE1 . TRP A 1 17  ? 7.925   -4.424  8.938   1.000 27.794 0 16  TRP AAA NE1 1 ? 
ATOM   111  C CE2 . TRP A 1 17  ? 6.665   -3.900  8.993   1.000 27.769 0 16  TRP AAA CE2 1 ? 
ATOM   112  C CE3 . TRP A 1 17  ? 5.586   -1.929  9.892   1.000 30.225 0 16  TRP AAA CE3 1 ? 
ATOM   113  C CZ2 . TRP A 1 17  ? 5.470   -4.355  8.437   1.000 27.411 0 16  TRP AAA CZ2 1 ? 
ATOM   114  C CZ3 . TRP A 1 17  ? 4.410   -2.373  9.339   1.000 28.025 0 16  TRP AAA CZ3 1 ? 
ATOM   115  C CH2 . TRP A 1 17  ? 4.349   -3.586  8.650   1.000 27.496 0 16  TRP AAA CH2 1 ? 
ATOM   116  N N   . ARG A 1 18  ? 10.575  -3.065  13.004  1.000 37.530 0 17  ARG AAA N   1 ? 
ATOM   117  C CA  . ARG A 1 18  ? 11.349  -4.290  13.347  1.000 42.428 0 17  ARG AAA CA  1 ? 
ATOM   118  C C   . ARG A 1 18  ? 10.950  -4.757  14.748  1.000 42.775 0 17  ARG AAA C   1 ? 
ATOM   119  O O   . ARG A 1 18  ? 10.758  -5.966  14.942  1.000 41.067 0 17  ARG AAA O   1 ? 
ATOM   120  C CB  . ARG A 1 18  ? 12.850  -4.038  13.200  1.000 45.567 0 17  ARG AAA CB  1 ? 
ATOM   121  C CG  . ARG A 1 18  ? 13.291  -3.977  11.746  1.000 43.804 0 17  ARG AAA CG  1 ? 
ATOM   122  C CD  . ARG A 1 18  ? 14.707  -3.471  11.582  1.000 48.739 0 17  ARG AAA CD  1 ? 
ATOM   123  N NE  . ARG A 1 18  ? 15.723  -4.305  12.211  1.000 54.449 0 17  ARG AAA NE  1 ? 
ATOM   124  C CZ  . ARG A 1 18  ? 16.124  -5.510  11.797  1.000 63.823 0 17  ARG AAA CZ  1 ? 
ATOM   125  N NH1 . ARG A 1 18  ? 15.584  -6.092  10.735  1.000 62.139 0 17  ARG AAA NH1 1 ? 
ATOM   126  N NH2 . ARG A 1 18  ? 17.075  -6.140  12.471  1.000 65.431 0 17  ARG AAA NH2 1 ? 
ATOM   127  N N   . LYS A 1 19  ? 10.731  -3.821  15.670  1.000 39.029 0 18  LYS AAA N   1 ? 
ATOM   128  C CA  . LYS A 1 19  ? 10.361  -4.138  17.063  1.000 41.872 0 18  LYS AAA CA  1 ? 
ATOM   129  C C   . LYS A 1 19  ? 8.969   -4.784  17.117  1.000 41.855 0 18  LYS AAA C   1 ? 
ATOM   130  O O   . LYS A 1 19  ? 8.775   -5.687  17.960  1.000 40.901 0 18  LYS AAA O   1 ? 
ATOM   131  C CB  . LYS A 1 19  ? 10.432  -2.854  17.893  1.000 44.689 0 18  LYS AAA CB  1 ? 
ATOM   132  C CG  . LYS A 1 19  ? 9.743   -2.941  19.241  1.000 48.118 0 18  LYS AAA CG  1 ? 
ATOM   133  C CD  . LYS A 1 19  ? 10.348  -2.048  20.273  1.000 54.504 0 18  LYS AAA CD  1 ? 
ATOM   134  C CE  . LYS A 1 19  ? 9.867   -2.410  21.661  1.000 54.308 0 18  LYS AAA CE  1 ? 
ATOM   135  N NZ  . LYS A 1 19  ? 9.919   -1.235  22.556  1.000 58.665 0 18  LYS AAA NZ  1 ? 
ATOM   136  N N   . ASP A 1 20  ? 8.020   -4.354  16.274  1.000 38.998 0 19  ASP AAA N   1 ? 
ATOM   137  C CA  . ASP A 1 20  ? 6.641   -4.905  16.285  1.000 38.336 0 19  ASP AAA CA  1 ? 
ATOM   138  C C   . ASP A 1 20  ? 5.876   -4.448  15.049  1.000 39.785 0 19  ASP AAA C   1 ? 
ATOM   139  O O   . ASP A 1 20  ? 5.720   -3.227  14.849  1.000 34.498 0 19  ASP AAA O   1 ? 
ATOM   140  C CB  . ASP A 1 20  ? 5.859   -4.454  17.517  1.000 45.993 0 19  ASP AAA CB  1 ? 
ATOM   141  C CG  . ASP A 1 20  ? 4.418   -4.937  17.527  1.000 54.629 0 19  ASP AAA CG  1 ? 
ATOM   142  O OD1 . ASP A 1 20  ? 4.224   -6.166  17.496  1.000 60.653 0 19  ASP AAA OD1 1 ? 
ATOM   143  O OD2 . ASP A 1 20  ? 3.501   -4.076  17.538  1.000 56.261 0 19  ASP AAA OD2 1 ? 
ATOM   144  N N   . HIS A 1 21  ? 5.359   -5.402  14.282  1.000 33.326 0 20  HIS AAA N   1 ? 
ATOM   145  C CA  . HIS A 1 21  ? 4.550   -5.110  13.078  1.000 33.987 0 20  HIS AAA CA  1 ? 
ATOM   146  C C   . HIS A 1 21  ? 3.476   -6.173  12.958  1.000 31.328 0 20  HIS AAA C   1 ? 
ATOM   147  O O   . HIS A 1 21  ? 3.633   -7.246  13.525  1.000 31.916 0 20  HIS AAA O   1 ? 
ATOM   148  C CB  . HIS A 1 21  ? 5.442   -5.026  11.836  1.000 32.826 0 20  HIS AAA CB  1 ? 
ATOM   149  C CG  . HIS A 1 21  ? 6.189   -6.257  11.477  1.000 32.910 0 20  HIS AAA CG  1 ? 
ATOM   150  N ND1 . HIS A 1 21  ? 7.505   -6.448  11.837  1.000 35.263 0 20  HIS AAA ND1 1 ? 
ATOM   151  C CD2 . HIS A 1 21  ? 5.832   -7.340  10.740  1.000 34.294 0 20  HIS AAA CD2 1 ? 
ATOM   152  C CE1 . HIS A 1 21  ? 7.936   -7.597  11.337  1.000 36.443 0 20  HIS AAA CE1 1 ? 
ATOM   153  N NE2 . HIS A 1 21  ? 6.922   -8.173  10.683  1.000 35.678 0 20  HIS AAA NE2 1 ? 
ATOM   154  N N   . PRO A 1 22  ? 2.382   -5.902  12.229  1.000 33.878 0 21  PRO AAA N   1 ? 
ATOM   155  C CA  . PRO A 1 22  ? 1.298   -6.867  12.114  1.000 35.100 0 21  PRO AAA CA  1 ? 
ATOM   156  C C   . PRO A 1 22  ? 1.744   -8.130  11.366  1.000 35.407 0 21  PRO AAA C   1 ? 
ATOM   157  O O   . PRO A 1 22  ? 2.511   -8.068  10.365  1.000 30.495 0 21  PRO AAA O   1 ? 
ATOM   158  C CB  . PRO A 1 22  ? 0.166   -6.132  11.392  1.000 36.520 0 21  PRO AAA CB  1 ? 
ATOM   159  C CG  . PRO A 1 22  ? 0.818   -4.896  10.779  1.000 39.990 0 21  PRO AAA CG  1 ? 
ATOM   160  C CD  . PRO A 1 22  ? 2.081   -4.624  11.570  1.000 38.009 0 21  PRO AAA CD  1 ? 
ATOM   161  N N   . PHE A 1 23  ? 1.180   -9.258  11.807  1.000 33.874 0 22  PHE AAA N   1 ? 
ATOM   162  C CA  . PHE A 1 23  ? 1.521   -10.602 11.294  1.000 34.966 0 22  PHE AAA CA  1 ? 
ATOM   163  C C   . PHE A 1 23  ? 1.266   -10.609 9.792   1.000 29.460 0 22  PHE AAA C   1 ? 
ATOM   164  O O   . PHE A 1 23  ? 0.155   -10.171 9.406   1.000 34.328 0 22  PHE AAA O   1 ? 
ATOM   165  C CB  . PHE A 1 23  ? 0.681   -11.692 11.981  1.000 40.353 0 22  PHE AAA CB  1 ? 
ATOM   166  C CG  . PHE A 1 23  ? 0.781   -13.038 11.300  1.000 41.275 0 22  PHE AAA CG  1 ? 
ATOM   167  C CD1 . PHE A 1 23  ? 1.899   -13.829 11.487  1.000 41.707 0 22  PHE AAA CD1 1 ? 
ATOM   168  C CD2 . PHE A 1 23  ? -0.205  -13.481 10.435  1.000 44.809 0 22  PHE AAA CD2 1 ? 
ATOM   169  C CE1 . PHE A 1 23  ? 2.022   -15.043 10.837  1.000 40.458 0 22  PHE AAA CE1 1 ? 
ATOM   170  C CE2 . PHE A 1 23  ? -0.086  -14.703 9.788   1.000 47.339 0 22  PHE AAA CE2 1 ? 
ATOM   171  C CZ  . PHE A 1 23  ? 1.028   -15.488 10.004  1.000 44.885 0 22  PHE AAA CZ  1 ? 
ATOM   172  N N   . GLY A 1 24  ? 2.225   -11.118 8.994   1.000 32.880 0 23  GLY AAA N   1 ? 
ATOM   173  C CA  . GLY A 1 24  ? 2.061   -11.330 7.544   1.000 35.089 0 23  GLY AAA CA  1 ? 
ATOM   174  C C   . GLY A 1 24  ? 2.461   -10.116 6.700   1.000 36.212 0 23  GLY AAA C   1 ? 
ATOM   175  O O   . GLY A 1 24  ? 2.633   -10.299 5.491   1.000 39.416 0 23  GLY AAA O   1 ? 
ATOM   176  N N   . PHE A 1 25  ? 2.629   -8.935  7.312   1.000 32.424 0 24  PHE AAA N   1 ? 
ATOM   177  C CA  . PHE A 1 25  ? 3.070   -7.681  6.635   1.000 30.524 0 24  PHE AAA CA  1 ? 
ATOM   178  C C   . PHE A 1 25  ? 4.585   -7.641  6.498   1.000 29.923 0 24  PHE AAA C   1 ? 
ATOM   179  O O   . PHE A 1 25  ? 5.305   -8.127  7.408   1.000 30.849 0 24  PHE AAA O   1 ? 
ATOM   180  C CB  . PHE A 1 25  ? 2.589   -6.451  7.411   1.000 29.560 0 24  PHE AAA CB  1 ? 
ATOM   181  C CG  . PHE A 1 25  ? 1.134   -6.123  7.228   1.000 31.617 0 24  PHE AAA CG  1 ? 
ATOM   182  C CD1 . PHE A 1 25  ? 0.155   -6.867  7.870   1.000 29.346 0 24  PHE AAA CD1 1 ? 
ATOM   183  C CD2 . PHE A 1 25  ? 0.735   -5.057  6.421   1.000 29.788 0 24  PHE AAA CD2 1 ? 
ATOM   184  C CE1 . PHE A 1 25  ? -1.176  -6.512  7.769   1.000 33.901 0 24  PHE AAA CE1 1 ? 
ATOM   185  C CE2 . PHE A 1 25  ? -0.604  -4.713  6.317   1.000 31.130 0 24  PHE AAA CE2 1 ? 
ATOM   186  C CZ  . PHE A 1 25  ? -1.555  -5.442  6.979   1.000 31.854 0 24  PHE AAA CZ  1 ? 
ATOM   187  N N   . VAL A 1 26  ? 5.070   -7.060  5.393   1.000 32.293 0 25  VAL AAA N   1 ? 
ATOM   188  C CA  . VAL A 1 26  ? 6.516   -6.845  5.081   1.000 34.843 0 25  VAL AAA CA  1 ? 
ATOM   189  C C   . VAL A 1 26  ? 6.698   -5.345  4.813   1.000 31.157 0 25  VAL AAA C   1 ? 
ATOM   190  O O   . VAL A 1 26  ? 5.785   -4.688  4.237   1.000 28.317 0 25  VAL AAA O   1 ? 
ATOM   191  C CB  . VAL A 1 26  ? 7.036   -7.688  3.885   1.000 35.822 0 25  VAL AAA CB  1 ? 
ATOM   192  C CG1 . VAL A 1 26  ? 8.517   -7.441  3.603   1.000 36.213 0 25  VAL AAA CG1 1 ? 
ATOM   193  C CG2 . VAL A 1 26  ? 6.820   -9.177  4.103   1.000 37.649 0 25  VAL AAA CG2 1 ? 
ATOM   194  N N   . ALA A 1 27  ? 7.800   -4.807  5.305   1.000 28.078 0 26  ALA AAA N   1 ? 
ATOM   195  C CA  . ALA A 1 27  ? 8.245   -3.424  5.029   1.000 28.016 0 26  ALA AAA CA  1 ? 
ATOM   196  C C   . ALA A 1 27  ? 9.754   -3.368  5.258   1.000 30.604 0 26  ALA AAA C   1 ? 
ATOM   197  O O   . ALA A 1 27  ? 10.182  -3.321  6.430   1.000 30.185 0 26  ALA AAA O   1 ? 
ATOM   198  C CB  . ALA A 1 27  ? 7.471   -2.449  5.889   1.000 30.895 0 26  ALA AAA CB  1 ? 
ATOM   199  N N   . VAL A 1 28  ? 10.523  -3.393  4.174   1.000 28.950 0 27  VAL AAA N   1 ? 
ATOM   200  C CA  . VAL A 1 28  ? 12.023  -3.366  4.253   1.000 32.823 0 27  VAL AAA CA  1 ? 
ATOM   201  C C   . VAL A 1 28  ? 12.585  -2.386  3.231   1.000 32.286 0 27  VAL AAA C   1 ? 
ATOM   202  O O   . VAL A 1 28  ? 12.262  -2.456  2.039   1.000 30.243 0 27  VAL AAA O   1 ? 
ATOM   203  C CB  . VAL A 1 28  ? 12.639  -4.766  4.073   1.000 37.170 0 27  VAL AAA CB  1 ? 
ATOM   204  C CG1 . VAL A 1 28  ? 12.052  -5.775  5.048   1.000 42.405 0 27  VAL AAA CG1 1 ? 
ATOM   205  C CG2 . VAL A 1 28  ? 12.526  -5.269  2.653   1.000 42.821 0 27  VAL AAA CG2 1 ? 
ATOM   206  N N   . PRO A 1 29  ? 13.510  -1.500  3.655   1.000 31.021 0 28  PRO AAA N   1 ? 
ATOM   207  C CA  . PRO A 1 29  ? 14.174  -0.594  2.731   1.000 33.685 0 28  PRO AAA CA  1 ? 
ATOM   208  C C   . PRO A 1 29  ? 14.893  -1.423  1.659   1.000 35.321 0 28  PRO AAA C   1 ? 
ATOM   209  O O   . PRO A 1 29  ? 15.276  -2.545  1.945   1.000 32.804 0 28  PRO AAA O   1 ? 
ATOM   210  C CB  . PRO A 1 29  ? 15.141  0.211   3.593   1.000 35.737 0 28  PRO AAA CB  1 ? 
ATOM   211  C CG  . PRO A 1 29  ? 14.643  0.021   4.991   1.000 36.207 0 28  PRO AAA CG  1 ? 
ATOM   212  C CD  . PRO A 1 29  ? 13.988  -1.344  5.033   1.000 35.428 0 28  PRO AAA CD  1 ? 
ATOM   213  N N   . THR A 1 30  ? 15.012  -0.895  0.447   1.000 33.721 0 29  THR AAA N   1 ? 
ATOM   214  C CA  . THR A 1 30  ? 15.760  -1.562  -0.644  1.000 37.858 0 29  THR AAA CA  1 ? 
ATOM   215  C C   . THR A 1 30  ? 17.252  -1.271  -0.471  1.000 40.085 0 29  THR AAA C   1 ? 
ATOM   216  O O   . THR A 1 30  ? 17.615  -0.476  0.414   1.000 37.439 0 29  THR AAA O   1 ? 
ATOM   217  C CB  . THR A 1 30  ? 15.273  -1.126  -2.032  1.000 37.605 0 29  THR AAA CB  1 ? 
ATOM   218  O OG1 . THR A 1 30  ? 15.289  0.299   -2.123  1.000 36.654 0 29  THR AAA OG1 1 ? 
ATOM   219  C CG2 . THR A 1 30  ? 13.885  -1.636  -2.321  1.000 39.652 0 29  THR AAA CG2 1 ? 
ATOM   220  N N   . LYS A 1 31  ? 18.076  -1.923  -1.288  1.000 49.048 0 30  LYS AAA N   1 ? 
ATOM   221  C CA  . LYS A 1 31  ? 19.555  -1.743  -1.322  1.000 52.641 0 30  LYS AAA CA  1 ? 
ATOM   222  C C   . LYS A 1 31  ? 19.887  -0.766  -2.456  1.000 55.711 0 30  LYS AAA C   1 ? 
ATOM   223  O O   . LYS A 1 31  ? 19.219  -0.852  -3.518  1.000 50.950 0 30  LYS AAA O   1 ? 
ATOM   224  C CB  . LYS A 1 31  ? 20.213  -3.121  -1.475  1.000 53.609 0 30  LYS AAA CB  1 ? 
ATOM   225  C CG  . LYS A 1 31  ? 19.924  -4.093  -0.331  1.000 50.886 0 30  LYS AAA CG  1 ? 
ATOM   226  C CD  . LYS A 1 31  ? 20.297  -3.548  1.032   1.000 52.087 0 30  LYS AAA CD  1 ? 
ATOM   227  N N   . ASN A 1 32  ? 20.815  0.169   -2.229  1.000 57.228 0 31  ASN AAA N   1 ? 
ATOM   228  C CA  . ASN A 1 32  ? 21.445  0.955   -3.326  1.000 62.891 0 31  ASN AAA CA  1 ? 
ATOM   229  C C   . ASN A 1 32  ? 22.368  0.019   -4.112  1.000 69.340 0 31  ASN AAA C   1 ? 
ATOM   230  O O   . ASN A 1 32  ? 22.744  -1.040  -3.606  1.000 69.337 0 31  ASN AAA O   1 ? 
ATOM   231  C CB  . ASN A 1 32  ? 22.207  2.175   -2.813  1.000 60.664 0 31  ASN AAA CB  1 ? 
ATOM   232  C CG  . ASN A 1 32  ? 21.305  3.309   -2.361  1.000 63.086 0 31  ASN AAA CG  1 ? 
ATOM   233  O OD1 . ASN A 1 32  ? 20.407  3.740   -3.087  1.000 56.698 0 31  ASN AAA OD1 1 ? 
ATOM   234  N ND2 . ASN A 1 32  ? 21.574  3.838   -1.177  1.000 56.823 0 31  ASN AAA ND2 1 ? 
ATOM   235  N N   . PRO A 1 33  ? 22.721  0.353   -5.380  1.000 70.264 0 32  PRO AAA N   1 ? 
ATOM   236  C CA  . PRO A 1 33  ? 23.689  -0.427  -6.160  1.000 71.015 0 32  PRO AAA CA  1 ? 
ATOM   237  C C   . PRO A 1 33  ? 24.889  -0.973  -5.364  1.000 68.494 0 32  PRO AAA C   1 ? 
ATOM   238  O O   . PRO A 1 33  ? 25.252  -2.109  -5.574  1.000 67.984 0 32  PRO AAA O   1 ? 
ATOM   239  C CB  . PRO A 1 33  ? 24.152  0.609   -7.192  1.000 68.519 0 32  PRO AAA CB  1 ? 
ATOM   240  C CG  . PRO A 1 33  ? 22.905  1.414   -7.477  1.000 68.808 0 32  PRO AAA CG  1 ? 
ATOM   241  C CD  . PRO A 1 33  ? 22.181  1.487   -6.149  1.000 69.468 0 32  PRO AAA CD  1 ? 
ATOM   242  N N   . ASP A 1 34  ? 25.439  -0.176  -4.441  1.000 67.948 0 33  ASP AAA N   1 ? 
ATOM   243  C CA  . ASP A 1 34  ? 26.650  -0.518  -3.642  1.000 67.821 0 33  ASP AAA CA  1 ? 
ATOM   244  C C   . ASP A 1 34  ? 26.290  -1.293  -2.365  1.000 67.455 0 33  ASP AAA C   1 ? 
ATOM   245  O O   . ASP A 1 34  ? 27.151  -1.352  -1.477  1.000 66.628 0 33  ASP AAA O   1 ? 
ATOM   246  C CB  . ASP A 1 34  ? 27.443  0.741   -3.293  1.000 67.495 0 33  ASP AAA CB  1 ? 
ATOM   247  C CG  . ASP A 1 34  ? 26.570  1.897   -2.842  1.000 70.760 0 33  ASP AAA CG  1 ? 
ATOM   248  O OD1 . ASP A 1 34  ? 25.610  2.218   -3.572  1.000 72.197 0 33  ASP AAA OD1 1 ? 
ATOM   249  O OD2 . ASP A 1 34  ? 26.859  2.462   -1.778  1.000 69.098 0 33  ASP AAA OD2 1 ? 
ATOM   250  N N   . GLY A 1 35  ? 25.087  -1.875  -2.269  1.000 63.765 0 34  GLY AAA N   1 ? 
ATOM   251  C CA  . GLY A 1 35  ? 24.677  -2.724  -1.130  1.000 61.036 0 34  GLY AAA CA  1 ? 
ATOM   252  C C   . GLY A 1 35  ? 24.236  -1.922  0.093   1.000 57.252 0 34  GLY AAA C   1 ? 
ATOM   253  O O   . GLY A 1 35  ? 23.656  -2.548  1.016   1.000 52.177 0 34  GLY AAA O   1 ? 
ATOM   254  N N   . THR A 1 36  ? 24.451  -0.597  0.105   1.000 52.350 0 35  THR AAA N   1 ? 
ATOM   255  C CA  . THR A 1 36  ? 24.003  0.318   1.196   1.000 51.867 0 35  THR AAA CA  1 ? 
ATOM   256  C C   . THR A 1 36  ? 22.470  0.441   1.153   1.000 49.909 0 35  THR AAA C   1 ? 
ATOM   257  O O   . THR A 1 36  ? 21.853  0.199   0.081   1.000 53.155 0 35  THR AAA O   1 ? 
ATOM   258  C CB  . THR A 1 36  ? 24.681  1.694   1.130   1.000 56.096 0 35  THR AAA CB  1 ? 
ATOM   259  O OG1 . THR A 1 36  ? 24.176  2.461   0.034   1.000 54.786 0 35  THR AAA OG1 1 ? 
ATOM   260  C CG2 . THR A 1 36  ? 26.185  1.601   1.002   1.000 61.782 0 35  THR AAA CG2 1 ? 
ATOM   261  N N   . MET A 1 37  ? 21.876  0.788   2.288   1.000 46.063 0 36  MET AAA N   1 ? 
ATOM   262  C CA  . MET A 1 37  ? 20.404  0.773   2.495   1.000 48.762 0 36  MET AAA CA  1 ? 
ATOM   263  C C   . MET A 1 37  ? 19.824  2.059   1.904   1.000 37.032 0 36  MET AAA C   1 ? 
ATOM   264  O O   . MET A 1 37  ? 20.428  3.128   2.091   1.000 38.380 0 36  MET AAA O   1 ? 
ATOM   265  C CB  . MET A 1 37  ? 20.098  0.683   3.990   1.000 51.668 0 36  MET AAA CB  1 ? 
ATOM   266  C CG  . MET A 1 37  ? 18.647  0.450   4.338   1.000 48.090 0 36  MET AAA CG  1 ? 
ATOM   267  S SD  . MET A 1 37  ? 18.475  0.304   6.149   1.000 57.013 0 36  MET AAA SD  1 ? 
ATOM   268  C CE  . MET A 1 37  ? 19.326  1.799   6.673   1.000 57.254 0 36  MET AAA CE  1 ? 
ATOM   269  N N   . ASN A 1 38  ? 18.732  1.943   1.152   1.000 39.291 0 37  ASN AAA N   1 ? 
ATOM   270  C CA  . ASN A 1 38  ? 18.010  3.106   0.579   1.000 35.484 0 37  ASN AAA CA  1 ? 
ATOM   271  C C   . ASN A 1 38  ? 16.718  3.314   1.378   1.000 33.124 0 37  ASN AAA C   1 ? 
ATOM   272  O O   . ASN A 1 38  ? 15.715  2.634   1.090   1.000 32.691 0 37  ASN AAA O   1 ? 
ATOM   273  C CB  . ASN A 1 38  ? 17.671  2.893   -0.890  1.000 33.054 0 37  ASN AAA CB  1 ? 
ATOM   274  C CG  . ASN A 1 38  ? 17.013  4.109   -1.495  1.000 31.516 0 37  ASN AAA CG  1 ? 
ATOM   275  O OD1 . ASN A 1 38  ? 16.780  5.090   -0.811  1.000 33.634 0 37  ASN AAA OD1 1 ? 
ATOM   276  N ND2 . ASN A 1 38  ? 16.704  4.059   -2.771  1.000 33.692 0 37  ASN AAA ND2 1 ? 
ATOM   277  N N   . LEU A 1 39  ? 16.726  4.254   2.306   1.000 33.929 0 38  LEU AAA N   1 ? 
ATOM   278  C CA  . LEU A 1 39  ? 15.571  4.435   3.217   1.000 31.074 0 38  LEU AAA CA  1 ? 
ATOM   279  C C   . LEU A 1 39  ? 14.439  5.174   2.511   1.000 30.617 0 38  LEU AAA C   1 ? 
ATOM   280  O O   . LEU A 1 39  ? 13.355  5.262   3.105   1.000 31.212 0 38  LEU AAA O   1 ? 
ATOM   281  C CB  . LEU A 1 39  ? 16.038  5.185   4.458   1.000 32.138 0 38  LEU AAA CB  1 ? 
ATOM   282  C CG  . LEU A 1 39  ? 16.690  4.321   5.537   1.000 33.981 0 38  LEU AAA CG  1 ? 
ATOM   283  C CD1 . LEU A 1 39  ? 17.348  5.222   6.570   1.000 36.842 0 38  LEU AAA CD1 1 ? 
ATOM   284  C CD2 . LEU A 1 39  ? 15.658  3.414   6.192   1.000 35.828 0 38  LEU AAA CD2 1 ? 
ATOM   285  N N   . MET A 1 40  ? 14.673  5.707   1.308   1.000 30.116 0 39  MET AAA N   1 ? 
ATOM   286  C CA  . MET A 1 40  ? 13.653  6.478   0.542   1.000 30.087 0 39  MET AAA CA  1 ? 
ATOM   287  C C   . MET A 1 40  ? 12.771  5.549   -0.311  1.000 29.258 0 39  MET AAA C   1 ? 
ATOM   288  O O   . MET A 1 40  ? 11.805  6.042   -0.927  1.000 28.478 0 39  MET AAA O   1 ? 
ATOM   289  C CB  . MET A 1 40  ? 14.347  7.494   -0.362  1.000 34.115 0 39  MET AAA CB  1 ? 
ATOM   290  C CG  . MET A 1 40  ? 15.375  8.332   0.385   1.000 36.318 0 39  MET AAA CG  1 ? 
ATOM   291  S SD  . MET A 1 40  ? 14.701  9.243   1.806   1.000 37.469 0 39  MET AAA SD  1 ? 
ATOM   292  C CE  . MET A 1 40  ? 13.579  10.384  1.015   1.000 36.118 0 39  MET AAA CE  1 ? 
ATOM   293  N N   . ASN A 1 41  ? 13.071  4.251   -0.346  1.000 27.330 0 40  ASN AAA N   1 ? 
ATOM   294  C CA  . ASN A 1 41  ? 12.408  3.296   -1.273  1.000 29.182 0 40  ASN AAA CA  1 ? 
ATOM   295  C C   . ASN A 1 41  ? 12.270  1.941   -0.573  1.000 31.056 0 40  ASN AAA C   1 ? 
ATOM   296  O O   . ASN A 1 41  ? 13.291  1.216   -0.452  1.000 31.321 0 40  ASN AAA O   1 ? 
ATOM   297  C CB  . ASN A 1 41  ? 13.171  3.222   -2.590  1.000 29.098 0 40  ASN AAA CB  1 ? 
ATOM   298  C CG  . ASN A 1 41  ? 12.575  2.255   -3.591  1.000 31.187 0 40  ASN AAA CG  1 ? 
ATOM   299  O OD1 . ASN A 1 41  ? 11.888  1.302   -3.242  1.000 30.040 0 40  ASN AAA OD1 1 ? 
ATOM   300  N ND2 . ASN A 1 41  ? 12.855  2.497   -4.860  1.000 37.536 0 40  ASN AAA ND2 1 ? 
ATOM   301  N N   . TRP A 1 42  ? 11.058  1.593   -0.133  1.000 24.407 0 41  TRP AAA N   1 ? 
ATOM   302  C CA  . TRP A 1 42  ? 10.824  0.347   0.632   1.000 23.971 0 41  TRP AAA CA  1 ? 
ATOM   303  C C   . TRP A 1 42  ? 10.030  -0.656  -0.206  1.000 27.108 0 41  TRP AAA C   1 ? 
ATOM   304  O O   . TRP A 1 42  ? 9.056   -0.272  -0.884  1.000 27.053 0 41  TRP AAA O   1 ? 
ATOM   305  C CB  . TRP A 1 42  ? 10.080  0.576   1.942   1.000 25.795 0 41  TRP AAA CB  1 ? 
ATOM   306  C CG  . TRP A 1 42  ? 10.800  1.392   2.958   1.000 25.120 0 41  TRP AAA CG  1 ? 
ATOM   307  C CD1 . TRP A 1 42  ? 11.437  2.582   2.782   1.000 26.841 0 41  TRP AAA CD1 1 ? 
ATOM   308  C CD2 . TRP A 1 42  ? 10.725  1.176   4.372   1.000 26.405 0 41  TRP AAA CD2 1 ? 
ATOM   309  N NE1 . TRP A 1 42  ? 11.882  3.049   3.989   1.000 25.995 0 41  TRP AAA NE1 1 ? 
ATOM   310  C CE2 . TRP A 1 42  ? 11.437  2.222   4.978   1.000 27.293 0 41  TRP AAA CE2 1 ? 
ATOM   311  C CE3 . TRP A 1 42  ? 10.159  0.173   5.170   1.000 27.517 0 41  TRP AAA CE3 1 ? 
ATOM   312  C CZ2 . TRP A 1 42  ? 11.587  2.302   6.362   1.000 27.875 0 41  TRP AAA CZ2 1 ? 
ATOM   313  C CZ3 . TRP A 1 42  ? 10.301  0.249   6.534   1.000 25.004 0 41  TRP AAA CZ3 1 ? 
ATOM   314  C CH2 . TRP A 1 42  ? 11.008  1.303   7.112   1.000 24.384 0 41  TRP AAA CH2 1 ? 
ATOM   315  N N   . GLU A 1 43  ? 10.373  -1.921  -0.026  1.000 28.106 0 42  GLU AAA N   1 ? 
ATOM   316  C CA  . GLU A 1 43  ? 9.656   -3.078  -0.617  1.000 29.331 0 42  GLU AAA CA  1 ? 
ATOM   317  C C   . GLU A 1 43  ? 8.759   -3.638  0.477   1.000 29.437 0 42  GLU AAA C   1 ? 
ATOM   318  O O   . GLU A 1 43  ? 9.269   -4.007  1.551   1.000 30.396 0 42  GLU AAA O   1 ? 
ATOM   319  C CB  . GLU A 1 43  ? 10.684  -4.030  -1.233  1.000 33.573 0 42  GLU AAA CB  1 ? 
ATOM   320  C CG  . GLU A 1 43  ? 11.013  -3.626  -2.660  1.000 38.049 0 42  GLU AAA CG  1 ? 
ATOM   321  C CD  . GLU A 1 43  ? 12.202  -4.309  -3.312  1.000 44.787 0 42  GLU AAA CD  1 ? 
ATOM   322  O OE1 . GLU A 1 43  ? 12.937  -5.014  -2.615  1.000 47.143 0 42  GLU AAA OE1 1 ? 
ATOM   323  O OE2 . GLU A 1 43  ? 12.425  -4.073  -4.507  1.000 50.695 0 42  GLU AAA OE2 1 ? 
ATOM   324  N N   . CYS A 1 44  ? 7.449   -3.547  0.267   1.000 29.919 0 43  CYS AAA N   1 ? 
ATOM   325  C CA  . CYS A 1 44  ? 6.406   -3.898  1.263   1.000 26.853 0 43  CYS AAA CA  1 ? 
ATOM   326  C C   . CYS A 1 44  ? 5.481   -4.960  0.682   1.000 30.288 0 43  CYS AAA C   1 ? 
ATOM   327  O O   . CYS A 1 44  ? 5.475   -5.149  -0.551  1.000 31.433 0 43  CYS AAA O   1 ? 
ATOM   328  C CB  . CYS A 1 44  ? 5.581   -2.690  1.679   1.000 28.400 0 43  CYS AAA CB  1 ? 
ATOM   329  S SG  . CYS A 1 44  ? 6.614   -1.295  2.211   1.000 29.846 0 43  CYS AAA SG  1 ? 
ATOM   330  N N   . ALA A 1 45  ? 4.726   -5.617  1.557   1.000 28.701 0 44  ALA AAA N   1 ? 
ATOM   331  C CA  . ALA A 1 45  ? 3.753   -6.666  1.184   1.000 31.382 0 44  ALA AAA CA  1 ? 
ATOM   332  C C   . ALA A 1 45  ? 2.619   -6.644  2.194   1.000 29.649 0 44  ALA AAA C   1 ? 
ATOM   333  O O   . ALA A 1 45  ? 2.862   -6.477  3.430   1.000 27.502 0 44  ALA AAA O   1 ? 
ATOM   334  C CB  . ALA A 1 45  ? 4.440   -8.014  1.134   1.000 33.842 0 44  ALA AAA CB  1 ? 
ATOM   335  N N   . ILE A 1 46  ? 1.406   -6.769  1.692   1.000 29.486 0 45  ILE AAA N   1 ? 
ATOM   336  C CA  . ILE A 1 46  ? 0.168   -6.662  2.487   1.000 32.226 0 45  ILE AAA CA  1 ? 
ATOM   337  C C   . ILE A 1 46  ? -0.589  -7.966  2.283   1.000 32.500 0 45  ILE AAA C   1 ? 
ATOM   338  O O   . ILE A 1 46  ? -0.879  -8.319  1.147   1.000 31.353 0 45  ILE AAA O   1 ? 
ATOM   339  C CB  . ILE A 1 46  ? -0.681  -5.450  2.051   1.000 31.214 0 45  ILE AAA CB  1 ? 
ATOM   340  C CG1 . ILE A 1 46  ? 0.040   -4.138  2.374   1.000 31.009 0 45  ILE AAA CG1 1 ? 
ATOM   341  C CG2 . ILE A 1 46  ? -2.081  -5.471  2.652   1.000 32.480 0 45  ILE AAA CG2 1 ? 
ATOM   342  C CD1 . ILE A 1 46  ? -0.691  -2.931  1.843   1.000 30.393 0 45  ILE AAA CD1 1 ? 
ATOM   343  N N   . PRO A 1 47  ? -0.900  -8.701  3.372   1.000 33.221 0 46  PRO AAA N   1 ? 
ATOM   344  C CA  . PRO A 1 47  ? -1.687  -9.924  3.257   1.000 33.939 0 46  PRO AAA CA  1 ? 
ATOM   345  C C   . PRO A 1 47  ? -3.180  -9.586  3.141   1.000 34.442 0 46  PRO AAA C   1 ? 
ATOM   346  O O   . PRO A 1 47  ? -3.645  -8.689  3.821   1.000 33.233 0 46  PRO AAA O   1 ? 
ATOM   347  C CB  . PRO A 1 47  ? -1.355  -10.641 4.575   1.000 35.457 0 46  PRO AAA CB  1 ? 
ATOM   348  C CG  . PRO A 1 47  ? -1.205  -9.488  5.560   1.000 37.087 0 46  PRO AAA CG  1 ? 
ATOM   349  C CD  . PRO A 1 47  ? -0.501  -8.404  4.754   1.000 33.730 0 46  PRO AAA CD  1 ? 
ATOM   350  N N   . GLY A 1 48  ? -3.904  -10.298 2.271   1.000 38.087 0 47  GLY AAA N   1 ? 
ATOM   351  C CA  . GLY A 1 48  ? -5.376  -10.205 2.200   1.000 38.412 0 47  GLY AAA CA  1 ? 
ATOM   352  C C   . GLY A 1 48  ? -5.992  -10.482 3.568   1.000 43.039 0 47  GLY AAA C   1 ? 
ATOM   353  O O   . GLY A 1 48  ? -5.425  -11.313 4.310   1.000 41.245 0 47  GLY AAA O   1 ? 
ATOM   354  N N   . LYS A 1 49  ? -7.070  -9.789  3.928   1.000 44.193 0 48  LYS AAA N   1 ? 
ATOM   355  C CA  . LYS A 1 49  ? -7.699  -9.952  5.258   1.000 52.156 0 48  LYS AAA CA  1 ? 
ATOM   356  C C   . LYS A 1 49  ? -8.429  -11.298 5.270   1.000 55.635 0 48  LYS AAA C   1 ? 
ATOM   357  O O   . LYS A 1 49  ? -9.135  -11.594 4.272   1.000 56.926 0 48  LYS AAA O   1 ? 
ATOM   358  C CB  . LYS A 1 49  ? -8.628  -8.783  5.595   1.000 53.544 0 48  LYS AAA CB  1 ? 
ATOM   359  C CG  . LYS A 1 49  ? -8.713  -8.456  7.082   1.000 56.072 0 48  LYS AAA CG  1 ? 
ATOM   360  C CD  . LYS A 1 49  ? -9.621  -7.290  7.435   1.000 59.319 0 48  LYS AAA CD  1 ? 
ATOM   361  C CE  . LYS A 1 49  ? -9.219  -5.978  6.790   1.000 62.422 0 48  LYS AAA CE  1 ? 
ATOM   362  N NZ  . LYS A 1 49  ? -10.356 -5.024  6.712   1.000 67.579 0 48  LYS AAA NZ  1 ? 
ATOM   363  N N   . LYS A 1 50  ? -8.190  -12.098 6.323   1.000 61.594 0 49  LYS AAA N   1 ? 
ATOM   364  C CA  . LYS A 1 50  ? -8.985  -13.296 6.711   1.000 57.594 0 49  LYS AAA CA  1 ? 
ATOM   365  C C   . LYS A 1 50  ? -10.477 -12.942 6.667   1.000 60.212 0 49  LYS AAA C   1 ? 
ATOM   366  O O   . LYS A 1 50  ? -10.868 -11.924 7.293   1.000 58.213 0 49  LYS AAA O   1 ? 
ATOM   367  C CB  . LYS A 1 50  ? -8.597  -13.763 8.118   1.000 56.048 0 49  LYS AAA CB  1 ? 
ATOM   368  N N   . GLY A 1 51  ? -11.264 -13.734 5.929   1.000 57.672 0 50  GLY AAA N   1 ? 
ATOM   369  C CA  . GLY A 1 51  ? -12.734 -13.647 5.905   1.000 57.129 0 50  GLY AAA CA  1 ? 
ATOM   370  C C   . GLY A 1 51  ? -13.229 -12.805 4.750   1.000 61.601 0 50  GLY AAA C   1 ? 
ATOM   371  O O   . GLY A 1 51  ? -14.440 -12.495 4.734   1.000 64.684 0 50  GLY AAA O   1 ? 
ATOM   372  N N   . THR A 1 52  ? -12.335 -12.479 3.807   1.000 59.636 0 51  THR AAA N   1 ? 
ATOM   373  C CA  . THR A 1 52  ? -12.602 -11.611 2.632   1.000 50.553 0 51  THR AAA CA  1 ? 
ATOM   374  C C   . THR A 1 52  ? -12.157 -12.339 1.372   1.000 42.969 0 51  THR AAA C   1 ? 
ATOM   375  O O   . THR A 1 52  ? -11.319 -13.235 1.423   1.000 47.937 0 51  THR AAA O   1 ? 
ATOM   376  C CB  . THR A 1 52  ? -11.867 -10.260 2.751   1.000 52.228 0 51  THR AAA CB  1 ? 
ATOM   377  O OG1 . THR A 1 52  ? -10.477 -10.420 2.441   1.000 49.382 0 51  THR AAA OG1 1 ? 
ATOM   378  C CG2 . THR A 1 52  ? -11.996 -9.634  4.120   1.000 54.063 0 51  THR AAA CG2 1 ? 
ATOM   379  N N   . PRO A 1 53  ? -12.651 -11.929 0.193   1.000 41.793 0 52  PRO AAA N   1 ? 
ATOM   380  C CA  . PRO A 1 53  ? -12.141 -12.452 -1.073  1.000 41.710 0 52  PRO AAA CA  1 ? 
ATOM   381  C C   . PRO A 1 53  ? -10.655 -12.208 -1.382  1.000 41.468 0 52  PRO AAA C   1 ? 
ATOM   382  O O   . PRO A 1 53  ? -10.180 -12.768 -2.362  1.000 39.665 0 52  PRO AAA O   1 ? 
ATOM   383  C CB  . PRO A 1 53  ? -12.981 -11.747 -2.155  1.000 42.907 0 52  PRO AAA CB  1 ? 
ATOM   384  C CG  . PRO A 1 53  ? -13.806 -10.709 -1.452  1.000 44.532 0 52  PRO AAA CG  1 ? 
ATOM   385  C CD  . PRO A 1 53  ? -13.803 -11.039 0.024   1.000 46.272 0 52  PRO AAA CD  1 ? 
ATOM   386  N N   . TRP A 1 54  ? -9.976  -11.335 -0.618  1.000 43.261 0 53  TRP AAA N   1 ? 
ATOM   387  C CA  . TRP A 1 54  ? -8.511  -11.085 -0.744  1.000 40.569 0 53  TRP AAA CA  1 ? 
ATOM   388  C C   . TRP A 1 54  ? -7.725  -12.131 0.050   1.000 42.786 0 53  TRP AAA C   1 ? 
ATOM   389  O O   . TRP A 1 54  ? -6.488  -12.189 -0.104  1.000 40.342 0 53  TRP AAA O   1 ? 
ATOM   390  C CB  . TRP A 1 54  ? -8.167  -9.671  -0.242  1.000 36.006 0 53  TRP AAA CB  1 ? 
ATOM   391  C CG  . TRP A 1 54  ? -8.914  -8.635  -1.012  1.000 34.334 0 53  TRP AAA CG  1 ? 
ATOM   392  C CD1 . TRP A 1 54  ? -10.200 -8.227  -0.844  1.000 33.495 0 53  TRP AAA CD1 1 ? 
ATOM   393  C CD2 . TRP A 1 54  ? -8.397  -7.897  -2.118  1.000 31.186 0 53  TRP AAA CD2 1 ? 
ATOM   394  N NE1 . TRP A 1 54  ? -10.534 -7.311  -1.797  1.000 32.043 0 53  TRP AAA NE1 1 ? 
ATOM   395  C CE2 . TRP A 1 54  ? -9.443  -7.091  -2.592  1.000 31.916 0 53  TRP AAA CE2 1 ? 
ATOM   396  C CE3 . TRP A 1 54  ? -7.150  -7.851  -2.737  1.000 33.460 0 53  TRP AAA CE3 1 ? 
ATOM   397  C CZ2 . TRP A 1 54  ? -9.263  -6.213  -3.654  1.000 32.198 0 53  TRP AAA CZ2 1 ? 
ATOM   398  C CZ3 . TRP A 1 54  ? -6.990  -7.032  -3.825  1.000 32.830 0 53  TRP AAA CZ3 1 ? 
ATOM   399  C CH2 . TRP A 1 54  ? -8.037  -6.227  -4.271  1.000 32.915 0 53  TRP AAA CH2 1 ? 
ATOM   400  N N   . GLU A 1 55  ? -8.395  -12.895 0.916   1.000 47.107 0 54  GLU AAA N   1 ? 
ATOM   401  C CA  . GLU A 1 55  ? -7.707  -13.870 1.809   1.000 48.741 0 54  GLU AAA CA  1 ? 
ATOM   402  C C   . GLU A 1 55  ? -6.857  -14.805 0.953   1.000 46.575 0 54  GLU AAA C   1 ? 
ATOM   403  O O   . GLU A 1 55  ? -7.309  -15.162 -0.164  1.000 44.256 0 54  GLU AAA O   1 ? 
ATOM   404  C CB  . GLU A 1 55  ? -8.723  -14.637 2.652   1.000 57.136 0 54  GLU AAA CB  1 ? 
ATOM   405  C CG  . GLU A 1 55  ? -8.095  -15.508 3.727   1.000 62.050 0 54  GLU AAA CG  1 ? 
ATOM   406  C CD  . GLU A 1 55  ? -9.053  -16.537 4.326   1.000 71.894 0 54  GLU AAA CD  1 ? 
ATOM   407  O OE1 . GLU A 1 55  ? -10.270 -16.531 3.952   1.000 62.236 0 54  GLU AAA OE1 1 ? 
ATOM   408  O OE2 . GLU A 1 55  ? -8.582  -17.360 5.157   1.000 78.543 0 54  GLU AAA OE2 1 ? 
ATOM   409  N N   . GLY A 1 56  ? -5.649  -15.137 1.426   1.000 42.143 0 55  GLY AAA N   1 ? 
ATOM   410  C CA  . GLY A 1 56  ? -4.731  -16.058 0.732   1.000 41.614 0 55  GLY AAA CA  1 ? 
ATOM   411  C C   . GLY A 1 56  ? -3.676  -15.323 -0.074  1.000 41.861 0 55  GLY AAA C   1 ? 
ATOM   412  O O   . GLY A 1 56  ? -2.609  -15.917 -0.335  1.000 44.551 0 55  GLY AAA O   1 ? 
ATOM   413  N N   . GLY A 1 57  ? -3.957  -14.076 -0.472  1.000 37.949 0 56  GLY AAA N   1 ? 
ATOM   414  C CA  . GLY A 1 57  ? -3.043  -13.303 -1.321  1.000 33.986 0 56  GLY AAA CA  1 ? 
ATOM   415  C C   . GLY A 1 57  ? -2.046  -12.515 -0.486  1.000 32.909 0 56  GLY AAA C   1 ? 
ATOM   416  O O   . GLY A 1 57  ? -2.351  -12.148 0.688   1.000 35.250 0 56  GLY AAA O   1 ? 
ATOM   417  N N   . LEU A 1 58  ? -0.884  -12.308 -1.067  1.000 33.451 0 57  LEU AAA N   1 ? 
ATOM   418  C CA  . LEU A 1 58  ? 0.154   -11.394 -0.542  1.000 32.378 0 57  LEU AAA CA  1 ? 
ATOM   419  C C   . LEU A 1 58  ? 0.501   -10.400 -1.643  1.000 31.234 0 57  LEU AAA C   1 ? 
ATOM   420  O O   . LEU A 1 58  ? 0.993   -10.797 -2.694  1.000 33.647 0 57  LEU AAA O   1 ? 
ATOM   421  C CB  . LEU A 1 58  ? 1.364   -12.185 -0.072  1.000 32.781 0 57  LEU AAA CB  1 ? 
ATOM   422  C CG  . LEU A 1 58  ? 2.427   -11.338 0.625   1.000 32.235 0 57  LEU AAA CG  1 ? 
ATOM   423  C CD1 . LEU A 1 58  ? 1.877   -10.797 1.937   1.000 33.401 0 57  LEU AAA CD1 1 ? 
ATOM   424  C CD2 . LEU A 1 58  ? 3.683   -12.160 0.813   1.000 35.461 0 57  LEU AAA CD2 1 ? 
ATOM   425  N N   . PHE A 1 59  ? 0.254   -9.128  -1.367  1.000 34.105 0 58  PHE AAA N   1 ? 
ATOM   426  C CA  . PHE A 1 59  ? 0.164   -8.060  -2.391  1.000 33.470 0 58  PHE AAA CA  1 ? 
ATOM   427  C C   . PHE A 1 59  ? 1.354   -7.124  -2.188  1.000 31.935 0 58  PHE AAA C   1 ? 
ATOM   428  O O   . PHE A 1 59  ? 1.341   -6.387  -1.225  1.000 30.962 0 58  PHE AAA O   1 ? 
ATOM   429  C CB  . PHE A 1 59  ? -1.208  -7.406  -2.287  1.000 30.505 0 58  PHE AAA CB  1 ? 
ATOM   430  C CG  . PHE A 1 59  ? -2.362  -8.378  -2.430  1.000 28.549 0 58  PHE AAA CG  1 ? 
ATOM   431  C CD1 . PHE A 1 59  ? -2.682  -8.902  -3.669  1.000 32.210 0 58  PHE AAA CD1 1 ? 
ATOM   432  C CD2 . PHE A 1 59  ? -3.091  -8.773  -1.329  1.000 31.559 0 58  PHE AAA CD2 1 ? 
ATOM   433  C CE1 . PHE A 1 59  ? -3.694  -9.833  -3.794  1.000 28.995 0 58  PHE AAA CE1 1 ? 
ATOM   434  C CE2 . PHE A 1 59  ? -4.135  -9.673  -1.462  1.000 32.242 0 58  PHE AAA CE2 1 ? 
ATOM   435  C CZ  . PHE A 1 59  ? -4.434  -10.186 -2.700  1.000 28.841 0 58  PHE AAA CZ  1 ? 
ATOM   436  N N   . LYS A 1 60  ? 2.343   -7.203  -3.082  1.000 32.576 0 59  LYS AAA N   1 ? 
ATOM   437  C CA  . LYS A 1 60  ? 3.625   -6.468  -2.991  1.000 30.043 0 59  LYS AAA CA  1 ? 
ATOM   438  C C   . LYS A 1 60  ? 3.435   -5.020  -3.468  1.000 30.398 0 59  LYS AAA C   1 ? 
ATOM   439  O O   . LYS A 1 60  ? 2.673   -4.750  -4.416  1.000 26.490 0 59  LYS AAA O   1 ? 
ATOM   440  C CB  . LYS A 1 60  ? 4.705   -7.177  -3.806  1.000 37.130 0 59  LYS AAA CB  1 ? 
ATOM   441  C CG  . LYS A 1 60  ? 4.998   -8.604  -3.364  1.000 42.261 0 59  LYS AAA CG  1 ? 
ATOM   442  C CD  . LYS A 1 60  ? 6.260   -9.176  -3.964  1.000 50.615 0 59  LYS AAA CD  1 ? 
ATOM   443  C CE  . LYS A 1 60  ? 6.773   -10.363 -3.173  1.000 55.547 0 59  LYS AAA CE  1 ? 
ATOM   444  N NZ  . LYS A 1 60  ? 8.134   -10.749 -3.616  1.000 57.751 0 59  LYS AAA NZ  1 ? 
ATOM   445  N N   . LEU A 1 61  ? 4.113   -4.088  -2.814  1.000 28.781 0 60  LEU AAA N   1 ? 
ATOM   446  C CA  . LEU A 1 61  ? 3.871   -2.643  -3.010  1.000 30.942 0 60  LEU AAA CA  1 ? 
ATOM   447  C C   . LEU A 1 61  ? 5.187   -1.962  -2.675  1.000 27.450 0 60  LEU AAA C   1 ? 
ATOM   448  O O   . LEU A 1 61  ? 5.888   -2.445  -1.764  1.000 30.675 0 60  LEU AAA O   1 ? 
ATOM   449  C CB  . LEU A 1 61  ? 2.717   -2.256  -2.080  1.000 36.347 0 60  LEU AAA CB  1 ? 
ATOM   450  C CG  . LEU A 1 61  ? 2.488   -0.808  -1.701  1.000 40.655 0 60  LEU AAA CG  1 ? 
ATOM   451  C CD1 . LEU A 1 61  ? 1.115   -0.654  -1.073  1.000 43.607 0 60  LEU AAA CD1 1 ? 
ATOM   452  C CD2 . LEU A 1 61  ? 3.526   -0.266  -0.747  1.000 43.019 0 60  LEU AAA CD2 1 ? 
ATOM   453  N N   . ARG A 1 62  ? 5.534   -0.946  -3.445  1.000 25.028 0 61  ARG AAA N   1 ? 
ATOM   454  C CA  . ARG A 1 62  ? 6.698   -0.067  -3.167  1.000 26.737 0 61  ARG AAA CA  1 ? 
ATOM   455  C C   . ARG A 1 62  ? 6.208   1.189   -2.450  1.000 25.607 0 61  ARG AAA C   1 ? 
ATOM   456  O O   . ARG A 1 62  ? 5.178   1.751   -2.841  1.000 24.989 0 61  ARG AAA O   1 ? 
ATOM   457  C CB  . ARG A 1 62  ? 7.398   0.274   -4.490  1.000 30.173 0 61  ARG AAA CB  1 ? 
ATOM   458  C CG  . ARG A 1 62  ? 8.851   0.695   -4.317  1.000 32.710 0 61  ARG AAA CG  1 ? 
ATOM   459  C CD  . ARG A 1 62  ? 9.554   0.742   -5.660  1.000 37.588 0 61  ARG AAA CD  1 ? 
ATOM   460  N NE  . ARG A 1 62  ? 9.792   -0.603  -6.170  1.000 38.630 0 61  ARG AAA NE  1 ? 
ATOM   461  C CZ  . ARG A 1 62  ? 10.815  -1.387  -5.821  1.000 42.265 0 61  ARG AAA CZ  1 ? 
ATOM   462  N NH1 . ARG A 1 62  ? 11.714  -0.969  -4.950  1.000 36.905 0 61  ARG AAA NH1 1 ? 
ATOM   463  N NH2 . ARG A 1 62  ? 10.938  -2.592  -6.353  1.000 43.833 0 61  ARG AAA NH2 1 ? 
ATOM   464  N N   . MET A 1 63  ? 6.909   1.600   -1.392  1.000 24.891 0 62  MET AAA N   1 ? 
ATOM   465  C CA  . MET A 1 63  ? 6.673   2.863   -0.680  1.000 25.839 0 62  MET AAA CA  1 ? 
ATOM   466  C C   . MET A 1 63  ? 7.834   3.809   -0.994  1.000 26.429 0 62  MET AAA C   1 ? 
ATOM   467  O O   . MET A 1 63  ? 8.990   3.452   -0.641  1.000 26.825 0 62  MET AAA O   1 ? 
ATOM   468  C CB  . MET A 1 63  ? 6.571   2.599   0.831   1.000 27.604 0 62  MET AAA CB  1 ? 
ATOM   469  C CG  . MET A 1 63  ? 5.815   3.634   1.557   1.000 31.519 0 62  MET AAA CG  1 ? 
ATOM   470  S SD  . MET A 1 63  ? 5.385   3.176   3.288   1.000 34.796 0 62  MET AAA SD  1 ? 
ATOM   471  C CE  . MET A 1 63  ? 4.263   1.817   3.016   1.000 36.277 0 62  MET AAA CE  1 ? 
ATOM   472  N N   . LEU A 1 64  ? 7.530   4.929   -1.655  1.000 23.514 0 63  LEU AAA N   1 ? 
ATOM   473  C CA  . LEU A 1 64  ? 8.526   5.919   -2.154  1.000 25.404 0 63  LEU AAA CA  1 ? 
ATOM   474  C C   . LEU A 1 64  ? 8.356   7.241   -1.417  1.000 24.659 0 63  LEU AAA C   1 ? 
ATOM   475  O O   . LEU A 1 64  ? 7.276   7.866   -1.471  1.000 27.015 0 63  LEU AAA O   1 ? 
ATOM   476  C CB  . LEU A 1 64  ? 8.375   6.064   -3.667  1.000 29.698 0 63  LEU AAA CB  1 ? 
ATOM   477  C CG  . LEU A 1 64  ? 8.460   4.735   -4.414  1.000 32.909 0 63  LEU AAA CG  1 ? 
ATOM   478  C CD1 . LEU A 1 64  ? 7.777   4.766   -5.766  1.000 36.487 0 63  LEU AAA CD1 1 ? 
ATOM   479  C CD2 . LEU A 1 64  ? 9.898   4.294   -4.537  1.000 34.198 0 63  LEU AAA CD2 1 ? 
ATOM   480  N N   . PHE A 1 65  ? 9.409   7.652   -0.725  1.000 22.077 0 64  PHE AAA N   1 ? 
ATOM   481  C CA  . PHE A 1 65  ? 9.417   8.858   0.120   1.000 23.964 0 64  PHE AAA CA  1 ? 
ATOM   482  C C   . PHE A 1 65  ? 10.157  9.981   -0.612  1.000 25.531 0 64  PHE AAA C   1 ? 
ATOM   483  O O   . PHE A 1 65  ? 11.211  9.703   -1.229  1.000 29.853 0 64  PHE AAA O   1 ? 
ATOM   484  C CB  . PHE A 1 65  ? 10.109  8.537   1.443   1.000 22.795 0 64  PHE AAA CB  1 ? 
ATOM   485  C CG  . PHE A 1 65  ? 9.371   7.526   2.258   1.000 23.021 0 64  PHE AAA CG  1 ? 
ATOM   486  C CD1 . PHE A 1 65  ? 9.657   6.170   2.144   1.000 23.771 0 64  PHE AAA CD1 1 ? 
ATOM   487  C CD2 . PHE A 1 65  ? 8.318   7.925   3.068   1.000 23.880 0 64  PHE AAA CD2 1 ? 
ATOM   488  C CE1 . PHE A 1 65  ? 8.972   5.239   2.906   1.000 22.874 0 64  PHE AAA CE1 1 ? 
ATOM   489  C CE2 . PHE A 1 65  ? 7.636   6.987   3.830   1.000 22.908 0 64  PHE AAA CE2 1 ? 
ATOM   490  C CZ  . PHE A 1 65  ? 7.954   5.655   3.730   1.000 23.173 0 64  PHE AAA CZ  1 ? 
ATOM   491  N N   . LYS A 1 66  ? 9.584   11.175  -0.581  1.000 25.113 0 65  LYS AAA N   1 ? 
ATOM   492  C CA  . LYS A 1 66  ? 10.193  12.425  -1.096  1.000 29.324 0 65  LYS AAA CA  1 ? 
ATOM   493  C C   . LYS A 1 66  ? 11.163  12.966  -0.048  1.000 28.085 0 65  LYS AAA C   1 ? 
ATOM   494  O O   . LYS A 1 66  ? 11.066  12.600  1.128   1.000 25.065 0 65  LYS AAA O   1 ? 
ATOM   495  C CB  . LYS A 1 66  ? 9.105   13.448  -1.420  1.000 33.276 0 65  LYS AAA CB  1 ? 
ATOM   496  C CG  . LYS A 1 66  ? 8.408   13.246  -2.758  1.000 42.358 0 65  LYS AAA CG  1 ? 
ATOM   497  C CD  . LYS A 1 66  ? 7.290   14.236  -2.979  1.000 49.424 0 65  LYS AAA CD  1 ? 
ATOM   498  C CE  . LYS A 1 66  ? 7.741   15.681  -2.977  1.000 56.382 0 65  LYS AAA CE  1 ? 
ATOM   499  N NZ  . LYS A 1 66  ? 6.953   16.500  -2.026  1.000 56.327 0 65  LYS AAA NZ  1 ? 
ATOM   500  N N   . ASP A 1 67  ? 12.103  13.811  -0.470  1.000 27.642 0 66  ASP AAA N   1 ? 
ATOM   501  C CA  . ASP A 1 67  ? 13.122  14.416  0.417   1.000 28.410 0 66  ASP AAA CA  1 ? 
ATOM   502  C C   . ASP A 1 67  ? 12.477  15.256  1.525   1.000 26.691 0 66  ASP AAA C   1 ? 
ATOM   503  O O   . ASP A 1 67  ? 13.128  15.441  2.567   1.000 27.428 0 66  ASP AAA O   1 ? 
ATOM   504  C CB  . ASP A 1 67  ? 14.064  15.287  -0.405  1.000 29.995 0 66  ASP AAA CB  1 ? 
ATOM   505  C CG  . ASP A 1 67  ? 15.038  14.511  -1.281  1.000 35.687 0 66  ASP AAA CG  1 ? 
ATOM   506  O OD1 . ASP A 1 67  ? 15.738  15.174  -2.048  1.000 41.441 0 66  ASP AAA OD1 1 ? 
ATOM   507  O OD2 . ASP A 1 67  ? 15.141  13.256  -1.155  1.000 38.546 0 66  ASP AAA OD2 1 ? 
ATOM   508  N N   . ASP A 1 68  ? 11.243  15.732  1.355   1.000 26.727 0 67  ASP AAA N   1 ? 
ATOM   509  C CA  . ASP A 1 68  ? 10.589  16.569  2.393   1.000 26.861 0 67  ASP AAA CA  1 ? 
ATOM   510  C C   . ASP A 1 68  ? 9.688   15.731  3.297   1.000 26.857 0 67  ASP AAA C   1 ? 
ATOM   511  O O   . ASP A 1 68  ? 9.098   16.342  4.158   1.000 26.751 0 67  ASP AAA O   1 ? 
ATOM   512  C CB  . ASP A 1 68  ? 9.834   17.774  1.823   1.000 31.593 0 67  ASP AAA CB  1 ? 
ATOM   513  C CG  . ASP A 1 68  ? 8.627   17.422  0.990   1.000 34.196 0 67  ASP AAA CG  1 ? 
ATOM   514  O OD1 . ASP A 1 68  ? 8.432   16.221  0.731   1.000 37.447 0 67  ASP AAA OD1 1 ? 
ATOM   515  O OD2 . ASP A 1 68  ? 7.881   18.350  0.645   1.000 38.920 0 67  ASP AAA OD2 1 ? 
ATOM   516  N N   . TYR A 1 69  ? 9.632   14.398  3.138   1.000 24.651 0 68  TYR AAA N   1 ? 
ATOM   517  C CA  . TYR A 1 69  ? 9.020   13.498  4.155   1.000 25.436 0 68  TYR AAA CA  1 ? 
ATOM   518  C C   . TYR A 1 69  ? 9.544   13.889  5.550   1.000 26.283 0 68  TYR AAA C   1 ? 
ATOM   519  O O   . TYR A 1 69  ? 10.744  14.118  5.725   1.000 26.220 0 68  TYR AAA O   1 ? 
ATOM   520  C CB  . TYR A 1 69  ? 9.312   12.033  3.843   1.000 24.841 0 68  TYR AAA CB  1 ? 
ATOM   521  C CG  . TYR A 1 69  ? 8.824   11.068  4.890   1.000 24.665 0 68  TYR AAA CG  1 ? 
ATOM   522  C CD1 . TYR A 1 69  ? 7.483   10.718  4.986   1.000 22.711 0 68  TYR AAA CD1 1 ? 
ATOM   523  C CD2 . TYR A 1 69  ? 9.716   10.530  5.797   1.000 24.059 0 68  TYR AAA CD2 1 ? 
ATOM   524  C CE1 . TYR A 1 69  ? 7.070   9.800   5.942   1.000 22.591 0 68  TYR AAA CE1 1 ? 
ATOM   525  C CE2 . TYR A 1 69  ? 9.314   9.643   6.780   1.000 26.146 0 68  TYR AAA CE2 1 ? 
ATOM   526  C CZ  . TYR A 1 69  ? 7.978   9.294   6.855   1.000 24.223 0 68  TYR AAA CZ  1 ? 
ATOM   527  O OH  . TYR A 1 69  ? 7.605   8.392   7.801   1.000 25.342 0 68  TYR AAA OH  1 ? 
ATOM   528  N N   . PRO A 1 70  ? 8.693   14.014  6.606   1.000 24.549 0 69  PRO AAA N   1 ? 
ATOM   529  C CA  . PRO A 1 70  ? 7.252   13.690  6.538   1.000 24.198 0 69  PRO AAA CA  1 ? 
ATOM   530  C C   . PRO A 1 70  ? 6.241   14.831  6.255   1.000 24.862 0 69  PRO AAA C   1 ? 
ATOM   531  O O   . PRO A 1 70  ? 5.049   14.730  6.565   1.000 24.484 0 69  PRO AAA O   1 ? 
ATOM   532  C CB  . PRO A 1 70  ? 7.080   13.107  7.939   1.000 25.847 0 69  PRO AAA CB  1 ? 
ATOM   533  C CG  . PRO A 1 70  ? 7.893   14.022  8.816   1.000 25.597 0 69  PRO AAA CG  1 ? 
ATOM   534  C CD  . PRO A 1 70  ? 9.144   14.291  7.989   1.000 24.898 0 69  PRO AAA CD  1 ? 
ATOM   535  N N   . SER A 1 71  ? 6.677   15.913  5.610   1.000 24.814 0 70  SER AAA N   1 ? 
ATOM   536  C CA  . SER A 1 71  ? 5.746   16.974  5.165   1.000 24.032 0 70  SER AAA CA  1 ? 
ATOM   537  C C   . SER A 1 71  ? 4.691   16.330  4.252   1.000 24.775 0 70  SER AAA C   1 ? 
ATOM   538  O O   . SER A 1 71  ? 3.489   16.680  4.336   1.000 25.491 0 70  SER AAA O   1 ? 
ATOM   539  C CB  . SER A 1 71  ? 6.500   18.042  4.426   1.000 24.240 0 70  SER AAA CB  1 ? 
ATOM   540  O OG  . SER A 1 71  ? 5.620   19.058  4.008   1.000 24.230 0 70  SER AAA OG  1 ? 
ATOM   541  N N   . SER A 1 72  ? 5.187   15.449  3.383   1.000 25.213 0 71  SER AAA N   1 ? 
ATOM   542  C CA  . SER A 1 72  ? 4.453   14.778  2.286   1.000 26.630 0 71  SER AAA CA  1 ? 
ATOM   543  C C   . SER A 1 72  ? 4.306   13.296  2.625   1.000 23.299 0 71  SER AAA C   1 ? 
ATOM   544  O O   . SER A 1 72  ? 5.190   12.672  3.225   1.000 25.821 0 71  SER AAA O   1 ? 
ATOM   545  C CB  . SER A 1 72  ? 5.202   14.986  1.001   1.000 29.354 0 71  SER AAA CB  1 ? 
ATOM   546  O OG  . SER A 1 72  ? 6.517   14.422  1.111   1.000 29.425 0 71  SER AAA OG  1 ? 
ATOM   547  N N   . PRO A 1 73  ? 3.187   12.658  2.226   1.000 23.728 0 72  PRO AAA N   1 ? 
ATOM   548  C CA  . PRO A 1 73  ? 3.041   11.218  2.385   1.000 23.755 0 72  PRO AAA CA  1 ? 
ATOM   549  C C   . PRO A 1 73  ? 3.917   10.500  1.370   1.000 24.102 0 72  PRO AAA C   1 ? 
ATOM   550  O O   . PRO A 1 73  ? 4.280   11.108  0.359   1.000 24.525 0 72  PRO AAA O   1 ? 
ATOM   551  C CB  . PRO A 1 73  ? 1.567   10.987  2.011   1.000 24.110 0 72  PRO AAA CB  1 ? 
ATOM   552  C CG  . PRO A 1 73  ? 1.301   12.059  1.002   1.000 22.954 0 72  PRO AAA CG  1 ? 
ATOM   553  C CD  . PRO A 1 73  ? 2.045   13.272  1.522   1.000 23.439 0 72  PRO AAA CD  1 ? 
ATOM   554  N N   . PRO A 1 74  ? 4.243   9.211   1.567   1.000 25.306 0 73  PRO AAA N   1 ? 
ATOM   555  C CA  . PRO A 1 74  ? 4.893   8.420   0.528   1.000 23.744 0 73  PRO AAA CA  1 ? 
ATOM   556  C C   . PRO A 1 74  ? 3.912   8.190   -0.612  1.000 25.932 0 73  PRO AAA C   1 ? 
ATOM   557  O O   . PRO A 1 74  ? 2.714   8.271   -0.407  1.000 24.980 0 73  PRO AAA O   1 ? 
ATOM   558  C CB  . PRO A 1 74  ? 5.271   7.108   1.221   1.000 26.845 0 73  PRO AAA CB  1 ? 
ATOM   559  C CG  . PRO A 1 74  ? 4.205   6.951   2.269   1.000 27.083 0 73  PRO AAA CG  1 ? 
ATOM   560  C CD  . PRO A 1 74  ? 3.935   8.381   2.747   1.000 28.586 0 73  PRO AAA CD  1 ? 
ATOM   561  N N   . LYS A 1 75  ? 4.459   7.947   -1.790  1.000 24.409 0 74  LYS AAA N   1 ? 
ATOM   562  C CA  . LYS A 1 75  ? 3.705   7.292   -2.875  1.000 26.539 0 74  LYS AAA CA  1 ? 
ATOM   563  C C   . LYS A 1 75  ? 3.717   5.797   -2.598  1.000 24.982 0 74  LYS AAA C   1 ? 
ATOM   564  O O   . LYS A 1 75  ? 4.809   5.202   -2.385  1.000 23.782 0 74  LYS AAA O   1 ? 
ATOM   565  C CB  . LYS A 1 75  ? 4.287   7.645   -4.243  1.000 27.323 0 74  LYS AAA CB  1 ? 
ATOM   566  C CG  . LYS A 1 75  ? 3.592   6.963   -5.420  1.000 31.984 0 74  LYS AAA CG  1 ? 
ATOM   567  C CD  . LYS A 1 75  ? 3.853   7.639   -6.744  1.000 36.530 0 74  LYS AAA CD  1 ? 
ATOM   568  C CE  . LYS A 1 75  ? 5.102   7.178   -7.452  1.000 47.475 0 74  LYS AAA CE  1 ? 
ATOM   569  N NZ  . LYS A 1 75  ? 5.787   8.333   -8.105  1.000 55.228 0 74  LYS AAA NZ  1 ? 
ATOM   570  N N   . CYS A 1 76  ? 2.548   5.190   -2.648  1.000 22.755 0 75  CYS AAA N   1 ? 
ATOM   571  C CA  . CYS A 1 76  ? 2.378   3.738   -2.438  1.000 22.190 0 75  CYS AAA CA  1 ? 
ATOM   572  C C   . CYS A 1 76  ? 1.922   3.120   -3.750  1.000 25.143 0 75  CYS AAA C   1 ? 
ATOM   573  O O   . CYS A 1 76  ? 0.886   3.526   -4.270  1.000 23.797 0 75  CYS AAA O   1 ? 
ATOM   574  C CB  . CYS A 1 76  ? 1.409   3.447   -1.309  1.000 23.929 0 75  CYS AAA CB  1 ? 
ATOM   575  S SG  . CYS A 1 76  ? 2.081   4.071   0.245   1.000 27.824 0 75  CYS AAA SG  1 ? 
ATOM   576  N N   . LYS A 1 77  ? 2.713   2.190   -4.266  1.000 24.258 0 76  LYS AAA N   1 ? 
ATOM   577  C CA  . LYS A 1 77  ? 2.508   1.690   -5.649  1.000 25.319 0 76  LYS AAA CA  1 ? 
ATOM   578  C C   . LYS A 1 77  ? 2.561   0.162   -5.634  1.000 24.100 0 76  LYS AAA C   1 ? 
ATOM   579  O O   . LYS A 1 77  ? 3.619   -0.424  -5.379  1.000 25.555 0 76  LYS AAA O   1 ? 
ATOM   580  C CB  . LYS A 1 77  ? 3.538   2.360   -6.550  1.000 28.802 0 76  LYS AAA CB  1 ? 
ATOM   581  C CG  . LYS A 1 77  ? 3.601   1.866   -7.991  1.000 35.737 0 76  LYS AAA CG  1 ? 
ATOM   582  C CD  . LYS A 1 77  ? 5.060   1.858   -8.493  1.000 43.885 0 76  LYS AAA CD  1 ? 
ATOM   583  C CE  . LYS A 1 77  ? 5.233   1.646   -9.989  1.000 47.100 0 76  LYS AAA CE  1 ? 
ATOM   584  N NZ  . LYS A 1 77  ? 4.667   2.775   -10.767 1.000 55.575 0 76  LYS AAA NZ  1 ? 
ATOM   585  N N   . PHE A 1 78  ? 1.424   -0.477  -5.862  1.000 25.191 0 77  PHE AAA N   1 ? 
ATOM   586  C CA  . PHE A 1 78  ? 1.375   -1.941  -6.055  1.000 26.271 0 77  PHE AAA CA  1 ? 
ATOM   587  C C   . PHE A 1 78  ? 2.224   -2.299  -7.280  1.000 27.348 0 77  PHE AAA C   1 ? 
ATOM   588  O O   . PHE A 1 78  ? 2.068   -1.622  -8.333  1.000 24.708 0 77  PHE AAA O   1 ? 
ATOM   589  C CB  . PHE A 1 78  ? -0.060  -2.442  -6.186  1.000 24.903 0 77  PHE AAA CB  1 ? 
ATOM   590  C CG  . PHE A 1 78  ? -0.790  -2.507  -4.866  1.000 25.079 0 77  PHE AAA CG  1 ? 
ATOM   591  C CD1 . PHE A 1 78  ? -0.489  -3.490  -3.938  1.000 25.770 0 77  PHE AAA CD1 1 ? 
ATOM   592  C CD2 . PHE A 1 78  ? -1.705  -1.528  -4.523  1.000 24.168 0 77  PHE AAA CD2 1 ? 
ATOM   593  C CE1 . PHE A 1 78  ? -1.125  -3.507  -2.705  1.000 25.113 0 77  PHE AAA CE1 1 ? 
ATOM   594  C CE2 . PHE A 1 78  ? -2.390  -1.585  -3.327  1.000 25.307 0 77  PHE AAA CE2 1 ? 
ATOM   595  C CZ  . PHE A 1 78  ? -2.069  -2.554  -2.403  1.000 25.782 0 77  PHE AAA CZ  1 ? 
ATOM   596  N N   . GLU A 1 79  ? 3.097   -3.282  -7.104  1.000 29.751 0 78  GLU AAA N   1 ? 
ATOM   597  C CA  . GLU A 1 79  ? 3.909   -3.902  -8.182  1.000 35.944 0 78  GLU AAA CA  1 ? 
ATOM   598  C C   . GLU A 1 79  ? 3.732   -5.415  -8.110  1.000 38.509 0 78  GLU AAA C   1 ? 
ATOM   599  O O   . GLU A 1 79  ? 4.146   -6.037  -7.152  1.000 39.329 0 78  GLU AAA O   1 ? 
ATOM   600  C CB  . GLU A 1 79  ? 5.380   -3.542  -8.015  1.000 42.455 0 78  GLU AAA CB  1 ? 
ATOM   601  C CG  . GLU A 1 79  ? 5.675   -2.069  -8.187  1.000 42.842 0 78  GLU AAA CG  1 ? 
ATOM   602  C CD  . GLU A 1 79  ? 7.158   -1.764  -8.005  1.000 46.480 0 78  GLU AAA CD  1 ? 
ATOM   603  O OE1 . GLU A 1 79  ? 7.849   -2.606  -7.391  1.000 46.002 0 78  GLU AAA OE1 1 ? 
ATOM   604  O OE2 . GLU A 1 79  ? 7.612   -0.693  -8.466  1.000 44.069 0 78  GLU AAA OE2 1 ? 
ATOM   605  N N   . PRO A 1 80  ? 3.087   -6.072  -9.099  1.000 37.986 0 79  PRO AAA N   1 ? 
ATOM   606  C CA  . PRO A 1 80  ? 2.520   -5.385  -10.255 1.000 35.156 0 79  PRO AAA CA  1 ? 
ATOM   607  C C   . PRO A 1 80  ? 1.241   -4.623  -9.904  1.000 32.204 0 79  PRO AAA C   1 ? 
ATOM   608  O O   . PRO A 1 80  ? 0.704   -4.739  -8.802  1.000 30.115 0 79  PRO AAA O   1 ? 
ATOM   609  C CB  . PRO A 1 80  ? 2.248   -6.548  -11.218 1.000 38.598 0 79  PRO AAA CB  1 ? 
ATOM   610  C CG  . PRO A 1 80  ? 1.916   -7.716  -10.302 1.000 38.186 0 79  PRO AAA CG  1 ? 
ATOM   611  C CD  . PRO A 1 80  ? 2.807   -7.516  -9.097  1.000 42.033 0 79  PRO AAA CD  1 ? 
ATOM   612  N N   . PRO A 1 81  ? 0.732   -3.794  -10.831 1.000 30.985 0 80  PRO AAA N   1 ? 
ATOM   613  C CA  . PRO A 1 81  ? -0.504  -3.048  -10.598 1.000 31.868 0 80  PRO AAA CA  1 ? 
ATOM   614  C C   . PRO A 1 81  ? -1.667  -3.970  -10.225 1.000 36.197 0 80  PRO AAA C   1 ? 
ATOM   615  O O   . PRO A 1 81  ? -1.757  -5.015  -10.816 1.000 34.504 0 80  PRO AAA O   1 ? 
ATOM   616  C CB  . PRO A 1 81  ? -0.755  -2.371  -11.948 1.000 36.028 0 80  PRO AAA CB  1 ? 
ATOM   617  C CG  . PRO A 1 81  ? 0.622   -2.221  -12.551 1.000 35.470 0 80  PRO AAA CG  1 ? 
ATOM   618  C CD  . PRO A 1 81  ? 1.373   -3.465  -12.124 1.000 33.558 0 80  PRO AAA CD  1 ? 
ATOM   619  N N   . LEU A 1 82  ? -2.510  -3.561  -9.272  1.000 32.743 0 81  LEU AAA N   1 ? 
ATOM   620  C CA  . LEU A 1 82  ? -3.630  -4.379  -8.740  1.000 31.974 0 81  LEU AAA CA  1 ? 
ATOM   621  C C   . LEU A 1 82  ? -4.953  -4.007  -9.415  1.000 32.290 0 81  LEU AAA C   1 ? 
ATOM   622  O O   . LEU A 1 82  ? -5.207  -2.820  -9.698  1.000 27.064 0 81  LEU AAA O   1 ? 
ATOM   623  C CB  . LEU A 1 82  ? -3.795  -4.136  -7.233  1.000 38.499 0 81  LEU AAA CB  1 ? 
ATOM   624  C CG  . LEU A 1 82  ? -3.064  -5.079  -6.280  1.000 47.929 0 81  LEU AAA CG  1 ? 
ATOM   625  C CD1 . LEU A 1 82  ? -3.742  -5.038  -4.930  1.000 49.023 0 81  LEU AAA CD1 1 ? 
ATOM   626  C CD2 . LEU A 1 82  ? -2.998  -6.513  -6.797  1.000 46.618 0 81  LEU AAA CD2 1 ? 
ATOM   627  N N   . PHE A 1 83  ? -5.814  -5.002  -9.592  1.000 29.018 0 82  PHE AAA N   1 ? 
ATOM   628  C CA  . PHE A 1 83  ? -7.246  -4.796  -9.876  1.000 29.033 0 82  PHE AAA CA  1 ? 
ATOM   629  C C   . PHE A 1 83  ? -7.921  -4.381  -8.566  1.000 28.579 0 82  PHE AAA C   1 ? 
ATOM   630  O O   . PHE A 1 83  ? -8.111  -5.239  -7.696  1.000 31.286 0 82  PHE AAA O   1 ? 
ATOM   631  C CB  . PHE A 1 83  ? -7.813  -6.065  -10.513 1.000 28.512 0 82  PHE AAA CB  1 ? 
ATOM   632  C CG  . PHE A 1 83  ? -9.273  -6.010  -10.844 1.000 29.969 0 82  PHE AAA CG  1 ? 
ATOM   633  C CD1 . PHE A 1 83  ? -9.701  -5.656  -12.111 1.000 30.928 0 82  PHE AAA CD1 1 ? 
ATOM   634  C CD2 . PHE A 1 83  ? -10.219 -6.325  -9.886  1.000 34.123 0 82  PHE AAA CD2 1 ? 
ATOM   635  C CE1 . PHE A 1 83  ? -11.055 -5.602  -12.398 1.000 32.644 0 82  PHE AAA CE1 1 ? 
ATOM   636  C CE2 . PHE A 1 83  ? -11.569 -6.300  -10.193 1.000 32.392 0 82  PHE AAA CE2 1 ? 
ATOM   637  C CZ  . PHE A 1 83  ? -11.976 -5.930  -11.443 1.000 32.356 0 82  PHE AAA CZ  1 ? 
ATOM   638  N N   . HIS A 1 84  ? -8.283  -3.102  -8.456  1.000 26.672 0 83  HIS AAA N   1 ? 
ATOM   639  C CA  . HIS A 1 84  ? -8.975  -2.474  -7.306  1.000 30.467 0 83  HIS AAA CA  1 ? 
ATOM   640  C C   . HIS A 1 84  ? -9.491  -1.122  -7.777  1.000 29.010 0 83  HIS AAA C   1 ? 
ATOM   641  O O   . HIS A 1 84  ? -8.751  -0.432  -8.479  1.000 27.970 0 83  HIS AAA O   1 ? 
ATOM   642  C CB  . HIS A 1 84  ? -8.020  -2.343  -6.112  1.000 27.116 0 83  HIS AAA CB  1 ? 
ATOM   643  C CG  . HIS A 1 84  ? -8.711  -1.889  -4.891  1.000 25.514 0 83  HIS AAA CG  1 ? 
ATOM   644  N ND1 . HIS A 1 84  ? -9.107  -0.590  -4.707  1.000 25.567 0 83  HIS AAA ND1 1 ? 
ATOM   645  C CD2 . HIS A 1 84  ? -9.162  -2.588  -3.825  1.000 26.912 0 83  HIS AAA CD2 1 ? 
ATOM   646  C CE1 . HIS A 1 84  ? -9.768  -0.508  -3.571  1.000 29.069 0 83  HIS AAA CE1 1 ? 
ATOM   647  N NE2 . HIS A 1 84  ? -9.776  -1.728  -2.986  1.000 26.487 0 83  HIS AAA NE2 1 ? 
ATOM   648  N N   . PRO A 1 85  ? -10.726 -0.708  -7.400  1.000 26.118 0 84  PRO AAA N   1 ? 
ATOM   649  C CA  . PRO A 1 85  ? -11.286 0.541   -7.916  1.000 27.663 0 84  PRO AAA CA  1 ? 
ATOM   650  C C   . PRO A 1 85  ? -10.470 1.800   -7.579  1.000 26.431 0 84  PRO AAA C   1 ? 
ATOM   651  O O   . PRO A 1 85  ? -10.561 2.788   -8.315  1.000 26.739 0 84  PRO AAA O   1 ? 
ATOM   652  C CB  . PRO A 1 85  ? -12.646 0.626   -7.245  1.000 29.724 0 84  PRO AAA CB  1 ? 
ATOM   653  C CG  . PRO A 1 85  ? -13.007 -0.806  -6.931  1.000 29.587 0 84  PRO AAA CG  1 ? 
ATOM   654  C CD  . PRO A 1 85  ? -11.697 -1.496  -6.638  1.000 27.862 0 84  PRO AAA CD  1 ? 
ATOM   655  N N   . ASN A 1 86  ? -9.735  1.763   -6.469  1.000 23.570 0 85  ASN AAA N   1 ? 
ATOM   656  C CA  . ASN A 1 86  ? -9.001  2.926   -5.912  1.000 24.301 0 85  ASN AAA CA  1 ? 
ATOM   657  C C   . ASN A 1 86  ? -7.493  2.796   -6.155  1.000 25.090 0 85  ASN AAA C   1 ? 
ATOM   658  O O   . ASN A 1 86  ? -6.737  3.509   -5.484  1.000 26.071 0 85  ASN AAA O   1 ? 
ATOM   659  C CB  . ASN A 1 86  ? -9.255  3.076   -4.408  1.000 24.942 0 85  ASN AAA CB  1 ? 
ATOM   660  C CG  . ASN A 1 86  ? -10.743 3.097   -4.131  1.000 27.702 0 85  ASN AAA CG  1 ? 
ATOM   661  O OD1 . ASN A 1 86  ? -11.255 2.277   -3.373  1.000 30.517 0 85  ASN AAA OD1 1 ? 
ATOM   662  N ND2 . ASN A 1 86  ? -11.420 4.071   -4.713  1.000 30.413 0 85  ASN AAA ND2 1 ? 
ATOM   663  N N   . VAL A 1 87  ? -7.074  1.948   -7.081  1.000 22.347 0 86  VAL AAA N   1 ? 
ATOM   664  C CA  . VAL A 1 87  ? -5.660  1.797   -7.465  1.000 24.432 0 86  VAL AAA CA  1 ? 
ATOM   665  C C   . VAL A 1 87  ? -5.548  2.215   -8.916  1.000 25.041 0 86  VAL AAA C   1 ? 
ATOM   666  O O   . VAL A 1 87  ? -6.247  1.641   -9.760  1.000 26.807 0 86  VAL AAA O   1 ? 
ATOM   667  C CB  . VAL A 1 87  ? -5.098  0.393   -7.197  1.000 23.629 0 86  VAL AAA CB  1 ? 
ATOM   668  C CG1 . VAL A 1 87  ? -3.633  0.319   -7.638  1.000 24.694 0 86  VAL AAA CG1 1 ? 
ATOM   669  C CG2 . VAL A 1 87  ? -5.230  0.018   -5.732  1.000 24.495 0 86  VAL AAA CG2 1 ? 
ATOM   670  N N   . TYR A 1 88  ? -4.747  3.236   -9.188  1.000 23.531 0 87  TYR AAA N   1 ? 
ATOM   671  C CA  . TYR A 1 88  ? -4.513  3.732   -10.572 1.000 23.292 0 87  TYR AAA CA  1 ? 
ATOM   672  C C   . TYR A 1 88  ? -3.880  2.620   -11.407 1.000 24.849 0 87  TYR AAA C   1 ? 
ATOM   673  O O   . TYR A 1 88  ? -3.189  1.725   -10.899 1.000 26.505 0 87  TYR AAA O   1 ? 
ATOM   674  C CB  . TYR A 1 88  ? -3.603  4.957   -10.574 1.000 22.145 0 87  TYR AAA CB  1 ? 
ATOM   675  C CG  . TYR A 1 88  ? -4.274  6.166   -10.012 1.000 22.931 0 87  TYR AAA CG  1 ? 
ATOM   676  C CD1 . TYR A 1 88  ? -5.212  6.850   -10.760 1.000 23.318 0 87  TYR AAA CD1 1 ? 
ATOM   677  C CD2 . TYR A 1 88  ? -4.003  6.612   -8.734  1.000 22.798 0 87  TYR AAA CD2 1 ? 
ATOM   678  C CE1 . TYR A 1 88  ? -5.880  7.953   -10.253 1.000 25.664 0 87  TYR AAA CE1 1 ? 
ATOM   679  C CE2 . TYR A 1 88  ? -4.655  7.713   -8.214  1.000 22.628 0 87  TYR AAA CE2 1 ? 
ATOM   680  C CZ  . TYR A 1 88  ? -5.589  8.390   -8.968  1.000 23.695 0 87  TYR AAA CZ  1 ? 
ATOM   681  O OH  . TYR A 1 88  ? -6.265  9.451   -8.444  1.000 26.195 0 87  TYR AAA OH  1 ? 
ATOM   682  N N   . PRO A 1 89  ? -4.043  2.673   -12.744 1.000 26.689 0 88  PRO AAA N   1 ? 
ATOM   683  C CA  . PRO A 1 89  ? -3.359  1.724   -13.620 1.000 27.574 0 88  PRO AAA CA  1 ? 
ATOM   684  C C   . PRO A 1 89  ? -1.842  1.705   -13.422 1.000 29.621 0 88  PRO AAA C   1 ? 
ATOM   685  O O   . PRO A 1 89  ? -1.232  0.714   -13.714 1.000 26.823 0 88  PRO AAA O   1 ? 
ATOM   686  C CB  . PRO A 1 89  ? -3.702  2.238   -15.027 1.000 28.487 0 88  PRO AAA CB  1 ? 
ATOM   687  C CG  . PRO A 1 89  ? -5.020  2.992   -14.842 1.000 30.177 0 88  PRO AAA CG  1 ? 
ATOM   688  C CD  . PRO A 1 89  ? -4.916  3.617   -13.460 1.000 26.013 0 88  PRO AAA CD  1 ? 
ATOM   689  N N   . SER A 1 90  ? -1.264  2.792   -12.888 1.000 26.064 0 89  SER AAA N   1 ? 
ATOM   690  C CA  . SER A 1 90  ? 0.183   2.855   -12.545 1.000 28.604 0 89  SER AAA CA  1 ? 
ATOM   691  C C   . SER A 1 90  ? 0.525   1.929   -11.365 1.000 28.727 0 89  SER AAA C   1 ? 
ATOM   692  O O   . SER A 1 90  ? 1.718   1.626   -11.168 1.000 28.385 0 89  SER AAA O   1 ? 
ATOM   693  C CB  . SER A 1 90  ? 0.569   4.277   -12.251 1.000 27.843 0 89  SER AAA CB  1 ? 
ATOM   694  O OG  . SER A 1 90  ? -0.023  4.701   -11.032 1.000 26.334 0 89  SER AAA OG  1 ? 
ATOM   695  N N   . GLY A 1 91  ? -0.461  1.579   -10.537 1.000 25.263 0 90  GLY AAA N   1 ? 
ATOM   696  C CA  . GLY A 1 91  ? -0.243  0.879   -9.252  1.000 25.576 0 90  GLY AAA CA  1 ? 
ATOM   697  C C   . GLY A 1 91  ? -0.388  1.812   -8.063  1.000 24.070 0 90  GLY AAA C   1 ? 
ATOM   698  O O   . GLY A 1 91  ? -0.504  1.282   -6.940  1.000 22.980 0 90  GLY AAA O   1 ? 
ATOM   699  N N   . THR A 1 92  ? -0.382  3.136   -8.295  1.000 24.212 0 91  THR AAA N   1 ? 
ATOM   700  C CA  . THR A 1 92  ? -0.480  4.187   -7.243  1.000 24.828 0 91  THR AAA CA  1 ? 
ATOM   701  C C   . THR A 1 92  ? -1.811  4.024   -6.507  1.000 24.206 0 91  THR AAA C   1 ? 
ATOM   702  O O   . THR A 1 92  ? -2.830  3.884   -7.167  1.000 24.675 0 91  THR AAA O   1 ? 
ATOM   703  C CB  . THR A 1 92  ? -0.280  5.602   -7.788  1.000 25.165 0 91  THR AAA CB  1 ? 
ATOM   704  O OG1 . THR A 1 92  ? 1.037   5.661   -8.319  1.000 27.057 0 91  THR AAA OG1 1 ? 
ATOM   705  C CG2 . THR A 1 92  ? -0.461  6.645   -6.713  1.000 28.484 0 91  THR AAA CG2 1 ? 
ATOM   706  N N   . VAL A 1 93  ? -1.780  3.987   -5.190  1.000 24.208 0 92  VAL AAA N   1 ? 
ATOM   707  C CA  . VAL A 1 93  ? -3.000  3.892   -4.338  1.000 23.194 0 92  VAL AAA CA  1 ? 
ATOM   708  C C   . VAL A 1 93  ? -3.584  5.288   -4.127  1.000 24.988 0 92  VAL AAA C   1 ? 
ATOM   709  O O   . VAL A 1 93  ? -2.808  6.212   -3.677  1.000 23.530 0 92  VAL AAA O   1 ? 
ATOM   710  C CB  . VAL A 1 93  ? -2.663  3.253   -2.978  1.000 26.276 0 92  VAL AAA CB  1 ? 
ATOM   711  C CG1 . VAL A 1 93  ? -3.881  3.214   -2.087  1.000 26.969 0 92  VAL AAA CG1 1 ? 
ATOM   712  C CG2 . VAL A 1 93  ? -2.067  1.866   -3.145  1.000 27.718 0 92  VAL AAA CG2 1 ? 
ATOM   713  N N   . GLU A 1 94  ? -4.880  5.441   -4.394  1.000 25.254 0 93  GLU AAA N   1 ? 
ATOM   714  C CA  . GLU A 1 94  ? -5.650  6.652   -4.070  1.000 26.757 0 93  GLU AAA CA  1 ? 
ATOM   715  C C   . GLU A 1 94  ? -6.276  6.432   -2.678  1.000 25.851 0 93  GLU AAA C   1 ? 
ATOM   716  O O   . GLU A 1 94  ? -7.164  5.563   -2.538  1.000 25.981 0 93  GLU AAA O   1 ? 
ATOM   717  C CB  . GLU A 1 94  ? -6.685  6.949   -5.158  1.000 26.560 0 93  GLU AAA CB  1 ? 
ATOM   718  C CG  . GLU A 1 94  ? -7.300  8.350   -5.027  1.000 30.810 0 93  GLU AAA CG  1 ? 
ATOM   719  C CD  . GLU A 1 94  ? -6.322  9.513   -4.867  1.000 33.013 0 93  GLU AAA CD  1 ? 
ATOM   720  O OE1 . GLU A 1 94  ? -5.663  9.892   -5.859  1.000 30.239 0 93  GLU AAA OE1 1 ? 
ATOM   721  O OE2 . GLU A 1 94  ? -6.198  10.037  -3.728  1.000 35.324 0 93  GLU AAA OE2 1 ? 
ATOM   722  N N   . LEU A 1 95  ? -5.848  7.188   -1.676  1.000 25.175 0 94  LEU AAA N   1 ? 
ATOM   723  C CA  . LEU A 1 95  ? -6.368  7.023   -0.280  1.000 25.792 0 94  LEU AAA CA  1 ? 
ATOM   724  C C   . LEU A 1 95  ? -6.181  8.362   0.433   1.000 27.321 0 94  LEU AAA C   1 ? 
ATOM   725  O O   . LEU A 1 95  ? -5.141  8.976   0.208   1.000 24.870 0 94  LEU AAA O   1 ? 
ATOM   726  C CB  . LEU A 1 95  ? -5.615  5.862   0.379   1.000 27.522 0 94  LEU AAA CB  1 ? 
ATOM   727  C CG  . LEU A 1 95  ? -5.974  5.517   1.829   1.000 26.879 0 94  LEU AAA CG  1 ? 
ATOM   728  C CD1 . LEU A 1 95  ? -7.442  5.109   1.931   1.000 29.707 0 94  LEU AAA CD1 1 ? 
ATOM   729  C CD2 . LEU A 1 95  ? -5.084  4.407   2.334   1.000 24.708 0 94  LEU AAA CD2 1 ? 
ATOM   730  N N   . SER A 1 96  ? -7.149  8.808   1.245   1.000 27.499 0 95  SER AAA N   1 ? 
ATOM   731  C CA  . SER A 1 96  ? -7.122  10.196  1.783   1.000 29.926 0 95  SER AAA CA  1 ? 
ATOM   732  C C   . SER A 1 96  ? -5.895  10.370  2.701   1.000 25.176 0 95  SER AAA C   1 ? 
ATOM   733  O O   . SER A 1 96  ? -5.262  11.433  2.602   1.000 25.626 0 95  SER AAA O   1 ? 
ATOM   734  C CB  . SER A 1 96  ? -8.426  10.613  2.469   1.000 33.026 0 95  SER AAA CB  1 ? 
ATOM   735  O OG  . SER A 1 96  ? -8.827  9.655   3.421   1.000 48.331 0 95  SER AAA OG  1 ? 
ATOM   736  N N   . ILE A 1 97  ? -5.522  9.361   3.505   1.000 24.774 0 96  ILE AAA N   1 ? 
ATOM   737  C CA  . ILE A 1 97  ? -4.302  9.492   4.382   1.000 24.480 0 96  ILE AAA CA  1 ? 
ATOM   738  C C   . ILE A 1 97  ? -3.034  9.594   3.523   1.000 23.852 0 96  ILE AAA C   1 ? 
ATOM   739  O O   . ILE A 1 97  ? -2.035  10.095  4.063   1.000 25.167 0 96  ILE AAA O   1 ? 
ATOM   740  C CB  . ILE A 1 97  ? -4.139  8.404   5.461   1.000 25.644 0 96  ILE AAA CB  1 ? 
ATOM   741  C CG1 . ILE A 1 97  ? -4.051  6.988   4.889   1.000 26.393 0 96  ILE AAA CG1 1 ? 
ATOM   742  C CG2 . ILE A 1 97  ? -5.215  8.558   6.537   1.000 27.108 0 96  ILE AAA CG2 1 ? 
ATOM   743  C CD1 . ILE A 1 97  ? -3.499  5.951   5.828   1.000 29.752 0 96  ILE AAA CD1 1 ? 
ATOM   744  N N   . LEU A 1 98  ? -3.086  9.209   2.233   1.000 23.248 0 97  LEU AAA N   1 ? 
ATOM   745  C CA  . LEU A 1 98  ? -1.915  9.288   1.308   1.000 27.654 0 97  LEU AAA CA  1 ? 
ATOM   746  C C   . LEU A 1 98  ? -1.973  10.559  0.466   1.000 28.509 0 97  LEU AAA C   1 ? 
ATOM   747  O O   . LEU A 1 98  ? -1.288  10.602  -0.566  1.000 29.246 0 97  LEU AAA O   1 ? 
ATOM   748  C CB  . LEU A 1 98  ? -1.866  8.037   0.425   1.000 24.047 0 97  LEU AAA CB  1 ? 
ATOM   749  C CG  . LEU A 1 98  ? -1.676  6.718   1.167   1.000 27.229 0 97  LEU AAA CG  1 ? 
ATOM   750  C CD1 . LEU A 1 98  ? -1.503  5.577   0.180   1.000 31.365 0 97  LEU AAA CD1 1 ? 
ATOM   751  C CD2 . LEU A 1 98  ? -0.487  6.801   2.109   1.000 27.589 0 97  LEU AAA CD2 1 ? 
ATOM   752  N N   . GLU A 1 99  ? -2.730  11.572  0.890   1.000 25.799 0 98  GLU AAA N   1 ? 
ATOM   753  C CA  . GLU A 1 99  ? -2.833  12.850  0.151   1.000 24.751 0 98  GLU AAA CA  1 ? 
ATOM   754  C C   . GLU A 1 99  ? -2.528  14.016  1.110   1.000 25.080 0 98  GLU AAA C   1 ? 
ATOM   755  O O   . GLU A 1 99  ? -3.261  14.186  2.065   1.000 25.290 0 98  GLU AAA O   1 ? 
ATOM   756  C CB  . GLU A 1 99  ? -4.213  13.033  -0.486  1.000 26.118 0 98  GLU AAA CB  1 ? 
ATOM   757  C CG  . GLU A 1 99  ? -4.484  12.075  -1.630  1.000 32.071 0 98  GLU AAA CG  1 ? 
ATOM   758  C CD  . GLU A 1 99  ? -3.909  12.466  -2.979  1.000 43.126 0 98  GLU AAA CD  1 ? 
ATOM   759  O OE1 . GLU A 1 99  ? -3.321  13.574  -3.065  1.000 61.932 0 98  GLU AAA OE1 1 ? 
ATOM   760  O OE2 . GLU A 1 99  ? -4.099  11.681  -3.963  1.000 47.254 0 98  GLU AAA OE2 1 ? 
ATOM   761  N N   . GLU A 1 100 ? -1.517  14.808  0.787   1.000 31.110 0 99  GLU AAA N   1 ? 
ATOM   762  C CA  . GLU A 1 100 ? -1.004  15.921  1.629   1.000 31.753 0 99  GLU AAA CA  1 ? 
ATOM   763  C C   . GLU A 1 100 ? -2.130  16.924  1.918   1.000 34.946 0 99  GLU AAA C   1 ? 
ATOM   764  O O   . GLU A 1 100 ? -2.205  17.408  3.058   1.000 36.147 0 99  GLU AAA O   1 ? 
ATOM   765  C CB  . GLU A 1 100 ? 0.186   16.561  0.906   1.000 36.588 0 99  GLU AAA CB  1 ? 
ATOM   766  C CG  . GLU A 1 100 ? 0.926   17.580  1.753   1.000 41.125 0 99  GLU AAA CG  1 ? 
ATOM   767  C CD  . GLU A 1 100 ? 2.096   18.205  1.023   1.000 46.103 0 99  GLU AAA CD  1 ? 
ATOM   768  O OE1 . GLU A 1 100 ? 2.013   19.410  0.703   1.000 56.401 0 99  GLU AAA OE1 1 ? 
ATOM   769  O OE2 . GLU A 1 100 ? 3.069   17.475  0.759   1.000 46.507 0 99  GLU AAA OE2 1 ? 
ATOM   770  N N   . ASP A 1 101 ? -3.036  17.155  0.956   1.000 35.216 0 100 ASP AAA N   1 ? 
ATOM   771  C CA  . ASP A 1 101 ? -4.094  18.191  1.027   1.000 39.360 0 100 ASP AAA CA  1 ? 
ATOM   772  C C   . ASP A 1 101 ? -5.384  17.574  1.571   1.000 40.101 0 100 ASP AAA C   1 ? 
ATOM   773  O O   . ASP A 1 101 ? -6.349  18.326  1.695   1.000 42.674 0 100 ASP AAA O   1 ? 
ATOM   774  C CB  . ASP A 1 101 ? -4.271  18.904  -0.324  1.000 46.001 0 100 ASP AAA CB  1 ? 
ATOM   775  C CG  . ASP A 1 101 ? -3.098  19.778  -0.768  1.000 55.541 0 100 ASP AAA CG  1 ? 
ATOM   776  O OD1 . ASP A 1 101 ? -3.080  20.174  -1.956  1.000 65.734 0 100 ASP AAA OD1 1 ? 
ATOM   777  O OD2 . ASP A 1 101 ? -2.196  20.066  0.060   1.000 63.286 0 100 ASP AAA OD2 1 ? 
ATOM   778  N N   . LYS A 1 102 ? -5.389  16.276  1.931   1.000 35.328 0 101 LYS AAA N   1 ? 
ATOM   779  C CA  . LYS A 1 102 ? -6.537  15.568  2.543   1.000 33.335 0 101 LYS AAA CA  1 ? 
ATOM   780  C C   . LYS A 1 102 ? -6.158  15.166  3.967   1.000 33.743 0 101 LYS AAA C   1 ? 
ATOM   781  O O   . LYS A 1 102 ? -6.010  16.075  4.772   1.000 36.204 0 101 LYS AAA O   1 ? 
ATOM   782  C CB  . LYS A 1 102 ? -6.971  14.409  1.648   1.000 33.442 0 101 LYS AAA CB  1 ? 
ATOM   783  C CG  . LYS A 1 102 ? -7.498  14.868  0.298   1.000 38.475 0 101 LYS AAA CG  1 ? 
ATOM   784  C CD  . LYS A 1 102 ? -8.034  13.696  -0.486  1.000 43.232 0 101 LYS AAA CD  1 ? 
ATOM   785  C CE  . LYS A 1 102 ? -8.038  13.931  -1.977  1.000 48.685 0 101 LYS AAA CE  1 ? 
ATOM   786  N NZ  . LYS A 1 102 ? -9.050  13.051  -2.617  1.000 50.057 0 101 LYS AAA NZ  1 ? 
ATOM   787  N N   . ASP A 1 103 ? -5.986  13.873  4.259   1.000 29.777 0 102 ASP AAA N   1 ? 
ATOM   788  C CA  . ASP A 1 103 ? -5.877  13.355  5.646   1.000 29.927 0 102 ASP AAA CA  1 ? 
ATOM   789  C C   . ASP A 1 103 ? -4.418  13.035  6.000   1.000 24.810 0 102 ASP AAA C   1 ? 
ATOM   790  O O   . ASP A 1 103 ? -4.187  12.611  7.120   1.000 26.093 0 102 ASP AAA O   1 ? 
ATOM   791  C CB  . ASP A 1 103 ? -6.797  12.151  5.876   1.000 29.652 0 102 ASP AAA CB  1 ? 
ATOM   792  C CG  . ASP A 1 103 ? -8.290  12.477  5.798   1.000 38.407 0 102 ASP AAA CG  1 ? 
ATOM   793  O OD1 . ASP A 1 103 ? -9.093  11.557  5.610   1.000 37.781 0 102 ASP AAA OD1 1 ? 
ATOM   794  O OD2 . ASP A 1 103 ? -8.625  13.644  5.858   1.000 40.112 0 102 ASP AAA OD2 1 ? 
ATOM   795  N N   . TRP A 1 104 ? -3.429  13.212  5.103   1.000 24.043 0 103 TRP AAA N   1 ? 
ATOM   796  C CA  . TRP A 1 104 ? -2.026  12.957  5.521   1.000 23.298 0 103 TRP AAA CA  1 ? 
ATOM   797  C C   . TRP A 1 104 ? -1.701  13.834  6.743   1.000 22.867 0 103 TRP AAA C   1 ? 
ATOM   798  O O   . TRP A 1 104 ? -2.020  15.045  6.726   1.000 25.576 0 103 TRP AAA O   1 ? 
ATOM   799  C CB  . TRP A 1 104 ? -1.017  13.160  4.393   1.000 22.167 0 103 TRP AAA CB  1 ? 
ATOM   800  C CG  . TRP A 1 104 ? 0.415   13.088  4.879   1.000 23.869 0 103 TRP AAA CG  1 ? 
ATOM   801  C CD1 . TRP A 1 104 ? 1.236   14.161  5.081   1.000 23.123 0 103 TRP AAA CD1 1 ? 
ATOM   802  C CD2 . TRP A 1 104 ? 1.115   11.950  5.382   1.000 22.631 0 103 TRP AAA CD2 1 ? 
ATOM   803  N NE1 . TRP A 1 104 ? 2.453   13.739  5.534   1.000 23.416 0 103 TRP AAA NE1 1 ? 
ATOM   804  C CE2 . TRP A 1 104 ? 2.407   12.392  5.754   1.000 23.479 0 103 TRP AAA CE2 1 ? 
ATOM   805  C CE3 . TRP A 1 104 ? 0.830   10.582  5.444   1.000 23.643 0 103 TRP AAA CE3 1 ? 
ATOM   806  C CZ2 . TRP A 1 104 ? 3.398   11.523  6.194   1.000 24.047 0 103 TRP AAA CZ2 1 ? 
ATOM   807  C CZ3 . TRP A 1 104 ? 1.803   9.726   5.905   1.000 26.511 0 103 TRP AAA CZ3 1 ? 
ATOM   808  C CH2 . TRP A 1 104 ? 3.067   10.196  6.288   1.000 25.744 0 103 TRP AAA CH2 1 ? 
ATOM   809  N N   A ARG A 1 105 ? -1.048  13.229  7.740   0.500 23.772 0 104 ARG AAA N   1 ? 
ATOM   810  N N   B ARG A 1 105 ? -1.032  13.246  7.735   0.500 25.573 0 104 ARG AAA N   1 ? 
ATOM   811  C CA  A ARG A 1 105 ? -0.413  13.923  8.895   0.500 25.920 0 104 ARG AAA CA  1 ? 
ATOM   812  C CA  B ARG A 1 105 ? -0.435  13.979  8.883   0.500 28.876 0 104 ARG AAA CA  1 ? 
ATOM   813  C C   A ARG A 1 105 ? 1.025   13.455  8.997   0.500 24.536 0 104 ARG AAA C   1 ? 
ATOM   814  C C   B ARG A 1 105 ? 0.993   13.472  9.045   0.500 26.210 0 104 ARG AAA C   1 ? 
ATOM   815  O O   A ARG A 1 105 ? 1.302   12.267  8.882   0.500 23.690 0 104 ARG AAA O   1 ? 
ATOM   816  O O   B ARG A 1 105 ? 1.235   12.272  8.965   0.500 25.165 0 104 ARG AAA O   1 ? 
ATOM   817  C CB  A ARG A 1 105 ? -1.211  13.627  10.173  0.500 26.762 0 104 ARG AAA CB  1 ? 
ATOM   818  C CB  B ARG A 1 105 ? -1.373  13.817  10.093  0.500 32.486 0 104 ARG AAA CB  1 ? 
ATOM   819  C CG  A ARG A 1 105 ? -2.591  14.264  10.153  0.500 26.099 0 104 ARG AAA CG  1 ? 
ATOM   820  C CG  B ARG A 1 105 ? -2.446  14.903  10.160  0.500 34.030 0 104 ARG AAA CG  1 ? 
ATOM   821  C CD  A ARG A 1 105 ? -3.385  14.090  11.431  0.500 30.084 0 104 ARG AAA CD  1 ? 
ATOM   822  C CD  B ARG A 1 105 ? -3.854  14.458  10.478  0.500 39.866 0 104 ARG AAA CD  1 ? 
ATOM   823  N NE  A ARG A 1 105 ? -4.541  14.989  11.448  0.500 31.188 0 104 ARG AAA NE  1 ? 
ATOM   824  N NE  B ARG A 1 105 ? -4.835  15.548  10.488  0.500 38.971 0 104 ARG AAA NE  1 ? 
ATOM   825  C CZ  A ARG A 1 105 ? -5.018  15.573  12.538  0.500 27.599 0 104 ARG AAA CZ  1 ? 
ATOM   826  C CZ  B ARG A 1 105 ? -5.590  15.905  9.443   0.500 42.029 0 104 ARG AAA CZ  1 ? 
ATOM   827  N NH1 A ARG A 1 105 ? -4.399  15.388  13.685  0.500 28.619 0 104 ARG AAA NH1 1 ? 
ATOM   828  N NH1 B ARG A 1 105 ? -5.429  15.301  8.280   0.500 47.071 0 104 ARG AAA NH1 1 ? 
ATOM   829  N NH2 A ARG A 1 105 ? -6.080  16.358  12.463  0.500 28.014 0 104 ARG AAA NH2 1 ? 
ATOM   830  N NH2 B ARG A 1 105 ? -6.495  16.865  9.553   0.500 41.190 0 104 ARG AAA NH2 1 ? 
ATOM   831  N N   . PRO A 1 106 ? 1.995   14.361  9.258   1.000 23.792 0 105 PRO AAA N   1 ? 
ATOM   832  C CA  . PRO A 1 106 ? 3.371   13.927  9.441   1.000 24.095 0 105 PRO AAA CA  1 ? 
ATOM   833  C C   . PRO A 1 106 ? 3.514   12.751  10.414  1.000 24.491 0 105 PRO AAA C   1 ? 
ATOM   834  O O   . PRO A 1 106 ? 4.375   11.945  10.175  1.000 25.728 0 105 PRO AAA O   1 ? 
ATOM   835  C CB  . PRO A 1 106 ? 4.056   15.222  9.908   1.000 24.436 0 105 PRO AAA CB  1 ? 
ATOM   836  C CG  . PRO A 1 106 ? 3.286   16.302  9.191   1.000 23.691 0 105 PRO AAA CG  1 ? 
ATOM   837  C CD  . PRO A 1 106 ? 1.846   15.827  9.270   1.000 24.842 0 105 PRO AAA CD  1 ? 
ATOM   838  N N   . ALA A 1 107 ? 2.649   12.635  11.426  1.000 24.275 0 106 ALA AAA N   1 ? 
ATOM   839  C CA  . ALA A 1 107 ? 2.821   11.645  12.521  1.000 26.583 0 106 ALA AAA CA  1 ? 
ATOM   840  C C   . ALA A 1 107 ? 2.403   10.231  12.092  1.000 27.078 0 106 ALA AAA C   1 ? 
ATOM   841  O O   . ALA A 1 107 ? 2.812   9.274   12.756  1.000 29.365 0 106 ALA AAA O   1 ? 
ATOM   842  C CB  . ALA A 1 107 ? 2.067   12.083  13.739  1.000 28.744 0 106 ALA AAA CB  1 ? 
ATOM   843  N N   . ILE A 1 108 ? 1.690   10.097  10.972  1.000 26.037 0 107 ILE AAA N   1 ? 
ATOM   844  C CA  . ILE A 1 108 ? 1.214   8.781   10.451  1.000 26.625 0 107 ILE AAA CA  1 ? 
ATOM   845  C C   . ILE A 1 108 ? 2.412   7.866   10.199  1.000 27.126 0 107 ILE AAA C   1 ? 
ATOM   846  O O   . ILE A 1 108 ? 3.380   8.313   9.535   1.000 28.756 0 107 ILE AAA O   1 ? 
ATOM   847  C CB  . ILE A 1 108 ? 0.335   8.985   9.216   1.000 24.937 0 107 ILE AAA CB  1 ? 
ATOM   848  C CG1 . ILE A 1 108 ? -0.947  9.723   9.599   1.000 27.655 0 107 ILE AAA CG1 1 ? 
ATOM   849  C CG2 . ILE A 1 108 ? 0.091   7.644   8.531   1.000 22.006 0 107 ILE AAA CG2 1 ? 
ATOM   850  C CD1 . ILE A 1 108 ? -1.935  9.921   8.448   1.000 30.066 0 107 ILE AAA CD1 1 ? 
ATOM   851  N N   . THR A 1 109 ? 2.354   6.635   10.732  1.000 26.249 0 108 THR AAA N   1 ? 
ATOM   852  C CA  . THR A 1 109 ? 3.459   5.646   10.675  1.000 25.549 0 108 THR AAA CA  1 ? 
ATOM   853  C C   . THR A 1 109 ? 3.325   4.736   9.449   1.000 24.693 0 108 THR AAA C   1 ? 
ATOM   854  O O   . THR A 1 109 ? 2.218   4.642   8.818   1.000 22.104 0 108 THR AAA O   1 ? 
ATOM   855  C CB  . THR A 1 109 ? 3.515   4.772   11.936  1.000 26.530 0 108 THR AAA CB  1 ? 
ATOM   856  O OG1 . THR A 1 109 ? 2.302   4.033   12.022  1.000 27.057 0 108 THR AAA OG1 1 ? 
ATOM   857  C CG2 . THR A 1 109 ? 3.752   5.558   13.210  1.000 29.198 0 108 THR AAA CG2 1 ? 
ATOM   858  N N   . ILE A 1 110 ? 4.379   4.002   9.152   1.000 26.208 0 109 ILE AAA N   1 ? 
ATOM   859  C CA  . ILE A 1 110 ? 4.355   2.971   8.071   1.000 26.678 0 109 ILE AAA CA  1 ? 
ATOM   860  C C   . ILE A 1 110 ? 3.293   1.938   8.436   1.000 26.079 0 109 ILE AAA C   1 ? 
ATOM   861  O O   . ILE A 1 110 ? 2.532   1.529   7.514   1.000 25.729 0 109 ILE AAA O   1 ? 
ATOM   862  C CB  . ILE A 1 110 ? 5.736   2.341   7.841   1.000 28.555 0 109 ILE AAA CB  1 ? 
ATOM   863  C CG1 . ILE A 1 110 ? 6.676   3.388   7.248   1.000 32.597 0 109 ILE AAA CG1 1 ? 
ATOM   864  C CG2 . ILE A 1 110 ? 5.596   1.096   6.976   1.000 29.502 0 109 ILE AAA CG2 1 ? 
ATOM   865  C CD1 . ILE A 1 110 ? 8.091   2.880   6.975   1.000 36.662 0 109 ILE AAA CD1 1 ? 
ATOM   866  N N   . LYS A 1 111 ? 3.204   1.564   9.714   1.000 28.058 0 110 LYS AAA N   1 ? 
ATOM   867  C CA  . LYS A 1 111 ? 2.199   0.563   10.183  1.000 30.168 0 110 LYS AAA CA  1 ? 
ATOM   868  C C   . LYS A 1 111 ? 0.804   1.064   9.835   1.000 24.404 0 110 LYS AAA C   1 ? 
ATOM   869  O O   . LYS A 1 111 ? -0.010  0.300   9.271   1.000 26.851 0 110 LYS AAA O   1 ? 
ATOM   870  C CB  . LYS A 1 111 ? 2.380   0.314   11.691  1.000 32.707 0 110 LYS AAA CB  1 ? 
ATOM   871  C CG  . LYS A 1 111 ? 1.413   -0.660  12.350  1.000 39.566 0 110 LYS AAA CG  1 ? 
ATOM   872  C CD  . LYS A 1 111 ? 1.817   -0.939  13.797  1.000 44.249 0 110 LYS AAA CD  1 ? 
ATOM   873  C CE  . LYS A 1 111 ? 0.870   -1.863  14.533  1.000 55.934 0 110 LYS AAA CE  1 ? 
ATOM   874  N NZ  . LYS A 1 111 ? -0.447  -1.230  14.780  1.000 63.433 0 110 LYS AAA NZ  1 ? 
ATOM   875  N N   . GLN A 1 112 ? 0.493   2.308   10.157  1.000 23.583 0 111 GLN AAA N   1 ? 
ATOM   876  C CA  . GLN A 1 112 ? -0.834  2.916   9.890   1.000 25.227 0 111 GLN AAA CA  1 ? 
ATOM   877  C C   . GLN A 1 112 ? -1.124  3.015   8.385   1.000 23.009 0 111 GLN AAA C   1 ? 
ATOM   878  O O   . GLN A 1 112 ? -2.295  2.802   7.955   1.000 22.591 0 111 GLN AAA O   1 ? 
ATOM   879  C CB  . GLN A 1 112 ? -0.879  4.306   10.515  1.000 26.092 0 111 GLN AAA CB  1 ? 
ATOM   880  C CG  . GLN A 1 112 ? -0.998  4.254   12.042  1.000 29.532 0 111 GLN AAA CG  1 ? 
ATOM   881  C CD  . GLN A 1 112 ? -0.933  5.649   12.608  1.000 32.427 0 111 GLN AAA CD  1 ? 
ATOM   882  O OE1 . GLN A 1 112 ? 0.002   6.401   12.387  1.000 33.844 0 111 GLN AAA OE1 1 ? 
ATOM   883  N NE2 . GLN A 1 112 ? -1.948  5.993   13.375  1.000 44.846 0 111 GLN AAA NE2 1 ? 
ATOM   884  N N   . ILE A 1 113 ? -0.127  3.364   7.590   1.000 22.657 0 112 ILE AAA N   1 ? 
ATOM   885  C CA  . ILE A 1 113 ? -0.294  3.382   6.112   1.000 22.593 0 112 ILE AAA CA  1 ? 
ATOM   886  C C   . ILE A 1 113 ? -0.654  1.978   5.629   1.000 23.106 0 112 ILE AAA C   1 ? 
ATOM   887  O O   . ILE A 1 113 ? -1.683  1.870   4.940   1.000 23.628 0 112 ILE AAA O   1 ? 
ATOM   888  C CB  . ILE A 1 113 ? 0.971   3.903   5.405   1.000 23.921 0 112 ILE AAA CB  1 ? 
ATOM   889  C CG1 . ILE A 1 113 ? 1.191   5.382   5.732   1.000 24.213 0 112 ILE AAA CG1 1 ? 
ATOM   890  C CG2 . ILE A 1 113 ? 0.873   3.650   3.904   1.000 24.825 0 112 ILE AAA CG2 1 ? 
ATOM   891  C CD1 . ILE A 1 113 ? 2.615   5.814   5.503   1.000 25.788 0 112 ILE AAA CD1 1 ? 
ATOM   892  N N   . LEU A 1 114 ? 0.139   0.951   5.981   1.000 23.869 0 113 LEU AAA N   1 ? 
ATOM   893  C CA  . LEU A 1 114 ? -0.072  -0.422  5.446   1.000 24.305 0 113 LEU AAA CA  1 ? 
ATOM   894  C C   . LEU A 1 114 ? -1.416  -0.953  5.966   1.000 26.029 0 113 LEU AAA C   1 ? 
ATOM   895  O O   . LEU A 1 114 ? -2.155  -1.552  5.170   1.000 26.136 0 113 LEU AAA O   1 ? 
ATOM   896  C CB  . LEU A 1 114 ? 1.104   -1.335  5.775   1.000 24.659 0 113 LEU AAA CB  1 ? 
ATOM   897  C CG  . LEU A 1 114 ? 2.420   -0.944  5.099   1.000 25.865 0 113 LEU AAA CG  1 ? 
ATOM   898  C CD1 . LEU A 1 114 ? 3.565   -1.833  5.530   1.000 28.386 0 113 LEU AAA CD1 1 ? 
ATOM   899  C CD2 . LEU A 1 114 ? 2.289   -0.946  3.568   1.000 26.073 0 113 LEU AAA CD2 1 ? 
ATOM   900  N N   . LEU A 1 115 ? -1.788  -0.666  7.219   1.000 25.981 0 114 LEU AAA N   1 ? 
ATOM   901  C CA  . LEU A 1 115 ? -3.094  -1.169  7.734   1.000 27.828 0 114 LEU AAA CA  1 ? 
ATOM   902  C C   . LEU A 1 115 ? -4.217  -0.451  6.990   1.000 29.016 0 114 LEU AAA C   1 ? 
ATOM   903  O O   . LEU A 1 115 ? -5.228  -1.126  6.672   1.000 28.069 0 114 LEU AAA O   1 ? 
ATOM   904  C CB  . LEU A 1 115 ? -3.200  -0.988  9.255   1.000 31.104 0 114 LEU AAA CB  1 ? 
ATOM   905  C CG  . LEU A 1 115 ? -2.428  -2.014  10.084  1.000 33.063 0 114 LEU AAA CG  1 ? 
ATOM   906  C CD1 . LEU A 1 115 ? -2.367  -1.591  11.545  1.000 35.820 0 114 LEU AAA CD1 1 ? 
ATOM   907  C CD2 . LEU A 1 115 ? -3.030  -3.413  9.941   1.000 36.688 0 114 LEU AAA CD2 1 ? 
ATOM   908  N N   . GLY A 1 116 ? -4.041  0.848   6.697   1.000 25.761 0 115 GLY AAA N   1 ? 
ATOM   909  C CA  . GLY A 1 116 ? -4.996  1.680   5.950   1.000 24.549 0 115 GLY AAA CA  1 ? 
ATOM   910  C C   . GLY A 1 116 ? -5.250  1.120   4.558   1.000 25.377 0 115 GLY AAA C   1 ? 
ATOM   911  O O   . GLY A 1 116 ? -6.425  1.060   4.114   1.000 27.896 0 115 GLY AAA O   1 ? 
ATOM   912  N N   . ILE A 1 117 ? -4.185  0.796   3.841   1.000 24.116 0 116 ILE AAA N   1 ? 
ATOM   913  C CA  . ILE A 1 117 ? -4.279  0.168   2.493   1.000 24.399 0 116 ILE AAA CA  1 ? 
ATOM   914  C C   . ILE A 1 117 ? -4.935  -1.212  2.617   1.000 27.582 0 116 ILE AAA C   1 ? 
ATOM   915  O O   . ILE A 1 117 ? -5.844  -1.493  1.794   1.000 27.413 0 116 ILE AAA O   1 ? 
ATOM   916  C CB  . ILE A 1 117 ? -2.917  0.126   1.791   1.000 23.953 0 116 ILE AAA CB  1 ? 
ATOM   917  C CG1 . ILE A 1 117 ? -2.339  1.550   1.654   1.000 23.617 0 116 ILE AAA CG1 1 ? 
ATOM   918  C CG2 . ILE A 1 117 ? -3.057  -0.603  0.462   1.000 23.740 0 116 ILE AAA CG2 1 ? 
ATOM   919  C CD1 . ILE A 1 117 ? -0.899  1.591   1.202   1.000 25.038 0 116 ILE AAA CD1 1 ? 
ATOM   920  N N   . GLN A 1 118 ? -4.597  -1.979  3.653   1.000 27.568 0 117 GLN AAA N   1 ? 
ATOM   921  C CA  . GLN A 1 118 ? -5.204  -3.321  3.843   1.000 29.156 0 117 GLN AAA CA  1 ? 
ATOM   922  C C   . GLN A 1 118 ? -6.720  -3.138  3.940   1.000 29.374 0 117 GLN AAA C   1 ? 
ATOM   923  O O   . GLN A 1 118 ? -7.460  -3.897  3.269   1.000 29.179 0 117 GLN AAA O   1 ? 
ATOM   924  C CB  . GLN A 1 118 ? -4.664  -4.085  5.052   1.000 30.229 0 117 GLN AAA CB  1 ? 
ATOM   925  C CG  . GLN A 1 118 ? -5.130  -5.546  5.020   1.000 31.638 0 117 GLN AAA CG  1 ? 
ATOM   926  C CD  . GLN A 1 118 ? -4.931  -6.242  6.337   1.000 32.102 0 117 GLN AAA CD  1 ? 
ATOM   927  O OE1 . GLN A 1 118 ? -5.160  -5.657  7.386   1.000 32.017 0 117 GLN AAA OE1 1 ? 
ATOM   928  N NE2 . GLN A 1 118 ? -4.377  -7.440  6.276   1.000 31.266 0 117 GLN AAA NE2 1 ? 
ATOM   929  N N   . GLU A 1 119 ? -7.168  -2.141  4.697   1.000 28.491 0 118 GLU AAA N   1 ? 
ATOM   930  C CA  . GLU A 1 119 ? -8.613  -1.915  4.952   1.000 33.379 0 118 GLU AAA CA  1 ? 
ATOM   931  C C   . GLU A 1 119 ? -9.279  -1.489  3.641   1.000 35.080 0 118 GLU AAA C   1 ? 
ATOM   932  O O   . GLU A 1 119 ? -10.402 -1.938  3.377   1.000 32.727 0 118 GLU AAA O   1 ? 
ATOM   933  C CB  . GLU A 1 119 ? -8.815  -0.904  6.076   1.000 35.599 0 118 GLU AAA CB  1 ? 
ATOM   934  C CG  . GLU A 1 119 ? -10.241 -0.408  6.191   1.000 39.071 0 118 GLU AAA CG  1 ? 
ATOM   935  C CD  . GLU A 1 119 ? -10.403 0.728   7.191   1.000 48.444 0 118 GLU AAA CD  1 ? 
ATOM   936  O OE1 . GLU A 1 119 ? -11.232 0.573   8.129   1.000 41.662 0 118 GLU AAA OE1 1 ? 
ATOM   937  O OE2 . GLU A 1 119 ? -9.692  1.773   7.036   1.000 47.234 0 118 GLU AAA OE2 1 ? 
ATOM   938  N N   . LEU A 1 120 ? -8.597  -0.662  2.844   1.000 31.852 0 119 LEU AAA N   1 ? 
ATOM   939  C CA  . LEU A 1 120 ? -9.094  -0.229  1.519   1.000 28.373 0 119 LEU AAA CA  1 ? 
ATOM   940  C C   . LEU A 1 120 ? -9.339  -1.445  0.620   1.000 27.197 0 119 LEU AAA C   1 ? 
ATOM   941  O O   . LEU A 1 120 ? -10.278 -1.386  -0.206  1.000 30.350 0 119 LEU AAA O   1 ? 
ATOM   942  C CB  . LEU A 1 120 ? -8.075  0.735   0.896   1.000 28.549 0 119 LEU AAA CB  1 ? 
ATOM   943  C CG  . LEU A 1 120 ? -8.420  1.266   -0.494  1.000 27.320 0 119 LEU AAA CG  1 ? 
ATOM   944  C CD1 . LEU A 1 120 ? -9.633  2.184   -0.488  1.000 26.086 0 119 LEU AAA CD1 1 ? 
ATOM   945  C CD2 . LEU A 1 120 ? -7.219  1.972   -1.134  1.000 26.862 0 119 LEU AAA CD2 1 ? 
ATOM   946  N N   . LEU A 1 121 ? -8.488  -2.473  0.682   1.000 28.273 0 120 LEU AAA N   1 ? 
ATOM   947  C CA  . LEU A 1 121 ? -8.547  -3.605  -0.277  1.000 30.002 0 120 LEU AAA CA  1 ? 
ATOM   948  C C   . LEU A 1 121 ? -9.976  -4.178  -0.297  1.000 33.015 0 120 LEU AAA C   1 ? 
ATOM   949  O O   . LEU A 1 121 ? -10.538 -4.304  -1.395  1.000 30.704 0 120 LEU AAA O   1 ? 
ATOM   950  C CB  . LEU A 1 121 ? -7.551  -4.694  0.103   1.000 30.260 0 120 LEU AAA CB  1 ? 
ATOM   951  C CG  . LEU A 1 121 ? -6.080  -4.418  -0.180  1.000 31.005 0 120 LEU AAA CG  1 ? 
ATOM   952  C CD1 . LEU A 1 121 ? -5.294  -5.672  0.102   1.000 33.187 0 120 LEU AAA CD1 1 ? 
ATOM   953  C CD2 . LEU A 1 121 ? -5.821  -3.921  -1.600  1.000 31.234 0 120 LEU AAA CD2 1 ? 
ATOM   954  N N   . ASN A 1 122 ? -10.558 -4.484  0.859   1.000 33.917 0 121 ASN AAA N   1 ? 
ATOM   955  C CA  . ASN A 1 122 ? -11.861 -5.204  0.879   1.000 37.759 0 121 ASN AAA CA  1 ? 
ATOM   956  C C   . ASN A 1 122 ? -13.005 -4.208  1.009   1.000 40.016 0 121 ASN AAA C   1 ? 
ATOM   957  O O   . ASN A 1 122 ? -14.174 -4.625  0.860   1.000 45.144 0 121 ASN AAA O   1 ? 
ATOM   958  C CB  . ASN A 1 122 ? -11.938 -6.274  1.971   1.000 40.830 0 121 ASN AAA CB  1 ? 
ATOM   959  C CG  . ASN A 1 122 ? -13.157 -7.162  1.804   1.000 43.290 0 121 ASN AAA CG  1 ? 
ATOM   960  O OD1 . ASN A 1 122 ? -13.925 -7.338  2.753   1.000 47.033 0 121 ASN AAA OD1 1 ? 
ATOM   961  N ND2 . ASN A 1 122 ? -13.372 -7.685  0.601   1.000 38.675 0 121 ASN AAA ND2 1 ? 
ATOM   962  N N   . GLU A 1 123 ? -12.716 -2.928  1.230   1.000 33.650 0 122 GLU AAA N   1 ? 
ATOM   963  C CA  . GLU A 1 123 ? -13.766 -1.888  1.305   1.000 33.899 0 122 GLU AAA CA  1 ? 
ATOM   964  C C   . GLU A 1 123 ? -13.386 -0.745  0.379   1.000 34.195 0 122 GLU AAA C   1 ? 
ATOM   965  O O   . GLU A 1 123 ? -12.958 0.306   0.838   1.000 31.069 0 122 GLU AAA O   1 ? 
ATOM   966  C CB  . GLU A 1 123 ? -13.964 -1.427  2.755   1.000 39.851 0 122 GLU AAA CB  1 ? 
ATOM   967  C CG  . GLU A 1 123 ? -14.578 -2.505  3.639   1.000 43.932 0 122 GLU AAA CG  1 ? 
ATOM   968  C CD  . GLU A 1 123 ? -14.052 -2.548  5.068   1.000 48.423 0 122 GLU AAA CD  1 ? 
ATOM   969  O OE1 . GLU A 1 123 ? -14.321 -1.590  5.803   1.000 50.448 0 122 GLU AAA OE1 1 ? 
ATOM   970  N N   . PRO A 1 124 ? -13.556 -0.903  -0.948  1.000 34.561 0 123 PRO AAA N   1 ? 
ATOM   971  C CA  . PRO A 1 124 ? -13.355 0.211   -1.873  1.000 33.351 0 123 PRO AAA CA  1 ? 
ATOM   972  C C   . PRO A 1 124 ? -14.190 1.453   -1.540  1.000 36.438 0 123 PRO AAA C   1 ? 
ATOM   973  O O   . PRO A 1 124 ? -15.243 1.373   -0.903  1.000 36.792 0 123 PRO AAA O   1 ? 
ATOM   974  C CB  . PRO A 1 124 ? -13.751 -0.358  -3.232  1.000 31.509 0 123 PRO AAA CB  1 ? 
ATOM   975  C CG  . PRO A 1 124 ? -13.549 -1.827  -3.078  1.000 33.095 0 123 PRO AAA CG  1 ? 
ATOM   976  C CD  . PRO A 1 124 ? -13.954 -2.127  -1.645  1.000 34.149 0 123 PRO AAA CD  1 ? 
ATOM   977  N N   . ASN A 1 125 ? -13.681 2.594   -1.973  1.000 32.925 0 124 ASN AAA N   1 ? 
ATOM   978  C CA  . ASN A 1 125 ? -14.348 3.889   -1.782  1.000 36.824 0 124 ASN AAA CA  1 ? 
ATOM   979  C C   . ASN A 1 125 ? -15.028 4.254   -3.101  1.000 38.200 0 124 ASN AAA C   1 ? 
ATOM   980  O O   . ASN A 1 125 ? -14.319 4.593   -4.083  1.000 35.354 0 124 ASN AAA O   1 ? 
ATOM   981  C CB  . ASN A 1 125 ? -13.352 4.913   -1.277  1.000 35.088 0 124 ASN AAA CB  1 ? 
ATOM   982  C CG  . ASN A 1 125 ? -14.046 6.200   -0.919  1.000 43.014 0 124 ASN AAA CG  1 ? 
ATOM   983  O OD1 . ASN A 1 125 ? -15.236 6.397   -1.218  1.000 46.491 0 124 ASN AAA OD1 1 ? 
ATOM   984  N ND2 . ASN A 1 125 ? -13.305 7.068   -0.268  1.000 37.638 0 124 ASN AAA ND2 1 ? 
ATOM   985  N N   . ILE A 1 126 ? -16.353 4.078   -3.149  1.000 38.300 0 125 ILE AAA N   1 ? 
ATOM   986  C CA  . ILE A 1 126 ? -17.122 4.165   -4.426  1.000 38.255 0 125 ILE AAA CA  1 ? 
ATOM   987  C C   . ILE A 1 126 ? -17.171 5.633   -4.861  1.000 39.993 0 125 ILE AAA C   1 ? 
ATOM   988  O O   . ILE A 1 126 ? -17.636 5.890   -6.004  1.000 36.601 0 125 ILE AAA O   1 ? 
ATOM   989  C CB  . ILE A 1 126 ? -18.522 3.514   -4.313  1.000 40.274 0 125 ILE AAA CB  1 ? 
ATOM   990  C CG1 . ILE A 1 126 ? -19.118 3.284   -5.707  1.000 38.785 0 125 ILE AAA CG1 1 ? 
ATOM   991  C CG2 . ILE A 1 126 ? -19.419 4.333   -3.396  1.000 43.704 0 125 ILE AAA CG2 1 ? 
ATOM   992  C CD1 . ILE A 1 126 ? -20.207 2.227   -5.783  1.000 41.631 0 125 ILE AAA CD1 1 ? 
ATOM   993  N N   . GLN A 1 127 ? -16.649 6.539   -4.022  1.000 35.905 0 126 GLN AAA N   1 ? 
ATOM   994  C CA  . GLN A 1 127 ? -16.669 8.000   -4.245  1.000 42.934 0 126 GLN AAA CA  1 ? 
ATOM   995  C C   . GLN A 1 127 ? -15.277 8.544   -4.597  1.000 39.838 0 126 GLN AAA C   1 ? 
ATOM   996  O O   . GLN A 1 127 ? -15.224 9.752   -4.779  1.000 44.585 0 126 GLN AAA O   1 ? 
ATOM   997  C CB  . GLN A 1 127 ? -17.194 8.750   -3.006  1.000 47.258 0 126 GLN AAA CB  1 ? 
ATOM   998  C CG  . GLN A 1 127 ? -18.585 8.320   -2.518  1.000 46.807 0 126 GLN AAA CG  1 ? 
ATOM   999  C CD  . GLN A 1 127 ? -19.760 8.729   -3.384  1.000 46.775 0 126 GLN AAA CD  1 ? 
ATOM   1000 O OE1 . GLN A 1 127 ? -19.714 9.695   -4.138  1.000 40.824 0 126 GLN AAA OE1 1 ? 
ATOM   1001 N NE2 . GLN A 1 127 ? -20.857 7.994   -3.272  1.000 49.992 0 126 GLN AAA NE2 1 ? 
ATOM   1002 N N   . ASP A 1 128 ? -14.192 7.747   -4.682  1.000 41.747 0 127 ASP AAA N   1 ? 
ATOM   1003 C CA  . ASP A 1 128 ? -12.904 8.252   -5.271  1.000 41.275 0 127 ASP AAA CA  1 ? 
ATOM   1004 C C   . ASP A 1 128 ? -12.303 7.205   -6.217  1.000 34.636 0 127 ASP AAA C   1 ? 
ATOM   1005 O O   . ASP A 1 128 ? -11.224 6.665   -6.011  1.000 36.263 0 127 ASP AAA O   1 ? 
ATOM   1006 C CB  . ASP A 1 128 ? -11.928 8.920   -4.280  1.000 54.567 0 127 ASP AAA CB  1 ? 
ATOM   1007 C CG  . ASP A 1 128 ? -11.117 8.031   -3.366  1.000 60.928 0 127 ASP AAA CG  1 ? 
ATOM   1008 O OD1 . ASP A 1 128 ? -10.290 8.576   -2.605  1.000 53.004 0 127 ASP AAA OD1 1 ? 
ATOM   1009 O OD2 . ASP A 1 128 ? -11.337 6.812   -3.396  1.000 83.120 0 127 ASP AAA OD2 1 ? 
ATOM   1010 N N   . PRO A 1 129 ? -12.956 6.984   -7.377  1.000 33.637 0 128 PRO AAA N   1 ? 
ATOM   1011 C CA  . PRO A 1 129 ? -12.446 6.087   -8.398  1.000 29.770 0 128 PRO AAA CA  1 ? 
ATOM   1012 C C   . PRO A 1 129 ? -11.035 6.448   -8.886  1.000 32.622 0 128 PRO AAA C   1 ? 
ATOM   1013 O O   . PRO A 1 129 ? -10.733 7.645   -9.031  1.000 31.504 0 128 PRO AAA O   1 ? 
ATOM   1014 C CB  . PRO A 1 129 ? -13.450 6.274   -9.533  1.000 30.963 0 128 PRO AAA CB  1 ? 
ATOM   1015 C CG  . PRO A 1 129 ? -14.020 7.637   -9.293  1.000 33.740 0 128 PRO AAA CG  1 ? 
ATOM   1016 C CD  . PRO A 1 129 ? -14.182 7.672   -7.801  1.000 34.177 0 128 PRO AAA CD  1 ? 
ATOM   1017 N N   . ALA A 1 130 ? -10.229 5.430   -9.185  1.000 29.391 0 129 ALA AAA N   1 ? 
ATOM   1018 C CA  . ALA A 1 130 ? -8.827  5.603   -9.650  1.000 30.671 0 129 ALA AAA CA  1 ? 
ATOM   1019 C C   . ALA A 1 130 ? -8.603  4.909   -11.006 1.000 31.583 0 129 ALA AAA C   1 ? 
ATOM   1020 O O   . ALA A 1 130 ? -7.776  5.426   -11.800 1.000 33.499 0 129 ALA AAA O   1 ? 
ATOM   1021 C CB  . ALA A 1 130 ? -7.839  5.118   -8.601  1.000 28.653 0 129 ALA AAA CB  1 ? 
ATOM   1022 N N   . GLN A 1 131 ? -9.269  3.785   -11.281 1.000 29.600 0 130 GLN AAA N   1 ? 
ATOM   1023 C CA  . GLN A 1 131 ? -9.135  3.060   -12.575 1.000 31.826 0 130 GLN AAA CA  1 ? 
ATOM   1024 C C   . GLN A 1 131 ? -10.523 2.724   -13.115 1.000 32.603 0 130 GLN AAA C   1 ? 
ATOM   1025 O O   . GLN A 1 131 ? -11.345 2.167   -12.372 1.000 30.142 0 130 GLN AAA O   1 ? 
ATOM   1026 C CB  . GLN A 1 131 ? -8.266  1.808   -12.466 1.000 32.025 0 130 GLN AAA CB  1 ? 
ATOM   1027 C CG  . GLN A 1 131 ? -8.834  0.702   -11.610 1.000 31.958 0 130 GLN AAA CG  1 ? 
ATOM   1028 C CD  . GLN A 1 131 ? -8.067  -0.587  -11.762 1.000 34.169 0 130 GLN AAA CD  1 ? 
ATOM   1029 O OE1 . GLN A 1 131 ? -8.434  -1.439  -12.575 1.000 36.815 0 130 GLN AAA OE1 1 ? 
ATOM   1030 N NE2 . GLN A 1 131 ? -7.006  -0.759  -10.974 1.000 29.278 0 130 GLN AAA NE2 1 ? 
ATOM   1031 N N   . ALA A 1 132 ? -10.758 3.012   -14.383 1.000 31.483 0 131 ALA AAA N   1 ? 
ATOM   1032 C CA  . ALA A 1 132 ? -12.055 2.763   -15.052 1.000 37.412 0 131 ALA AAA CA  1 ? 
ATOM   1033 C C   . ALA A 1 132 ? -12.414 1.276   -14.920 1.000 36.657 0 131 ALA AAA C   1 ? 
ATOM   1034 O O   . ALA A 1 132 ? -13.558 0.979   -14.579 1.000 42.713 0 131 ALA AAA O   1 ? 
ATOM   1035 C CB  . ALA A 1 132 ? -11.970 3.174   -16.508 1.000 36.232 0 131 ALA AAA CB  1 ? 
ATOM   1036 N N   . GLU A 1 133 ? -11.461 0.387   -15.197 1.000 38.308 0 132 GLU AAA N   1 ? 
ATOM   1037 C CA  . GLU A 1 133 ? -11.706 -1.073  -15.365 1.000 41.448 0 132 GLU AAA CA  1 ? 
ATOM   1038 C C   . GLU A 1 133 ? -12.363 -1.648  -14.102 1.000 41.029 0 132 GLU AAA C   1 ? 
ATOM   1039 O O   . GLU A 1 133 ? -13.529 -2.044  -14.179 1.000 40.212 0 132 GLU AAA O   1 ? 
ATOM   1040 C CB  . GLU A 1 133 ? -10.398 -1.796  -15.699 1.000 47.347 0 132 GLU AAA CB  1 ? 
ATOM   1041 C CG  . GLU A 1 133 ? -10.600 -3.272  -16.012 1.000 50.896 0 132 GLU AAA CG  1 ? 
ATOM   1042 C CD  . GLU A 1 133 ? -9.336  -4.107  -16.141 1.000 57.748 0 132 GLU AAA CD  1 ? 
ATOM   1043 O OE1 . GLU A 1 133 ? -8.247  -3.531  -16.371 1.000 59.864 0 132 GLU AAA OE1 1 ? 
ATOM   1044 O OE2 . GLU A 1 133 ? -9.440  -5.344  -16.005 1.000 62.048 0 132 GLU AAA OE2 1 ? 
ATOM   1045 N N   . ALA A 1 134 ? -11.649 -1.663  -12.972 1.000 36.093 0 133 ALA AAA N   1 ? 
ATOM   1046 C CA  . ALA A 1 134 ? -12.114 -2.276  -11.713 1.000 33.237 0 133 ALA AAA CA  1 ? 
ATOM   1047 C C   . ALA A 1 134 ? -13.331 -1.505  -11.199 1.000 29.136 0 133 ALA AAA C   1 ? 
ATOM   1048 O O   . ALA A 1 134 ? -14.229 -2.138  -10.637 1.000 28.781 0 133 ALA AAA O   1 ? 
ATOM   1049 C CB  . ALA A 1 134 ? -10.988 -2.335  -10.686 1.000 31.208 0 133 ALA AAA CB  1 ? 
ATOM   1050 N N   . TYR A 1 135 ? -13.324 -0.168  -11.322 1.000 30.288 0 134 TYR AAA N   1 ? 
ATOM   1051 C CA  . TYR A 1 135 ? -14.348 0.702   -10.719 1.000 26.516 0 134 TYR AAA CA  1 ? 
ATOM   1052 C C   . TYR A 1 135 ? -15.705 0.390   -11.386 1.000 30.707 0 134 TYR AAA C   1 ? 
ATOM   1053 O O   . TYR A 1 135 ? -16.668 0.196   -10.663 1.000 31.325 0 134 TYR AAA O   1 ? 
ATOM   1054 C CB  . TYR A 1 135 ? -13.999 2.186   -10.844 1.000 27.904 0 134 TYR AAA CB  1 ? 
ATOM   1055 C CG  . TYR A 1 135 ? -15.009 3.080   -10.185 1.000 27.851 0 134 TYR AAA CG  1 ? 
ATOM   1056 C CD1 . TYR A 1 135 ? -15.097 3.139   -8.813  1.000 32.746 0 134 TYR AAA CD1 1 ? 
ATOM   1057 C CD2 . TYR A 1 135 ? -15.864 3.876   -10.915 1.000 34.269 0 134 TYR AAA CD2 1 ? 
ATOM   1058 C CE1 . TYR A 1 135 ? -15.998 3.978   -8.175  1.000 34.471 0 134 TYR AAA CE1 1 ? 
ATOM   1059 C CE2 . TYR A 1 135 ? -16.783 4.704   -10.304 1.000 32.162 0 134 TYR AAA CE2 1 ? 
ATOM   1060 C CZ  . TYR A 1 135 ? -16.866 4.747   -8.930  1.000 33.660 0 134 TYR AAA CZ  1 ? 
ATOM   1061 O OH  . TYR A 1 135 ? -17.792 5.553   -8.332  1.000 30.762 0 134 TYR AAA OH  1 ? 
ATOM   1062 N N   . THR A 1 136 ? -15.732 0.294   -12.718 1.000 29.384 0 135 THR AAA N   1 ? 
ATOM   1063 C CA  . THR A 1 136 ? -16.984 0.078   -13.500 1.000 33.154 0 135 THR AAA CA  1 ? 
ATOM   1064 C C   . THR A 1 136 ? -17.604 -1.274  -13.113 1.000 30.821 0 135 THR AAA C   1 ? 
ATOM   1065 O O   . THR A 1 136 ? -18.786 -1.302  -12.744 1.000 32.203 0 135 THR AAA O   1 ? 
ATOM   1066 C CB  . THR A 1 136 ? -16.732 0.143   -15.004 1.000 36.761 0 135 THR AAA CB  1 ? 
ATOM   1067 O OG1 . THR A 1 136 ? -16.122 1.391   -15.338 1.000 39.178 0 135 THR AAA OG1 1 ? 
ATOM   1068 C CG2 . THR A 1 136 ? -18.023 -0.027  -15.780 1.000 40.356 0 135 THR AAA CG2 1 ? 
ATOM   1069 N N   . ILE A 1 137 ? -16.788 -2.330  -13.067 1.000 32.498 0 136 ILE AAA N   1 ? 
ATOM   1070 C CA  . ILE A 1 137 ? -17.230 -3.692  -12.641 1.000 31.725 0 136 ILE AAA CA  1 ? 
ATOM   1071 C C   . ILE A 1 137 ? -17.710 -3.634  -11.190 1.000 31.714 0 136 ILE AAA C   1 ? 
ATOM   1072 O O   . ILE A 1 137 ? -18.830 -4.084  -10.894 1.000 28.072 0 136 ILE AAA O   1 ? 
ATOM   1073 C CB  . ILE A 1 137 ? -16.119 -4.724  -12.889 1.000 33.654 0 136 ILE AAA CB  1 ? 
ATOM   1074 C CG1 . ILE A 1 137 ? -15.652 -4.682  -14.349 1.000 35.928 0 136 ILE AAA CG1 1 ? 
ATOM   1075 C CG2 . ILE A 1 137 ? -16.602 -6.120  -12.486 1.000 37.019 0 136 ILE AAA CG2 1 ? 
ATOM   1076 C CD1 . ILE A 1 137 ? -14.441 -5.552  -14.646 1.000 37.871 0 136 ILE AAA CD1 1 ? 
ATOM   1077 N N   . TYR A 1 138 ? -16.978 -2.942  -10.321 1.000 29.999 0 137 TYR AAA N   1 ? 
ATOM   1078 C CA  . TYR A 1 138 ? -17.388 -2.787  -8.907  1.000 29.810 0 137 TYR AAA CA  1 ? 
ATOM   1079 C C   . TYR A 1 138 ? -18.800 -2.194  -8.812  1.000 28.204 0 137 TYR AAA C   1 ? 
ATOM   1080 O O   . TYR A 1 138 ? -19.614 -2.664  -8.019  1.000 30.264 0 137 TYR AAA O   1 ? 
ATOM   1081 C CB  . TYR A 1 138 ? -16.398 -1.914  -8.135  1.000 27.466 0 137 TYR AAA CB  1 ? 
ATOM   1082 C CG  . TYR A 1 138 ? -16.737 -1.816  -6.678  1.000 28.418 0 137 TYR AAA CG  1 ? 
ATOM   1083 C CD1 . TYR A 1 138 ? -16.525 -2.888  -5.829  1.000 28.392 0 137 TYR AAA CD1 1 ? 
ATOM   1084 C CD2 . TYR A 1 138 ? -17.352 -0.679  -6.169  1.000 27.628 0 137 TYR AAA CD2 1 ? 
ATOM   1085 C CE1 . TYR A 1 138 ? -16.854 -2.800  -4.487  1.000 32.891 0 137 TYR AAA CE1 1 ? 
ATOM   1086 C CE2 . TYR A 1 138 ? -17.710 -0.590  -4.838  1.000 29.898 0 137 TYR AAA CE2 1 ? 
ATOM   1087 C CZ  . TYR A 1 138 ? -17.433 -1.645  -3.992  1.000 30.549 0 137 TYR AAA CZ  1 ? 
ATOM   1088 O OH  . TYR A 1 138 ? -17.795 -1.570  -2.678  1.000 38.407 0 137 TYR AAA OH  1 ? 
ATOM   1089 N N   . CYS A 1 139 ? -19.065 -1.159  -9.585  1.000 28.720 0 138 CYS AAA N   1 ? 
ATOM   1090 C CA  . CYS A 1 139 ? -20.305 -0.350  -9.495  1.000 29.425 0 138 CYS AAA CA  1 ? 
ATOM   1091 C C   . CYS A 1 139 ? -21.483 -1.121  -10.119 1.000 30.224 0 138 CYS AAA C   1 ? 
ATOM   1092 O O   . CYS A 1 139 ? -22.569 -0.989  -9.589  1.000 33.049 0 138 CYS AAA O   1 ? 
ATOM   1093 C CB  . CYS A 1 139 ? -20.153 0.972   -10.233 1.000 32.998 0 138 CYS AAA CB  1 ? 
ATOM   1094 S SG  . CYS A 1 139 ? -19.057 2.162   -9.400  1.000 35.917 0 138 CYS AAA SG  1 ? 
ATOM   1095 N N   . GLN A 1 140 ? -21.236 -1.809  -11.235 1.000 33.914 0 139 GLN AAA N   1 ? 
ATOM   1096 C CA  . GLN A 1 140 ? -22.292 -2.344  -12.142 1.000 37.693 0 139 GLN AAA CA  1 ? 
ATOM   1097 C C   . GLN A 1 140 ? -22.500 -3.832  -11.900 1.000 33.342 0 139 GLN AAA C   1 ? 
ATOM   1098 O O   . GLN A 1 140 ? -23.621 -4.331  -12.149 1.000 31.800 0 139 GLN AAA O   1 ? 
ATOM   1099 C CB  . GLN A 1 140 ? -21.886 -2.150  -13.594 1.000 37.466 0 139 GLN AAA CB  1 ? 
ATOM   1100 C CG  . GLN A 1 140 ? -22.115 -0.747  -14.105 1.000 44.456 0 139 GLN AAA CG  1 ? 
ATOM   1101 C CD  . GLN A 1 140 ? -21.865 -0.755  -15.592 1.000 49.164 0 139 GLN AAA CD  1 ? 
ATOM   1102 O OE1 . GLN A 1 140 ? -21.050 -1.533  -16.113 1.000 48.594 0 139 GLN AAA OE1 1 ? 
ATOM   1103 N NE2 . GLN A 1 140 ? -22.607 0.077   -16.295 1.000 45.519 0 139 GLN AAA NE2 1 ? 
ATOM   1104 N N   . ASN A 1 141 ? -21.449 -4.540  -11.487 1.000 30.210 0 140 ASN AAA N   1 ? 
ATOM   1105 C CA  . ASN A 1 141 ? -21.466 -6.019  -11.425 1.000 30.488 0 140 ASN AAA CA  1 ? 
ATOM   1106 C C   . ASN A 1 141 ? -20.654 -6.537  -10.227 1.000 31.618 0 140 ASN AAA C   1 ? 
ATOM   1107 O O   . ASN A 1 141 ? -19.631 -7.162  -10.467 1.000 31.987 0 140 ASN AAA O   1 ? 
ATOM   1108 C CB  . ASN A 1 141 ? -20.989 -6.571  -12.762 1.000 30.970 0 140 ASN AAA CB  1 ? 
ATOM   1109 C CG  . ASN A 1 141 ? -21.343 -8.033  -12.924 1.000 31.699 0 140 ASN AAA CG  1 ? 
ATOM   1110 O OD1 . ASN A 1 141 ? -21.713 -8.694  -11.956 1.000 31.847 0 140 ASN AAA OD1 1 ? 
ATOM   1111 N ND2 . ASN A 1 141 ? -21.199 -8.535  -14.132 1.000 31.835 0 140 ASN AAA ND2 1 ? 
ATOM   1112 N N   . ARG A 1 142 ? -21.147 -6.348  -9.001  1.000 34.461 0 141 ARG AAA N   1 ? 
ATOM   1113 C CA  . ARG A 1 142 ? -20.374 -6.584  -7.751  1.000 35.261 0 141 ARG AAA CA  1 ? 
ATOM   1114 C C   . ARG A 1 142 ? -19.945 -8.058  -7.663  1.000 36.920 0 141 ARG AAA C   1 ? 
ATOM   1115 O O   . ARG A 1 142 ? -18.837 -8.352  -7.166  1.000 34.788 0 141 ARG AAA O   1 ? 
ATOM   1116 C CB  . ARG A 1 142 ? -21.187 -6.172  -6.524  1.000 34.815 0 141 ARG AAA CB  1 ? 
ATOM   1117 C CG  . ARG A 1 142 ? -20.400 -6.219  -5.218  1.000 37.567 0 141 ARG AAA CG  1 ? 
ATOM   1118 C CD  . ARG A 1 142 ? -19.352 -5.122  -5.154  1.000 34.346 0 141 ARG AAA CD  1 ? 
ATOM   1119 N NE  . ARG A 1 142 ? -19.894 -3.825  -5.539  1.000 36.230 0 141 ARG AAA NE  1 ? 
ATOM   1120 C CZ  . ARG A 1 142 ? -20.630 -2.992  -4.790  1.000 32.609 0 141 ARG AAA CZ  1 ? 
ATOM   1121 N NH1 . ARG A 1 142 ? -20.937 -3.266  -3.540  1.000 38.737 0 141 ARG AAA NH1 1 ? 
ATOM   1122 N NH2 . ARG A 1 142 ? -21.075 -1.866  -5.320  1.000 36.329 0 141 ARG AAA NH2 1 ? 
ATOM   1123 N N   . VAL A 1 143 ? -20.778 -8.996  -8.140  1.000 40.928 0 142 VAL AAA N   1 ? 
ATOM   1124 C CA  . VAL A 1 143 ? -20.460 -10.450 -8.019  1.000 36.338 0 142 VAL AAA CA  1 ? 
ATOM   1125 C C   . VAL A 1 143 ? -19.310 -10.805 -8.956  1.000 32.062 0 142 VAL AAA C   1 ? 
ATOM   1126 O O   . VAL A 1 143 ? -18.423 -11.570 -8.495  1.000 34.857 0 142 VAL AAA O   1 ? 
ATOM   1127 C CB  . VAL A 1 143 ? -21.706 -11.338 -8.181  1.000 37.111 0 142 VAL AAA CB  1 ? 
ATOM   1128 C CG1 . VAL A 1 143 ? -21.362 -12.808 -8.343  1.000 42.671 0 142 VAL AAA CG1 1 ? 
ATOM   1129 C CG2 . VAL A 1 143 ? -22.645 -11.132 -7.008  1.000 39.380 0 142 VAL AAA CG2 1 ? 
ATOM   1130 N N   . GLU A 1 144 ? -19.240 -10.217 -10.155 1.000 31.737 0 143 GLU AAA N   1 ? 
ATOM   1131 C CA  . GLU A 1 144 ? -18.118 -10.406 -11.105 1.000 32.451 0 143 GLU AAA CA  1 ? 
ATOM   1132 C C   . GLU A 1 144 ? -16.849 -9.726  -10.549 1.000 32.105 0 143 GLU AAA C   1 ? 
ATOM   1133 O O   . GLU A 1 144 ? -15.757 -10.327 -10.648 1.000 32.129 0 143 GLU AAA O   1 ? 
ATOM   1134 C CB  . GLU A 1 144 ? -18.451 -9.847  -12.481 1.000 34.281 0 143 GLU AAA CB  1 ? 
ATOM   1135 C CG  . GLU A 1 144 ? -17.318 -9.972  -13.487 1.000 35.516 0 143 GLU AAA CG  1 ? 
ATOM   1136 C CD  . GLU A 1 144 ? -16.961 -11.391 -13.919 1.000 37.887 0 143 GLU AAA CD  1 ? 
ATOM   1137 O OE1 . GLU A 1 144 ? -17.704 -12.313 -13.530 1.000 40.758 0 143 GLU AAA OE1 1 ? 
ATOM   1138 O OE2 . GLU A 1 144 ? -15.946 -11.564 -14.665 1.000 39.440 0 143 GLU AAA OE2 1 ? 
ATOM   1139 N N   . TYR A 1 145 ? -17.004 -8.552  -9.943  1.000 35.929 0 144 TYR AAA N   1 ? 
ATOM   1140 C CA  . TYR A 1 145 ? -15.885 -7.854  -9.245  1.000 31.116 0 144 TYR AAA CA  1 ? 
ATOM   1141 C C   . TYR A 1 145 ? -15.237 -8.845  -8.264  1.000 33.344 0 144 TYR AAA C   1 ? 
ATOM   1142 O O   . TYR A 1 145 ? -14.006 -9.088  -8.379  1.000 30.729 0 144 TYR AAA O   1 ? 
ATOM   1143 C CB  . TYR A 1 145 ? -16.379 -6.588  -8.545  1.000 35.053 0 144 TYR AAA CB  1 ? 
ATOM   1144 C CG  . TYR A 1 145 ? -15.301 -5.951  -7.702  1.000 29.199 0 144 TYR AAA CG  1 ? 
ATOM   1145 C CD1 . TYR A 1 145 ? -14.302 -5.187  -8.285  1.000 33.464 0 144 TYR AAA CD1 1 ? 
ATOM   1146 C CD2 . TYR A 1 145 ? -15.248 -6.200  -6.355  1.000 31.575 0 144 TYR AAA CD2 1 ? 
ATOM   1147 C CE1 . TYR A 1 145 ? -13.268 -4.674  -7.520  1.000 31.048 0 144 TYR AAA CE1 1 ? 
ATOM   1148 C CE2 . TYR A 1 145 ? -14.230 -5.679  -5.567  1.000 31.166 0 144 TYR AAA CE2 1 ? 
ATOM   1149 C CZ  . TYR A 1 145 ? -13.236 -4.914  -6.155  1.000 32.328 0 144 TYR AAA CZ  1 ? 
ATOM   1150 O OH  . TYR A 1 145 ? -12.252 -4.384  -5.355  1.000 29.835 0 144 TYR AAA OH  1 ? 
ATOM   1151 N N   . GLU A 1 146 ? -16.035 -9.388  -7.332  1.000 35.097 0 145 GLU AAA N   1 ? 
ATOM   1152 C CA  . GLU A 1 146 ? -15.548 -10.274 -6.234  1.000 36.662 0 145 GLU AAA CA  1 ? 
ATOM   1153 C C   . GLU A 1 146 ? -14.913 -11.513 -6.877  1.000 34.671 0 145 GLU AAA C   1 ? 
ATOM   1154 O O   . GLU A 1 146 ? -13.846 -11.942 -6.416  1.000 35.609 0 145 GLU AAA O   1 ? 
ATOM   1155 C CB  . GLU A 1 146 ? -16.651 -10.602 -5.215  1.000 38.743 0 145 GLU AAA CB  1 ? 
ATOM   1156 C CG  . GLU A 1 146 ? -17.177 -9.418  -4.399  1.000 39.664 0 145 GLU AAA CG  1 ? 
ATOM   1157 C CD  . GLU A 1 146 ? -16.192 -8.560  -3.605  1.000 50.469 0 145 GLU AAA CD  1 ? 
ATOM   1158 O OE1 . GLU A 1 146 ? -14.996 -8.936  -3.505  1.000 52.011 0 145 GLU AAA OE1 1 ? 
ATOM   1159 O OE2 . GLU A 1 146 ? -16.613 -7.491  -3.092  1.000 48.714 0 145 GLU AAA OE2 1 ? 
ATOM   1160 N N   . LYS A 1 147 ? -15.465 -12.005 -7.983  1.000 37.145 0 146 LYS AAA N   1 ? 
ATOM   1161 C CA  . LYS A 1 147 ? -14.883 -13.147 -8.737  1.000 38.513 0 146 LYS AAA CA  1 ? 
ATOM   1162 C C   . LYS A 1 147 ? -13.465 -12.804 -9.205  1.000 36.974 0 146 LYS AAA C   1 ? 
ATOM   1163 O O   . LYS A 1 147 ? -12.545 -13.626 -8.996  1.000 35.724 0 146 LYS AAA O   1 ? 
ATOM   1164 C CB  . LYS A 1 147 ? -15.786 -13.484 -9.923  1.000 41.481 0 146 LYS AAA CB  1 ? 
ATOM   1165 C CG  . LYS A 1 147 ? -15.344 -14.675 -10.760 1.000 49.148 0 146 LYS AAA CG  1 ? 
ATOM   1166 C CD  . LYS A 1 147 ? -16.308 -14.927 -11.912 1.000 52.712 0 146 LYS AAA CD  1 ? 
ATOM   1167 C CE  . LYS A 1 147 ? -16.451 -16.385 -12.284 1.000 59.652 0 146 LYS AAA CE  1 ? 
ATOM   1168 N NZ  . LYS A 1 147 ? -15.272 -16.851 -13.052 1.000 64.898 0 146 LYS AAA NZ  1 ? 
ATOM   1169 N N   . ARG A 1 148 ? -13.273 -11.646 -9.848  1.000 33.323 0 147 ARG AAA N   1 ? 
ATOM   1170 C CA  . ARG A 1 148 ? -11.918 -11.228 -10.309 1.000 36.371 0 147 ARG AAA CA  1 ? 
ATOM   1171 C C   . ARG A 1 148 ? -10.961 -11.082 -9.110  1.000 29.243 0 147 ARG AAA C   1 ? 
ATOM   1172 O O   . ARG A 1 148 ? -9.778  -11.416 -9.258  1.000 34.375 0 147 ARG AAA O   1 ? 
ATOM   1173 C CB  . ARG A 1 148 ? -12.056 -9.991  -11.191 1.000 38.339 0 147 ARG AAA CB  1 ? 
ATOM   1174 C CG  . ARG A 1 148 ? -12.779 -10.374 -12.476 1.000 42.604 0 147 ARG AAA CG  1 ? 
ATOM   1175 C CD  . ARG A 1 148 ? -12.578 -9.444  -13.625 1.000 50.633 0 147 ARG AAA CD  1 ? 
ATOM   1176 N NE  . ARG A 1 148 ? -11.198 -9.051  -13.862 1.000 57.944 0 147 ARG AAA NE  1 ? 
ATOM   1177 C CZ  . ARG A 1 148 ? -10.838 -8.194  -14.814 1.000 57.686 0 147 ARG AAA CZ  1 ? 
ATOM   1178 N NH1 . ARG A 1 148 ? -11.760 -7.664  -15.608 1.000 62.415 0 147 ARG AAA NH1 1 ? 
ATOM   1179 N NH2 . ARG A 1 148 ? -9.567  -7.863  -14.967 1.000 52.202 0 147 ARG AAA NH2 1 ? 
ATOM   1180 N N   . VAL A 1 149 ? -11.443 -10.586 -7.993  1.000 31.456 0 148 VAL AAA N   1 ? 
ATOM   1181 C CA  . VAL A 1 149 ? -10.623 -10.404 -6.743  1.000 31.068 0 148 VAL AAA CA  1 ? 
ATOM   1182 C C   . VAL A 1 149 ? -10.149 -11.762 -6.203  1.000 33.590 0 148 VAL AAA C   1 ? 
ATOM   1183 O O   . VAL A 1 149 ? -8.928  -11.920 -5.942  1.000 29.396 0 148 VAL AAA O   1 ? 
ATOM   1184 C CB  . VAL A 1 149 ? -11.403 -9.632  -5.672  1.000 34.511 0 148 VAL AAA CB  1 ? 
ATOM   1185 C CG1 . VAL A 1 149 ? -10.679 -9.643  -4.319  1.000 35.076 0 148 VAL AAA CG1 1 ? 
ATOM   1186 C CG2 . VAL A 1 149 ? -11.663 -8.201  -6.134  1.000 35.920 0 148 VAL AAA CG2 1 ? 
ATOM   1187 N N   . ARG A 1 150 ? -11.062 -12.736 -6.092  1.000 35.746 0 149 ARG AAA N   1 ? 
ATOM   1188 C CA  . ARG A 1 150 ? -10.714 -14.119 -5.676  1.000 40.793 0 149 ARG AAA CA  1 ? 
ATOM   1189 C C   . ARG A 1 150 ? -9.610  -14.644 -6.589  1.000 35.342 0 149 ARG AAA C   1 ? 
ATOM   1190 O O   . ARG A 1 150 ? -8.630  -15.164 -6.064  1.000 37.791 0 149 ARG AAA O   1 ? 
ATOM   1191 C CB  . ARG A 1 150 ? -11.955 -15.016 -5.620  1.000 41.395 0 149 ARG AAA CB  1 ? 
ATOM   1192 C CG  . ARG A 1 150 ? -12.862 -14.663 -4.454  1.000 49.029 0 149 ARG AAA CG  1 ? 
ATOM   1193 C CD  . ARG A 1 150 ? -13.843 -15.746 -4.043  1.000 57.788 0 149 ARG AAA CD  1 ? 
ATOM   1194 N NE  . ARG A 1 150 ? -14.579 -15.336 -2.839  1.000 68.685 0 149 ARG AAA NE  1 ? 
ATOM   1195 C CZ  . ARG A 1 150 ? -14.170 -15.522 -1.573  1.000 72.202 0 149 ARG AAA CZ  1 ? 
ATOM   1196 N NH1 . ARG A 1 150 ? -13.019 -16.128 -1.311  1.000 75.623 0 149 ARG AAA NH1 1 ? 
ATOM   1197 N NH2 . ARG A 1 150 ? -14.917 -15.103 -0.564  1.000 71.801 0 149 ARG AAA NH2 1 ? 
ATOM   1198 N N   . ALA A 1 151 ? -9.740  -14.508 -7.901  1.000 33.099 0 150 ALA AAA N   1 ? 
ATOM   1199 C CA  . ALA A 1 151 ? -8.709  -14.981 -8.850  1.000 34.354 0 150 ALA AAA CA  1 ? 
ATOM   1200 C C   . ALA A 1 151 ? -7.376  -14.262 -8.594  1.000 33.623 0 150 ALA AAA C   1 ? 
ATOM   1201 O O   . ALA A 1 151 ? -6.301  -14.885 -8.696  1.000 32.536 0 150 ALA AAA O   1 ? 
ATOM   1202 C CB  . ALA A 1 151 ? -9.151  -14.744 -10.263 1.000 35.805 0 150 ALA AAA CB  1 ? 
ATOM   1203 N N   . GLN A 1 152 ? -7.436  -12.957 -8.335  1.000 34.043 0 151 GLN AAA N   1 ? 
ATOM   1204 C CA  . GLN A 1 152 ? -6.214  -12.149 -8.103  1.000 32.712 0 151 GLN AAA CA  1 ? 
ATOM   1205 C C   . GLN A 1 152 ? -5.489  -12.660 -6.855  1.000 30.625 0 151 GLN AAA C   1 ? 
ATOM   1206 O O   . GLN A 1 152 ? -4.217  -12.756 -6.872  1.000 30.374 0 151 GLN AAA O   1 ? 
ATOM   1207 C CB  . GLN A 1 152 ? -6.608  -10.683 -7.967  1.000 31.999 0 151 GLN AAA CB  1 ? 
ATOM   1208 C CG  . GLN A 1 152 ? -5.402  -9.775  -7.865  1.000 28.529 0 151 GLN AAA CG  1 ? 
ATOM   1209 C CD  . GLN A 1 152 ? -5.785  -8.332  -8.069  1.000 27.401 0 151 GLN AAA CD  1 ? 
ATOM   1210 O OE1 . GLN A 1 152 ? -5.312  -7.689  -9.009  1.000 28.169 0 151 GLN AAA OE1 1 ? 
ATOM   1211 N NE2 . GLN A 1 152 ? -6.654  -7.834  -7.209  1.000 29.595 0 151 GLN AAA NE2 1 ? 
ATOM   1212 N N   . ALA A 1 153 ? -6.271  -12.961 -5.818  1.000 34.004 0 152 ALA AAA N   1 ? 
ATOM   1213 C CA  . ALA A 1 153 ? -5.780  -13.442 -4.508  1.000 33.142 0 152 ALA AAA CA  1 ? 
ATOM   1214 C C   . ALA A 1 153 ? -5.071  -14.780 -4.723  1.000 40.220 0 152 ALA AAA C   1 ? 
ATOM   1215 O O   . ALA A 1 153 ? -4.002  -14.991 -4.093  1.000 35.434 0 152 ALA AAA O   1 ? 
ATOM   1216 C CB  . ALA A 1 153 ? -6.910  -13.532 -3.522  1.000 32.136 0 152 ALA AAA CB  1 ? 
ATOM   1217 N N   . LYS A 1 154 ? -5.588  -15.618 -5.638  1.000 40.778 0 153 LYS AAA N   1 ? 
ATOM   1218 C CA  . LYS A 1 154 ? -4.983  -16.948 -5.923  1.000 41.824 0 153 LYS AAA CA  1 ? 
ATOM   1219 C C   . LYS A 1 154 ? -3.662  -16.749 -6.671  1.000 38.748 0 153 LYS AAA C   1 ? 
ATOM   1220 O O   . LYS A 1 154 ? -2.680  -17.437 -6.292  1.000 38.117 0 153 LYS AAA O   1 ? 
ATOM   1221 C CB  . LYS A 1 154 ? -5.955  -17.847 -6.698  1.000 48.211 0 153 LYS AAA CB  1 ? 
ATOM   1222 C CG  . LYS A 1 154 ? -7.235  -18.190 -5.945  1.000 50.669 0 153 LYS AAA CG  1 ? 
ATOM   1223 N N   . LYS A 1 155 ? -3.590  -15.800 -7.618  1.000 31.727 0 154 LYS AAA N   1 ? 
ATOM   1224 C CA  . LYS A 1 155 ? -2.377  -15.551 -8.440  1.000 37.619 0 154 LYS AAA CA  1 ? 
ATOM   1225 C C   . LYS A 1 155 ? -1.234  -15.054 -7.524  1.000 34.487 0 154 LYS AAA C   1 ? 
ATOM   1226 O O   . LYS A 1 155 ? -0.059  -15.319 -7.856  1.000 34.934 0 154 LYS AAA O   1 ? 
ATOM   1227 C CB  . LYS A 1 155 ? -2.669  -14.534 -9.549  1.000 40.625 0 154 LYS AAA CB  1 ? 
ATOM   1228 C CG  . LYS A 1 155 ? -1.518  -14.229 -10.508 1.000 45.901 0 154 LYS AAA CG  1 ? 
ATOM   1229 C CD  . LYS A 1 155 ? -1.725  -12.942 -11.292 1.000 49.334 0 154 LYS AAA CD  1 ? 
ATOM   1230 C CE  . LYS A 1 155 ? -0.580  -12.549 -12.200 1.000 57.313 0 154 LYS AAA CE  1 ? 
ATOM   1231 N N   . PHE A 1 156 ? -1.552  -14.309 -6.460  1.000 40.079 0 155 PHE AAA N   1 ? 
ATOM   1232 C CA  . PHE A 1 156 ? -0.529  -13.703 -5.560  1.000 38.885 0 155 PHE AAA CA  1 ? 
ATOM   1233 C C   . PHE A 1 156 ? -0.470  -14.471 -4.234  1.000 41.041 0 155 PHE AAA C   1 ? 
ATOM   1234 O O   . PHE A 1 156 ? 0.036   -13.907 -3.245  1.000 41.707 0 155 PHE AAA O   1 ? 
ATOM   1235 C CB  . PHE A 1 156 ? -0.783  -12.201 -5.382  1.000 36.716 0 155 PHE AAA CB  1 ? 
ATOM   1236 C CG  . PHE A 1 156 ? -0.713  -11.429 -6.671  1.000 38.461 0 155 PHE AAA CG  1 ? 
ATOM   1237 C CD1 . PHE A 1 156 ? 0.419   -11.475 -7.479  1.000 38.249 0 155 PHE AAA CD1 1 ? 
ATOM   1238 C CD2 . PHE A 1 156 ? -1.784  -10.649 -7.076  1.000 38.128 0 155 PHE AAA CD2 1 ? 
ATOM   1239 C CE1 . PHE A 1 156 ? 0.465   -10.773 -8.674  1.000 41.508 0 155 PHE AAA CE1 1 ? 
ATOM   1240 C CE2 . PHE A 1 156 ? -1.722  -9.928  -8.256  1.000 39.285 0 155 PHE AAA CE2 1 ? 
ATOM   1241 C CZ  . PHE A 1 156 ? -0.606  -9.998  -9.055  1.000 38.564 0 155 PHE AAA CZ  1 ? 
ATOM   1242 N N   . ALA A 1 157 ? -0.933  -15.728 -4.213  1.000 37.066 0 156 ALA AAA N   1 ? 
ATOM   1243 C CA  . ALA A 1 157 ? -0.754  -16.644 -3.068  1.000 43.098 0 156 ALA AAA CA  1 ? 
ATOM   1244 C C   . ALA A 1 157 ? 0.748   -16.790 -2.869  1.000 42.391 0 156 ALA AAA C   1 ? 
ATOM   1245 O O   . ALA A 1 157 ? 1.469   -16.987 -3.836  1.000 40.890 0 156 ALA AAA O   1 ? 
ATOM   1246 C CB  . ALA A 1 157 ? -1.425  -17.975 -3.335  1.000 47.168 0 156 ALA AAA CB  1 ? 
ATOM   1247 N N   . PRO A 1 158 ? 1.283   -16.623 -1.644  1.000 44.525 0 157 PRO AAA N   1 ? 
ATOM   1248 C CA  . PRO A 1 158 ? 2.707   -16.862 -1.413  1.000 51.010 0 157 PRO AAA CA  1 ? 
ATOM   1249 C C   . PRO A 1 158 ? 2.991   -18.374 -1.352  1.000 62.081 0 157 PRO AAA C   1 ? 
ATOM   1250 O O   . PRO A 1 158 ? 2.060   -19.133 -1.102  1.000 65.317 0 157 PRO AAA O   1 ? 
ATOM   1251 C CB  . PRO A 1 158 ? 2.984   -16.167 -0.078  1.000 49.352 0 157 PRO AAA CB  1 ? 
ATOM   1252 C CG  . PRO A 1 158 ? 1.622   -16.030 0.606   1.000 50.722 0 157 PRO AAA CG  1 ? 
ATOM   1253 C CD  . PRO A 1 158 ? 0.543   -16.256 -0.436  1.000 44.339 0 157 PRO AAA CD  1 ? 
ATOM   1254 N N   . SER A 1 159 ? 4.243   -18.788 -1.591  1.000 70.890 0 158 SER AAA N   1 ? 
ATOM   1255 C CA  . SER A 1 159 ? 4.732   -20.185 -1.384  1.000 73.307 0 158 SER AAA CA  1 ? 
ATOM   1256 C C   . SER A 1 159 ? 5.674   -20.268 -0.165  1.000 67.052 0 158 SER AAA C   1 ? 
ATOM   1257 C CB  . SER A 1 159 ? 5.396   -20.714 -2.641  1.000 78.020 0 158 SER AAA CB  1 ? 
ATOM   1258 O OXT . SER A 1 159 ? 5.628   -19.551 0.866   1.000 52.529 0 158 SER AAA OXT 1 ? 
HETATM 1259 O O   . HOH B 2 .   ? -23.127 -0.537  -7.373  1.000 37.265 0 201 HOH AAA O   1 ? 
HETATM 1260 O O   . HOH B 2 .   ? -4.327  -8.569  -11.008 1.000 46.519 0 202 HOH AAA O   1 ? 
HETATM 1261 O O   . HOH B 2 .   ? -16.857 6.819   0.506   1.000 41.201 0 203 HOH AAA O   1 ? 
HETATM 1262 O O   . HOH B 2 .   ? 6.931   7.123   13.693  1.000 39.808 0 204 HOH AAA O   1 ? 
HETATM 1263 O O   . HOH B 2 .   ? -18.258 -13.430 -6.851  1.000 39.386 0 205 HOH AAA O   1 ? 
HETATM 1264 O O   . HOH B 2 .   ? -0.320  21.295  1.146   1.000 58.436 0 206 HOH AAA O   1 ? 
HETATM 1265 O O   . HOH B 2 .   ? 4.500   -11.990 9.580   1.000 50.808 0 207 HOH AAA O   1 ? 
HETATM 1266 O O   . HOH B 2 .   ? 1.962   18.046  5.783   1.000 31.763 0 208 HOH AAA O   1 ? 
HETATM 1267 O O   . HOH B 2 .   ? 5.418   18.908  1.502   1.000 32.935 0 209 HOH AAA O   1 ? 
HETATM 1268 O O   . HOH B 2 .   ? -12.572 1.765   2.863   1.000 45.013 0 210 HOH AAA O   1 ? 
HETATM 1269 O O   . HOH B 2 .   ? -6.724  -3.221  -13.157 1.000 47.515 0 211 HOH AAA O   1 ? 
HETATM 1270 O O   . HOH B 2 .   ? 11.419  4.084   16.444  1.000 43.708 0 212 HOH AAA O   1 ? 
HETATM 1271 O O   . HOH B 2 .   ? -8.869  9.080   6.226   1.000 39.565 0 213 HOH AAA O   1 ? 
HETATM 1272 O O   . HOH B 2 .   ? 1.503   3.147   14.310  1.000 35.437 0 214 HOH AAA O   1 ? 
HETATM 1273 O O   . HOH B 2 .   ? -25.989 -3.860  -11.227 1.000 43.311 0 215 HOH AAA O   1 ? 
HETATM 1274 O O   . HOH B 2 .   ? -8.347  2.638   4.835   1.000 33.998 0 216 HOH AAA O   1 ? 
HETATM 1275 O O   . HOH B 2 .   ? 7.163   6.306   -8.950  1.000 47.145 0 217 HOH AAA O   1 ? 
HETATM 1276 O O   . HOH B 2 .   ? 4.787   8.918   14.398  1.000 38.225 0 218 HOH AAA O   1 ? 
HETATM 1277 O O   . HOH B 2 .   ? 20.227  5.716   0.016   1.000 49.173 0 219 HOH AAA O   1 ? 
HETATM 1278 O O   . HOH B 2 .   ? -9.668  5.598   -1.776  1.000 33.480 0 220 HOH AAA O   1 ? 
HETATM 1279 O O   . HOH B 2 .   ? -7.701  7.499   4.389   1.000 34.598 0 221 HOH AAA O   1 ? 
HETATM 1280 O O   . HOH B 2 .   ? -2.201  -1.319  -15.051 1.000 41.749 0 222 HOH AAA O   1 ? 
HETATM 1281 O O   . HOH B 2 .   ? -17.457 -3.520  -0.959  1.000 41.269 0 223 HOH AAA O   1 ? 
HETATM 1282 O O   . HOH B 2 .   ? 13.867  -2.294  16.439  1.000 37.946 0 224 HOH AAA O   1 ? 
HETATM 1283 O O   . HOH B 2 .   ? 16.600  2.150   12.237  1.000 35.440 0 225 HOH AAA O   1 ? 
HETATM 1284 O O   . HOH B 2 .   ? -8.727  -11.327 -11.665 1.000 37.249 0 226 HOH AAA O   1 ? 
HETATM 1285 O O   . HOH B 2 .   ? -16.437 -13.472 -2.768  1.000 59.936 0 227 HOH AAA O   1 ? 
HETATM 1286 O O   . HOH B 2 .   ? -11.268 9.975   -7.899  1.000 49.082 0 228 HOH AAA O   1 ? 
HETATM 1287 O O   . HOH B 2 .   ? -12.652 -5.062  -2.793  1.000 30.893 0 229 HOH AAA O   1 ? 
HETATM 1288 O O   . HOH B 2 .   ? -15.663 -5.398  -1.777  1.000 40.044 0 230 HOH AAA O   1 ? 
HETATM 1289 O O   . HOH B 2 .   ? -8.853  9.495   -9.300  1.000 47.886 0 231 HOH AAA O   1 ? 
HETATM 1290 O O   . HOH B 2 .   ? -3.686  -1.093  -11.022 1.000 36.366 0 232 HOH AAA O   1 ? 
HETATM 1291 O O   . HOH B 2 .   ? -20.064 -5.346  -2.114  1.000 48.268 0 233 HOH AAA O   1 ? 
HETATM 1292 O O   . HOH B 2 .   ? 5.177   7.280   7.663   1.000 29.880 0 234 HOH AAA O   1 ? 
HETATM 1293 O O   . HOH B 2 .   ? -9.484  -5.628  3.545   1.000 39.005 0 235 HOH AAA O   1 ? 
HETATM 1294 O O   . HOH B 2 .   ? -7.012  6.050   -14.296 1.000 30.552 0 236 HOH AAA O   1 ? 
HETATM 1295 O O   . HOH B 2 .   ? 13.039  13.817  11.483  1.000 38.691 0 237 HOH AAA O   1 ? 
HETATM 1296 O O   . HOH B 2 .   ? -4.482  3.113   9.524   1.000 33.213 0 238 HOH AAA O   1 ? 
HETATM 1297 O O   . HOH B 2 .   ? -11.842 -16.750 1.051   1.000 56.503 0 239 HOH AAA O   1 ? 
HETATM 1298 O O   . HOH B 2 .   ? 12.300  -3.589  8.105   1.000 36.608 0 240 HOH AAA O   1 ? 
HETATM 1299 O O   . HOH B 2 .   ? 16.601  8.101   13.595  1.000 30.354 0 241 HOH AAA O   1 ? 
HETATM 1300 O O   . HOH B 2 .   ? -8.437  -7.956  2.442   1.000 48.877 0 242 HOH AAA O   1 ? 
HETATM 1301 O O   . HOH B 2 .   ? 18.856  7.946   9.136   1.000 34.543 0 243 HOH AAA O   1 ? 
HETATM 1302 O O   . HOH B 2 .   ? -8.037  10.145  -1.699  1.000 35.314 0 244 HOH AAA O   1 ? 
HETATM 1303 O O   . HOH B 2 .   ? -7.327  -9.921  -4.949  1.000 36.353 0 245 HOH AAA O   1 ? 
HETATM 1304 O O   . HOH B 2 .   ? -17.805 2.353   -1.040  1.000 38.168 0 246 HOH AAA O   1 ? 
HETATM 1305 O O   . HOH B 2 .   ? 0.607   9.194   -1.981  1.000 27.930 0 247 HOH AAA O   1 ? 
HETATM 1306 O O   . HOH B 2 .   ? 1.929   -4.340  15.292  1.000 42.809 0 248 HOH AAA O   1 ? 
HETATM 1307 O O   . HOH B 2 .   ? 11.872  7.527   -3.255  1.000 40.032 0 249 HOH AAA O   1 ? 
HETATM 1308 O O   . HOH B 2 .   ? 0.882   -5.968  -6.332  1.000 31.399 0 250 HOH AAA O   1 ? 
HETATM 1309 O O   . HOH B 2 .   ? 3.116   -0.993  -10.824 1.000 39.722 0 251 HOH AAA O   1 ? 
HETATM 1310 O O   . HOH B 2 .   ? -16.815 -0.437  0.501   1.000 50.531 0 252 HOH AAA O   1 ? 
HETATM 1311 O O   . HOH B 2 .   ? 7.160   11.594  0.726   1.000 28.103 0 253 HOH AAA O   1 ? 
HETATM 1312 O O   . HOH B 2 .   ? -0.235  14.331  -1.642  1.000 35.973 0 254 HOH AAA O   1 ? 
HETATM 1313 O O   . HOH B 2 .   ? -0.657  17.054  5.349   1.000 38.493 0 255 HOH AAA O   1 ? 
HETATM 1314 O O   . HOH B 2 .   ? -23.341 -8.956  -9.240  1.000 38.825 0 256 HOH AAA O   1 ? 
HETATM 1315 O O   . HOH B 2 .   ? -12.392 -16.433 -9.105  1.000 40.658 0 257 HOH AAA O   1 ? 
HETATM 1316 O O   . HOH B 2 .   ? -19.292 -7.844  -2.281  1.000 48.964 0 258 HOH AAA O   1 ? 
HETATM 1317 O O   . HOH B 2 .   ? -2.727  16.089  -1.921  1.000 33.000 0 259 HOH AAA O   1 ? 
HETATM 1318 O O   . HOH B 2 .   ? 15.044  -3.612  7.828   1.000 41.507 0 260 HOH AAA O   1 ? 
HETATM 1319 O O   . HOH B 2 .   ? 0.757   8.248   14.406  1.000 44.421 0 261 HOH AAA O   1 ? 
HETATM 1320 O O   . HOH B 2 .   ? -4.046  -9.256  8.419   1.000 40.461 0 262 HOH AAA O   1 ? 
HETATM 1321 O O   . HOH B 2 .   ? -6.609  -3.096  8.177   1.000 42.954 0 263 HOH AAA O   1 ? 
HETATM 1322 O O   . HOH B 2 .   ? 17.876  2.386   9.899   1.000 42.780 0 264 HOH AAA O   1 ? 
HETATM 1323 O O   . HOH B 2 .   ? -9.793  7.782   1.475   1.000 36.921 0 265 HOH AAA O   1 ? 
HETATM 1324 O O   . HOH B 2 .   ? 17.159  -3.444  3.887   1.000 45.712 0 266 HOH AAA O   1 ? 
HETATM 1325 O O   . HOH B 2 .   ? 4.461   -9.847  12.696  1.000 44.290 0 267 HOH AAA O   1 ? 
HETATM 1326 O O   . HOH B 2 .   ? 12.260  14.521  -3.240  1.000 41.662 0 268 HOH AAA O   1 ? 
HETATM 1327 O O   . HOH B 2 .   ? -22.070 -11.544 -12.021 1.000 38.236 0 269 HOH AAA O   1 ? 
HETATM 1328 O O   . HOH B 2 .   ? -0.058  6.565   -2.912  1.000 23.302 0 270 HOH AAA O   1 ? 
HETATM 1329 O O   . HOH B 2 .   ? 13.501  11.132  -2.244  1.000 41.435 0 271 HOH AAA O   1 ? 
HETATM 1330 O O   . HOH B 2 .   ? -8.772  1.091   -16.021 1.000 37.242 0 272 HOH AAA O   1 ? 
HETATM 1331 O O   . HOH B 2 .   ? 6.928   -0.629  17.599  1.000 42.369 0 273 HOH AAA O   1 ? 
HETATM 1332 O O   . HOH B 2 .   ? -19.593 0.675   -2.229  1.000 42.126 0 274 HOH AAA O   1 ? 
HETATM 1333 O O   . HOH B 2 .   ? 9.280   8.754   14.876  1.000 46.655 0 275 HOH AAA O   1 ? 
HETATM 1334 O O   . HOH B 2 .   ? 8.678   13.180  12.564  1.000 31.777 0 276 HOH AAA O   1 ? 
HETATM 1335 O O   . HOH B 2 .   ? 22.954  4.485   2.630   1.000 56.571 0 277 HOH AAA O   1 ? 
HETATM 1336 O O   . HOH B 2 .   ? -7.423  -8.710  -13.177 1.000 46.673 0 278 HOH AAA O   1 ? 
HETATM 1337 O O   . HOH B 2 .   ? 5.186   1.537   11.885  1.000 42.311 0 279 HOH AAA O   1 ? 
HETATM 1338 O O   . HOH B 2 .   ? 19.118  5.954   2.554   1.000 41.824 0 280 HOH AAA O   1 ? 
HETATM 1339 O O   . HOH B 2 .   ? 9.190   -6.595  7.393   1.000 33.638 0 281 HOH AAA O   1 ? 
HETATM 1340 O O   . HOH B 2 .   ? -9.132  17.065  8.237   1.000 54.858 0 282 HOH AAA O   1 ? 
HETATM 1341 O O   . HOH B 2 .   ? -20.145 -13.304 -12.186 1.000 41.408 0 283 HOH AAA O   1 ? 
HETATM 1342 O O   . HOH B 2 .   ? -4.446  -11.197 7.101   1.000 51.660 0 284 HOH AAA O   1 ? 
HETATM 1343 O O   . HOH B 2 .   ? 7.693   -5.562  -2.524  1.000 43.721 0 285 HOH AAA O   1 ? 
HETATM 1344 O O   . HOH B 2 .   ? -7.510  18.676  4.724   1.000 46.590 0 286 HOH AAA O   1 ? 
HETATM 1345 O O   . HOH B 2 .   ? -24.803 -1.416  -17.706 1.000 42.829 0 287 HOH AAA O   1 ? 
HETATM 1346 O O   . HOH B 2 .   ? -8.571  4.500   -15.819 1.000 32.809 0 288 HOH AAA O   1 ? 
HETATM 1347 O O   . HOH B 2 .   ? -3.089  9.040   -2.674  1.000 41.048 0 289 HOH AAA O   1 ? 
HETATM 1348 O O   . HOH B 2 .   ? -1.419  8.967   13.599  1.000 47.592 0 290 HOH AAA O   1 ? 
HETATM 1349 O O   . HOH B 2 .   ? -14.468 -9.078  -15.747 1.000 48.847 0 291 HOH AAA O   1 ? 
HETATM 1350 O O   . HOH B 2 .   ? 1.190   15.007  12.753  1.000 30.497 0 292 HOH AAA O   1 ? 
HETATM 1351 O O   . HOH B 2 .   ? 10.508  -6.757  0.867   1.000 39.843 0 293 HOH AAA O   1 ? 
HETATM 1352 O O   . HOH B 2 .   ? -21.365 -1.544  -0.995  1.000 51.975 0 294 HOH AAA O   1 ? 
HETATM 1353 O O   . HOH B 2 .   ? -5.516  12.947  -6.615  1.000 41.863 0 295 HOH AAA O   1 ? 
HETATM 1354 O O   . HOH B 2 .   ? -2.549  9.242   -5.225  1.000 34.176 0 296 HOH AAA O   1 ? 
HETATM 1355 O O   . HOH B 2 .   ? -1.686  -14.127 3.087   1.000 50.048 0 297 HOH AAA O   1 ? 
HETATM 1356 O O   . HOH B 2 .   ? -15.995 -14.982 -5.674  1.000 39.872 0 298 HOH AAA O   1 ? 
HETATM 1357 O O   . HOH B 2 .   ? -21.139 5.744   -1.029  1.000 42.456 0 299 HOH AAA O   1 ? 
HETATM 1358 O O   . HOH B 2 .   ? 4.977   -12.356 4.808   1.000 42.303 0 300 HOH AAA O   1 ? 
HETATM 1359 O O   . HOH B 2 .   ? 10.885  17.130  -1.503  1.000 40.760 0 301 HOH AAA O   1 ? 
HETATM 1360 O O   . HOH B 2 .   ? -10.374 -17.657 -8.066  1.000 42.588 0 302 HOH AAA O   1 ? 
HETATM 1361 O O   . HOH B 2 .   ? 0.201   12.125  -3.059  1.000 47.119 0 303 HOH AAA O   1 ? 
HETATM 1362 O O   . HOH B 2 .   ? -13.929 11.186  -7.466  1.000 55.263 0 304 HOH AAA O   1 ? 
HETATM 1363 O O   . HOH B 2 .   ? 0.877   -8.618  -5.707  1.000 57.398 0 305 HOH AAA O   1 ? 
HETATM 1364 O O   . HOH B 2 .   ? -1.854  7.982   16.091  1.000 49.358 0 306 HOH AAA O   1 ? 
HETATM 1365 O O   . HOH B 2 .   ? 16.494  -0.570  12.418  1.000 42.621 0 307 HOH AAA O   1 ? 
HETATM 1366 O O   . HOH B 2 .   ? -0.707  2.202   15.020  1.000 47.213 0 308 HOH AAA O   1 ? 
HETATM 1367 O O   . HOH B 2 .   ? -4.431  -2.403  -13.115 1.000 47.165 0 309 HOH AAA O   1 ? 
HETATM 1368 O O   . HOH B 2 .   ? 13.557  -7.761  13.105  1.000 62.537 0 310 HOH AAA O   1 ? 
HETATM 1369 O O   . HOH B 2 .   ? 14.383  18.104  4.563   1.000 44.393 0 311 HOH AAA O   1 ? 
HETATM 1370 O O   . HOH B 2 .   ? 13.849  18.881  1.630   1.000 52.999 0 312 HOH AAA O   1 ? 
HETATM 1371 O O   . HOH B 2 .   ? 4.532   2.290   14.516  1.000 41.137 0 313 HOH AAA O   1 ? 
HETATM 1372 O O   . HOH B 2 .   ? -20.940 -9.114  -4.110  1.000 51.462 0 314 HOH AAA O   1 ? 
HETATM 1373 O O   . HOH B 2 .   ? -20.327 -11.536 -16.539 1.000 44.031 0 315 HOH AAA O   1 ? 
HETATM 1374 O O   . HOH B 2 .   ? 11.670  -6.279  8.583   1.000 38.354 0 316 HOH AAA O   1 ? 
HETATM 1375 O O   . HOH B 2 .   ? 12.651  18.704  -0.856  1.000 49.210 0 317 HOH AAA O   1 ? 
HETATM 1376 O O   . HOH B 2 .   ? 11.319  -7.447  11.196  1.000 48.305 0 318 HOH AAA O   1 ? 
HETATM 1377 O O   . HOH B 2 .   ? 17.989  3.726   14.265  1.000 36.370 0 319 HOH AAA O   1 ? 
HETATM 1378 O O   . HOH B 2 .   ? -12.130 -13.918 -13.048 1.000 38.874 0 320 HOH AAA O   1 ? 
HETATM 1379 O O   . HOH B 2 .   ? 8.502   -8.950  0.091   1.000 56.678 0 321 HOH AAA O   1 ? 
HETATM 1380 O O   . HOH B 2 .   ? 5.851   11.883  15.015  1.000 43.620 0 322 HOH AAA O   1 ? 
HETATM 1381 O O   . HOH B 2 .   ? -7.041  4.951   5.647   1.000 32.682 0 323 HOH AAA O   1 ? 
HETATM 1382 O O   . HOH B 2 .   ? 20.531  6.690   4.427   1.000 43.535 0 324 HOH AAA O   1 ? 
HETATM 1383 O O   . HOH B 2 .   ? -9.653  -12.988 -13.315 1.000 41.192 0 325 HOH AAA O   1 ? 
HETATM 1384 O O   . HOH B 2 .   ? -17.138 0.766   3.002   1.000 51.034 0 326 HOH AAA O   1 ? 
HETATM 1385 O O   . HOH B 2 .   ? -17.137 -7.722  -16.429 1.000 45.038 0 327 HOH AAA O   1 ? 
HETATM 1386 O O   . HOH B 2 .   ? -4.020  2.235   12.139  1.000 46.339 0 328 HOH AAA O   1 ? 
HETATM 1387 O O   . HOH B 2 .   ? -6.826  5.138   7.963   1.000 45.436 0 329 HOH AAA O   1 ? 
HETATM 1388 O O   . HOH B 2 .   ? -10.509 3.511   2.886   1.000 32.559 0 330 HOH AAA O   1 ? 
HETATM 1389 O O   . HOH B 2 .   ? -20.326 -15.464 -10.325 1.000 41.693 0 331 HOH AAA O   1 ? 
HETATM 1390 O O   . HOH B 2 .   ? -8.691  -18.761 -9.894  1.000 47.607 0 332 HOH AAA O   1 ? 
HETATM 1391 O O   . HOH B 2 .   ? 5.977   4.789   15.620  1.000 47.152 0 333 HOH AAA O   1 ? 
HETATM 1392 O O   . HOH B 2 .   ? -8.644  -21.539 -9.489  1.000 48.713 0 334 HOH AAA O   1 ? 
# 
